data_1BQZ
#
_entry.id   1BQZ
#
_cell.length_a   1.000
_cell.length_b   1.000
_cell.length_c   1.000
_cell.angle_alpha   90.00
_cell.angle_beta   90.00
_cell.angle_gamma   90.00
#
_symmetry.space_group_name_H-M   'P 1'
#
_entity_poly.entity_id   1
_entity_poly.type   'polypeptide(L)'
_entity_poly.pdbx_seq_one_letter_code
;AKQDYYEILGVSKTAEEREIRKAYKRLAMKYHPDRNQGDKEAEAKFKEIKEAYEVLTDSQKRAAYDQYGHAAFEQGG
;
_entity_poly.pdbx_strand_id   A
#
# COMPACT_ATOMS: atom_id res chain seq x y z
N ALA A 1 -9.22 4.86 10.51
CA ALA A 1 -7.97 4.63 11.28
C ALA A 1 -6.92 3.95 10.40
N LYS A 2 -7.23 2.79 9.89
CA LYS A 2 -6.26 2.07 9.01
C LYS A 2 -6.23 2.69 7.61
N GLN A 3 -5.42 2.15 6.74
CA GLN A 3 -5.36 2.71 5.36
C GLN A 3 -5.61 1.60 4.33
N ASP A 4 -5.38 1.86 3.07
CA ASP A 4 -5.60 0.82 2.03
C ASP A 4 -4.43 0.76 1.07
N TYR A 5 -3.67 -0.28 1.19
CA TYR A 5 -2.48 -0.46 0.30
C TYR A 5 -2.85 -0.09 -1.14
N TYR A 6 -3.81 -0.73 -1.73
CA TYR A 6 -4.18 -0.36 -3.11
C TYR A 6 -4.34 1.16 -3.16
N GLU A 7 -4.66 1.74 -2.06
CA GLU A 7 -4.77 3.22 -1.99
C GLU A 7 -3.40 3.78 -1.61
N ILE A 8 -2.66 3.02 -0.85
CA ILE A 8 -1.32 3.47 -0.43
C ILE A 8 -0.51 3.85 -1.66
N LEU A 9 -0.31 2.90 -2.53
CA LEU A 9 0.48 3.17 -3.76
C LEU A 9 -0.43 3.61 -4.91
N GLY A 10 -1.49 4.33 -4.62
CA GLY A 10 -2.42 4.73 -5.71
C GLY A 10 -2.68 3.50 -6.59
N VAL A 11 -2.61 2.36 -5.97
CA VAL A 11 -2.82 1.08 -6.71
C VAL A 11 -4.28 0.68 -6.74
N SER A 12 -4.89 0.63 -7.89
CA SER A 12 -6.31 0.17 -7.93
C SER A 12 -6.36 -1.09 -7.08
N LYS A 13 -7.44 -1.35 -6.39
CA LYS A 13 -7.47 -2.56 -5.53
C LYS A 13 -6.81 -3.74 -6.25
N THR A 14 -6.78 -3.70 -7.55
CA THR A 14 -6.12 -4.77 -8.32
C THR A 14 -5.10 -4.15 -9.28
N ALA A 15 -4.52 -3.03 -8.91
CA ALA A 15 -3.53 -2.37 -9.80
C ALA A 15 -2.37 -3.32 -10.11
N GLU A 16 -1.20 -2.80 -10.26
CA GLU A 16 -0.02 -3.66 -10.57
C GLU A 16 1.20 -3.18 -9.77
N GLU A 17 2.38 -3.37 -10.31
CA GLU A 17 3.60 -2.94 -9.60
C GLU A 17 3.94 -1.48 -9.95
N ARG A 18 3.70 -1.09 -11.16
CA ARG A 18 4.01 0.32 -11.55
C ARG A 18 3.57 1.29 -10.45
N GLU A 19 2.31 1.58 -10.37
CA GLU A 19 1.83 2.50 -9.31
C GLU A 19 2.46 2.09 -7.98
N ILE A 20 2.79 0.85 -7.84
CA ILE A 20 3.45 0.39 -6.59
C ILE A 20 4.84 1.00 -6.54
N ARG A 21 5.51 1.04 -7.66
CA ARG A 21 6.88 1.64 -7.67
C ARG A 21 6.77 3.13 -7.93
N LYS A 22 5.67 3.56 -8.47
CA LYS A 22 5.48 5.00 -8.78
C LYS A 22 4.85 5.74 -7.59
N ALA A 23 3.82 5.18 -7.02
CA ALA A 23 3.10 5.85 -5.89
C ALA A 23 3.94 5.92 -4.61
N TYR A 24 4.87 5.04 -4.42
CA TYR A 24 5.69 5.11 -3.19
C TYR A 24 6.87 6.04 -3.46
N LYS A 25 7.53 5.80 -4.54
CA LYS A 25 8.69 6.65 -4.91
C LYS A 25 8.22 8.08 -5.22
N ARG A 26 6.93 8.28 -5.34
CA ARG A 26 6.42 9.66 -5.60
C ARG A 26 6.41 10.44 -4.28
N LEU A 27 5.76 9.89 -3.30
CA LEU A 27 5.71 10.56 -1.96
C LEU A 27 7.00 10.31 -1.22
N ALA A 28 7.65 9.22 -1.55
CA ALA A 28 8.91 8.87 -0.88
C ALA A 28 10.05 9.73 -1.41
N MET A 29 10.05 10.00 -2.69
CA MET A 29 11.12 10.89 -3.23
C MET A 29 10.90 12.28 -2.66
N LYS A 30 9.68 12.58 -2.29
CA LYS A 30 9.37 13.91 -1.71
C LYS A 30 9.56 13.86 -0.19
N TYR A 31 9.66 12.69 0.39
CA TYR A 31 9.84 12.60 1.87
C TYR A 31 11.23 12.12 2.22
N HIS A 32 12.03 11.86 1.23
CA HIS A 32 13.43 11.41 1.45
C HIS A 32 14.19 12.41 2.34
N PRO A 33 15.48 12.60 2.16
CA PRO A 33 16.21 13.53 3.06
C PRO A 33 15.74 14.97 2.87
N ASP A 34 14.46 15.19 3.04
CA ASP A 34 13.88 16.56 2.91
C ASP A 34 13.36 16.95 4.30
N ARG A 35 12.79 15.99 4.98
CA ARG A 35 12.26 16.24 6.34
C ARG A 35 12.67 15.09 7.26
N ASN A 36 12.90 13.93 6.71
CA ASN A 36 13.32 12.78 7.55
C ASN A 36 14.34 13.23 8.59
N GLN A 37 15.09 14.26 8.28
CA GLN A 37 16.13 14.75 9.22
C GLN A 37 15.49 15.60 10.32
N GLY A 38 14.19 15.65 10.37
CA GLY A 38 13.50 16.47 11.40
C GLY A 38 12.21 15.76 11.82
N ASP A 39 12.10 14.49 11.53
CA ASP A 39 10.86 13.75 11.91
C ASP A 39 10.89 12.32 11.35
N LYS A 40 11.24 11.37 12.17
CA LYS A 40 11.27 9.96 11.70
C LYS A 40 9.91 9.33 11.90
N GLU A 41 9.13 9.91 12.75
CA GLU A 41 7.76 9.40 12.99
C GLU A 41 7.09 9.08 11.65
N ALA A 42 7.50 9.76 10.62
CA ALA A 42 6.90 9.51 9.28
C ALA A 42 7.63 8.36 8.57
N GLU A 43 8.77 8.01 9.07
CA GLU A 43 9.54 6.90 8.44
C GLU A 43 8.62 5.72 8.14
N ALA A 44 8.06 5.17 9.17
CA ALA A 44 7.20 3.99 8.98
C ALA A 44 6.29 4.18 7.78
N LYS A 45 5.63 5.29 7.68
CA LYS A 45 4.74 5.51 6.50
C LYS A 45 5.50 5.10 5.24
N PHE A 46 6.80 5.18 5.28
CA PHE A 46 7.60 4.79 4.07
C PHE A 46 7.50 3.29 3.84
N LYS A 47 7.71 2.48 4.85
CA LYS A 47 7.60 1.01 4.62
C LYS A 47 6.14 0.60 4.80
N GLU A 48 5.38 1.37 5.54
CA GLU A 48 3.95 1.06 5.70
C GLU A 48 3.37 0.96 4.30
N ILE A 49 3.91 1.78 3.45
CA ILE A 49 3.48 1.80 2.04
C ILE A 49 4.15 0.65 1.30
N LYS A 50 5.45 0.59 1.41
CA LYS A 50 6.20 -0.50 0.73
C LYS A 50 5.60 -1.86 1.12
N GLU A 51 5.39 -2.07 2.39
CA GLU A 51 4.79 -3.36 2.83
C GLU A 51 3.56 -3.68 1.99
N ALA A 52 2.86 -2.67 1.56
CA ALA A 52 1.66 -2.89 0.71
C ALA A 52 1.95 -3.99 -0.34
N TYR A 53 3.20 -4.18 -0.68
CA TYR A 53 3.53 -5.22 -1.68
C TYR A 53 3.17 -6.61 -1.13
N GLU A 54 3.64 -6.92 0.04
CA GLU A 54 3.33 -8.26 0.64
C GLU A 54 1.86 -8.53 0.44
N VAL A 55 1.10 -7.49 0.35
CA VAL A 55 -0.35 -7.64 0.17
C VAL A 55 -0.70 -7.66 -1.33
N LEU A 56 -0.27 -6.69 -2.08
CA LEU A 56 -0.65 -6.67 -3.52
C LEU A 56 0.37 -7.38 -4.43
N THR A 57 1.60 -7.58 -4.01
CA THR A 57 2.58 -8.27 -4.92
C THR A 57 2.49 -9.79 -4.74
N ASP A 58 1.30 -10.29 -4.51
CA ASP A 58 1.14 -11.76 -4.35
C ASP A 58 -0.25 -12.17 -4.79
N SER A 59 -0.31 -12.98 -5.79
CA SER A 59 -1.62 -13.41 -6.34
C SER A 59 -2.63 -13.67 -5.21
N GLN A 60 -2.21 -14.32 -4.15
CA GLN A 60 -3.16 -14.61 -3.03
C GLN A 60 -3.41 -13.34 -2.21
N LYS A 61 -2.42 -12.50 -2.06
CA LYS A 61 -2.59 -11.26 -1.26
C LYS A 61 -3.35 -10.20 -2.06
N ARG A 62 -2.96 -9.94 -3.26
CA ARG A 62 -3.69 -8.91 -4.05
C ARG A 62 -5.08 -9.39 -4.43
N ALA A 63 -5.26 -10.68 -4.46
CA ALA A 63 -6.60 -11.22 -4.82
C ALA A 63 -7.43 -11.35 -3.55
N ALA A 64 -6.77 -11.46 -2.44
CA ALA A 64 -7.49 -11.58 -1.15
C ALA A 64 -7.73 -10.21 -0.54
N TYR A 65 -6.70 -9.41 -0.45
CA TYR A 65 -6.85 -8.05 0.15
C TYR A 65 -7.73 -7.18 -0.75
N ASP A 66 -7.80 -7.47 -2.03
CA ASP A 66 -8.65 -6.65 -2.94
C ASP A 66 -10.06 -6.54 -2.34
N GLN A 67 -10.50 -7.55 -1.64
CA GLN A 67 -11.85 -7.50 -1.01
C GLN A 67 -11.72 -7.59 0.51
N TYR A 68 -10.51 -7.45 1.02
CA TYR A 68 -10.31 -7.51 2.49
C TYR A 68 -10.99 -8.76 3.06
N GLY A 69 -10.94 -9.85 2.34
CA GLY A 69 -11.59 -11.10 2.85
C GLY A 69 -12.91 -11.31 2.12
N HIS A 70 -13.51 -12.45 2.28
CA HIS A 70 -14.81 -12.72 1.58
C HIS A 70 -15.95 -12.00 2.30
N ALA A 71 -15.64 -11.22 3.30
CA ALA A 71 -16.72 -10.49 4.04
C ALA A 71 -17.15 -9.25 3.25
N ALA A 72 -16.23 -8.63 2.56
CA ALA A 72 -16.59 -7.42 1.77
C ALA A 72 -17.62 -7.78 0.69
N PHE A 73 -17.67 -9.02 0.30
CA PHE A 73 -18.65 -9.44 -0.75
C PHE A 73 -19.57 -10.52 -0.19
N GLU A 74 -19.06 -11.37 0.67
CA GLU A 74 -19.90 -12.44 1.25
C GLU A 74 -20.34 -13.42 0.16
N GLN A 75 -21.52 -13.96 0.27
CA GLN A 75 -21.99 -14.93 -0.77
C GLN A 75 -21.95 -14.27 -2.16
N GLY A 76 -21.33 -14.92 -3.10
CA GLY A 76 -21.24 -14.34 -4.48
C GLY A 76 -22.30 -14.98 -5.37
N GLY A 77 -22.32 -16.28 -5.45
CA GLY A 77 -23.34 -16.96 -6.31
C GLY A 77 -22.69 -18.15 -7.02
N ALA A 1 -12.63 -0.90 6.47
CA ALA A 1 -11.38 -1.07 5.67
C ALA A 1 -10.16 -1.05 6.59
N LYS A 2 -10.10 -0.12 7.50
CA LYS A 2 -8.94 -0.03 8.42
C LYS A 2 -7.65 0.17 7.63
N GLN A 3 -7.47 1.33 7.06
CA GLN A 3 -6.22 1.61 6.28
C GLN A 3 -6.19 0.72 5.03
N ASP A 4 -5.66 1.23 3.95
CA ASP A 4 -5.59 0.41 2.70
C ASP A 4 -4.23 0.52 2.05
N TYR A 5 -3.42 -0.48 2.24
CA TYR A 5 -2.06 -0.47 1.62
C TYR A 5 -2.14 -0.01 0.17
N TYR A 6 -3.01 -0.59 -0.61
CA TYR A 6 -3.12 -0.14 -2.02
C TYR A 6 -3.26 1.37 -2.01
N GLU A 7 -3.88 1.90 -0.98
CA GLU A 7 -4.00 3.36 -0.87
C GLU A 7 -2.78 3.89 -0.11
N ILE A 8 -2.19 3.08 0.73
CA ILE A 8 -1.00 3.53 1.49
C ILE A 8 0.03 4.08 0.52
N LEU A 9 0.23 3.39 -0.58
CA LEU A 9 1.22 3.86 -1.60
C LEU A 9 0.56 4.92 -2.47
N GLY A 10 -0.74 5.01 -2.42
CA GLY A 10 -1.45 6.00 -3.25
C GLY A 10 -2.01 5.29 -4.49
N VAL A 11 -2.12 3.99 -4.43
CA VAL A 11 -2.65 3.25 -5.62
C VAL A 11 -4.06 2.74 -5.35
N SER A 12 -4.70 2.23 -6.36
CA SER A 12 -6.06 1.67 -6.17
C SER A 12 -5.92 0.21 -5.75
N LYS A 13 -6.86 -0.31 -5.02
CA LYS A 13 -6.72 -1.74 -4.64
C LYS A 13 -6.50 -2.56 -5.91
N THR A 14 -6.82 -1.98 -7.04
CA THR A 14 -6.62 -2.68 -8.34
C THR A 14 -5.32 -2.20 -8.98
N ALA A 15 -4.53 -1.44 -8.26
CA ALA A 15 -3.25 -0.94 -8.81
C ALA A 15 -2.39 -2.08 -9.39
N GLU A 16 -1.11 -1.93 -9.31
CA GLU A 16 -0.18 -2.96 -9.85
C GLU A 16 1.24 -2.72 -9.31
N GLU A 17 1.87 -3.75 -8.83
CA GLU A 17 3.24 -3.61 -8.26
C GLU A 17 4.09 -2.60 -9.05
N ARG A 18 3.81 -2.41 -10.31
CA ARG A 18 4.63 -1.43 -11.10
C ARG A 18 4.16 0.01 -10.83
N GLU A 19 2.89 0.18 -10.56
CA GLU A 19 2.38 1.52 -10.23
C GLU A 19 2.31 1.62 -8.72
N ILE A 20 2.36 0.49 -8.06
CA ILE A 20 2.36 0.48 -6.58
C ILE A 20 3.74 0.97 -6.15
N ARG A 21 4.75 0.30 -6.62
CA ARG A 21 6.13 0.76 -6.31
C ARG A 21 6.22 2.22 -6.73
N LYS A 22 5.40 2.56 -7.69
CA LYS A 22 5.35 3.96 -8.19
C LYS A 22 4.57 4.85 -7.22
N ALA A 23 3.43 4.40 -6.77
CA ALA A 23 2.62 5.21 -5.82
C ALA A 23 3.49 5.66 -4.66
N TYR A 24 4.34 4.79 -4.18
CA TYR A 24 5.25 5.17 -3.07
C TYR A 24 6.33 6.05 -3.67
N LYS A 25 6.83 5.64 -4.80
CA LYS A 25 7.86 6.43 -5.50
C LYS A 25 7.40 7.89 -5.66
N ARG A 26 6.16 8.07 -6.02
CA ARG A 26 5.64 9.45 -6.21
C ARG A 26 5.80 10.27 -4.93
N LEU A 27 5.30 9.77 -3.82
CA LEU A 27 5.43 10.51 -2.54
C LEU A 27 6.82 10.31 -1.96
N ALA A 28 7.40 9.18 -2.24
CA ALA A 28 8.74 8.87 -1.71
C ALA A 28 9.79 9.66 -2.49
N MET A 29 9.67 9.72 -3.79
CA MET A 29 10.67 10.52 -4.55
C MET A 29 10.54 11.96 -4.09
N LYS A 30 9.37 12.32 -3.63
CA LYS A 30 9.14 13.69 -3.10
C LYS A 30 9.49 13.72 -1.61
N TYR A 31 9.53 12.57 -0.99
CA TYR A 31 9.86 12.54 0.48
C TYR A 31 11.28 12.04 0.69
N HIS A 32 12.00 11.89 -0.36
CA HIS A 32 13.41 11.46 -0.29
C HIS A 32 14.19 12.36 0.67
N PRO A 33 15.48 12.54 0.49
CA PRO A 33 16.22 13.41 1.43
C PRO A 33 15.75 14.87 1.31
N ASP A 34 14.48 15.08 1.46
CA ASP A 34 13.89 16.44 1.40
C ASP A 34 13.36 16.75 2.80
N ARG A 35 12.70 15.81 3.39
CA ARG A 35 12.14 16.00 4.76
C ARG A 35 12.28 14.70 5.57
N ASN A 36 12.29 13.56 4.90
CA ASN A 36 12.43 12.27 5.64
C ASN A 36 13.49 12.40 6.72
N GLN A 37 14.44 13.27 6.52
CA GLN A 37 15.50 13.44 7.54
C GLN A 37 14.86 13.58 8.93
N GLY A 38 13.63 13.98 8.99
CA GLY A 38 12.95 14.12 10.31
C GLY A 38 11.97 12.96 10.50
N ASP A 39 12.28 11.82 9.97
CA ASP A 39 11.37 10.65 10.11
C ASP A 39 11.31 10.19 11.57
N LYS A 40 10.90 11.04 12.46
CA LYS A 40 10.82 10.66 13.91
C LYS A 40 9.46 10.04 14.21
N GLU A 41 8.81 9.50 13.22
CA GLU A 41 7.47 8.89 13.46
C GLU A 41 6.81 8.59 12.10
N ALA A 42 6.63 9.59 11.28
CA ALA A 42 6.03 9.34 9.95
C ALA A 42 6.90 8.33 9.21
N GLU A 43 8.13 8.16 9.67
CA GLU A 43 9.05 7.18 9.02
C GLU A 43 8.30 5.93 8.62
N ALA A 44 7.51 5.43 9.52
CA ALA A 44 6.80 4.17 9.24
C ALA A 44 5.91 4.32 8.01
N LYS A 45 4.95 5.21 8.04
CA LYS A 45 4.06 5.37 6.86
C LYS A 45 4.90 5.33 5.59
N PHE A 46 6.13 5.76 5.67
CA PHE A 46 7.00 5.76 4.46
C PHE A 46 7.38 4.33 4.09
N LYS A 47 7.84 3.54 5.02
CA LYS A 47 8.19 2.13 4.66
C LYS A 47 6.93 1.27 4.82
N GLU A 48 5.93 1.80 5.46
CA GLU A 48 4.67 1.06 5.63
C GLU A 48 4.12 0.84 4.25
N ILE A 49 4.37 1.80 3.41
CA ILE A 49 3.93 1.71 2.00
C ILE A 49 4.63 0.53 1.35
N LYS A 50 5.92 0.51 1.48
CA LYS A 50 6.70 -0.62 0.89
C LYS A 50 6.05 -1.95 1.29
N GLU A 51 5.63 -2.06 2.51
CA GLU A 51 4.98 -3.31 2.96
C GLU A 51 3.92 -3.73 1.93
N ALA A 52 3.25 -2.78 1.34
CA ALA A 52 2.20 -3.09 0.33
C ALA A 52 2.59 -4.33 -0.49
N TYR A 53 3.85 -4.53 -0.73
CA TYR A 53 4.27 -5.74 -1.51
C TYR A 53 3.75 -7.00 -0.81
N GLU A 54 3.35 -6.86 0.41
CA GLU A 54 2.76 -8.02 1.14
C GLU A 54 1.29 -8.12 0.75
N VAL A 55 0.89 -7.43 -0.27
CA VAL A 55 -0.53 -7.44 -0.68
C VAL A 55 -0.65 -7.39 -2.21
N LEU A 56 0.05 -6.49 -2.85
CA LEU A 56 -0.06 -6.40 -4.33
C LEU A 56 0.95 -7.30 -5.06
N THR A 57 1.97 -7.78 -4.41
CA THR A 57 2.97 -8.63 -5.13
C THR A 57 2.80 -10.12 -4.81
N ASP A 58 1.61 -10.56 -4.51
CA ASP A 58 1.41 -12.01 -4.21
C ASP A 58 0.00 -12.43 -4.58
N SER A 59 -0.11 -13.36 -5.46
CA SER A 59 -1.43 -13.82 -5.91
C SER A 59 -2.41 -13.91 -4.74
N GLN A 60 -2.01 -14.51 -3.66
CA GLN A 60 -2.93 -14.61 -2.48
C GLN A 60 -3.17 -13.22 -1.89
N LYS A 61 -2.17 -12.39 -1.98
CA LYS A 61 -2.29 -11.00 -1.45
C LYS A 61 -3.09 -10.15 -2.44
N ARG A 62 -2.74 -10.18 -3.69
CA ARG A 62 -3.54 -9.39 -4.69
C ARG A 62 -4.89 -10.07 -4.88
N ALA A 63 -5.04 -11.24 -4.34
CA ALA A 63 -6.33 -11.96 -4.42
C ALA A 63 -7.17 -11.49 -3.24
N ALA A 64 -6.49 -11.19 -2.17
CA ALA A 64 -7.18 -10.65 -0.97
C ALA A 64 -7.67 -9.26 -1.35
N TYR A 65 -6.87 -8.62 -2.16
CA TYR A 65 -7.22 -7.28 -2.67
C TYR A 65 -8.67 -7.30 -3.15
N ASP A 66 -8.97 -8.17 -4.08
CA ASP A 66 -10.37 -8.27 -4.60
C ASP A 66 -11.38 -8.27 -3.45
N GLN A 67 -10.97 -8.62 -2.26
CA GLN A 67 -11.92 -8.63 -1.12
C GLN A 67 -11.80 -7.33 -0.33
N TYR A 68 -10.93 -6.45 -0.75
CA TYR A 68 -10.76 -5.16 -0.02
C TYR A 68 -10.43 -5.42 1.45
N GLY A 69 -9.83 -6.55 1.75
CA GLY A 69 -9.48 -6.86 3.16
C GLY A 69 -10.59 -7.73 3.76
N HIS A 70 -10.22 -8.66 4.59
CA HIS A 70 -11.25 -9.53 5.22
C HIS A 70 -12.37 -8.68 5.84
N ALA A 71 -12.07 -7.44 6.12
CA ALA A 71 -13.11 -6.55 6.72
C ALA A 71 -14.43 -6.70 5.97
N ALA A 72 -14.38 -6.73 4.67
CA ALA A 72 -15.64 -6.90 3.89
C ALA A 72 -16.37 -8.17 4.34
N PHE A 73 -15.68 -9.04 5.01
CA PHE A 73 -16.34 -10.30 5.49
C PHE A 73 -16.65 -10.20 6.99
N GLU A 74 -15.77 -9.59 7.74
CA GLU A 74 -16.00 -9.47 9.20
C GLU A 74 -15.31 -8.20 9.73
N GLN A 75 -16.07 -7.18 10.03
CA GLN A 75 -15.46 -5.92 10.55
C GLN A 75 -15.62 -5.84 12.07
N GLY A 76 -14.90 -4.97 12.71
CA GLY A 76 -15.01 -4.84 14.19
C GLY A 76 -15.58 -3.47 14.55
N GLY A 77 -15.85 -2.65 13.57
CA GLY A 77 -16.42 -1.31 13.85
C GLY A 77 -16.05 -0.34 12.72
N ALA A 1 -11.46 4.87 4.78
CA ALA A 1 -10.62 3.78 5.35
C ALA A 1 -9.38 4.36 6.03
N LYS A 2 -8.32 3.62 6.08
CA LYS A 2 -7.08 4.13 6.73
C LYS A 2 -5.91 3.15 6.50
N GLN A 3 -4.80 3.63 6.03
CA GLN A 3 -3.65 2.72 5.79
C GLN A 3 -4.04 1.58 4.85
N ASP A 4 -4.48 1.91 3.66
CA ASP A 4 -4.88 0.85 2.70
C ASP A 4 -3.87 0.72 1.58
N TYR A 5 -3.00 -0.22 1.73
CA TYR A 5 -1.94 -0.48 0.71
C TYR A 5 -2.42 -0.15 -0.71
N TYR A 6 -3.36 -0.88 -1.24
CA TYR A 6 -3.84 -0.56 -2.61
C TYR A 6 -4.11 0.95 -2.69
N GLU A 7 -4.43 1.54 -1.59
CA GLU A 7 -4.63 3.00 -1.55
C GLU A 7 -3.28 3.66 -1.24
N ILE A 8 -2.47 2.96 -0.48
CA ILE A 8 -1.13 3.49 -0.12
C ILE A 8 -0.41 3.94 -1.39
N LEU A 9 -0.24 3.01 -2.28
CA LEU A 9 0.45 3.32 -3.56
C LEU A 9 -0.56 3.74 -4.64
N GLY A 10 -1.65 4.35 -4.25
CA GLY A 10 -2.67 4.73 -5.27
C GLY A 10 -2.90 3.51 -6.17
N VAL A 11 -2.66 2.35 -5.61
CA VAL A 11 -2.82 1.09 -6.38
C VAL A 11 -4.23 0.57 -6.28
N SER A 12 -4.99 0.59 -7.35
CA SER A 12 -6.36 0.02 -7.28
C SER A 12 -6.25 -1.28 -6.50
N LYS A 13 -7.23 -1.64 -5.73
CA LYS A 13 -7.12 -2.90 -4.95
C LYS A 13 -6.53 -4.00 -5.82
N THR A 14 -6.64 -3.87 -7.11
CA THR A 14 -6.07 -4.89 -8.01
C THR A 14 -5.07 -4.23 -8.98
N ALA A 15 -4.47 -3.11 -8.61
CA ALA A 15 -3.49 -2.46 -9.54
C ALA A 15 -2.35 -3.42 -9.84
N GLU A 16 -1.14 -2.91 -9.90
CA GLU A 16 0.02 -3.76 -10.19
C GLU A 16 1.26 -3.21 -9.47
N GLU A 17 2.42 -3.50 -9.98
CA GLU A 17 3.67 -3.01 -9.32
C GLU A 17 4.07 -1.63 -9.85
N ARG A 18 3.67 -1.28 -11.05
CA ARG A 18 4.07 0.05 -11.61
C ARG A 18 3.48 1.19 -10.77
N GLU A 19 2.36 0.97 -10.15
CA GLU A 19 1.77 2.03 -9.28
C GLU A 19 2.36 1.85 -7.89
N ILE A 20 2.87 0.68 -7.63
CA ILE A 20 3.51 0.40 -6.33
C ILE A 20 4.86 1.09 -6.32
N ARG A 21 5.64 0.87 -7.34
CA ARG A 21 6.96 1.53 -7.42
C ARG A 21 6.76 3.00 -7.78
N LYS A 22 5.58 3.34 -8.22
CA LYS A 22 5.30 4.75 -8.60
C LYS A 22 4.73 5.55 -7.41
N ALA A 23 3.66 5.08 -6.83
CA ALA A 23 3.03 5.84 -5.71
C ALA A 23 3.89 5.82 -4.44
N TYR A 24 4.83 4.93 -4.32
CA TYR A 24 5.68 4.94 -3.11
C TYR A 24 6.85 5.85 -3.39
N LYS A 25 7.47 5.66 -4.51
CA LYS A 25 8.62 6.50 -4.91
C LYS A 25 8.14 7.92 -5.25
N ARG A 26 6.89 8.08 -5.54
CA ARG A 26 6.38 9.45 -5.86
C ARG A 26 6.38 10.30 -4.58
N LEU A 27 5.77 9.78 -3.54
CA LEU A 27 5.74 10.52 -2.25
C LEU A 27 7.07 10.34 -1.55
N ALA A 28 7.71 9.24 -1.81
CA ALA A 28 9.02 8.96 -1.17
C ALA A 28 10.09 9.84 -1.80
N MET A 29 10.07 10.00 -3.09
CA MET A 29 11.08 10.89 -3.72
C MET A 29 10.83 12.30 -3.20
N LYS A 30 9.60 12.56 -2.82
CA LYS A 30 9.25 13.90 -2.27
C LYS A 30 9.50 13.89 -0.76
N TYR A 31 9.56 12.73 -0.17
CA TYR A 31 9.80 12.63 1.29
C TYR A 31 11.21 12.13 1.57
N HIS A 32 11.97 12.00 0.54
CA HIS A 32 13.38 11.56 0.66
C HIS A 32 14.14 12.50 1.61
N PRO A 33 15.43 12.68 1.44
CA PRO A 33 16.16 13.55 2.38
C PRO A 33 15.73 15.02 2.24
N ASP A 34 14.43 15.24 2.29
CA ASP A 34 13.89 16.63 2.22
C ASP A 34 13.46 17.01 3.64
N ARG A 35 12.85 16.07 4.30
CA ARG A 35 12.37 16.29 5.69
C ARG A 35 12.59 15.02 6.51
N ASN A 36 12.60 13.87 5.88
CA ASN A 36 12.79 12.61 6.63
C ASN A 36 13.98 12.73 7.57
N GLN A 37 14.91 13.58 7.25
CA GLN A 37 16.09 13.75 8.15
C GLN A 37 15.67 14.45 9.43
N GLY A 38 14.45 14.91 9.49
CA GLY A 38 13.96 15.59 10.72
C GLY A 38 12.57 15.08 11.06
N ASP A 39 12.25 13.89 10.64
CA ASP A 39 10.90 13.32 10.95
C ASP A 39 11.02 11.87 11.42
N LYS A 40 10.63 11.60 12.63
CA LYS A 40 10.69 10.21 13.14
C LYS A 40 9.36 9.51 12.81
N GLU A 41 8.77 8.85 13.79
CA GLU A 41 7.44 8.16 13.60
C GLU A 41 6.92 8.20 12.16
N ALA A 42 6.65 9.38 11.65
CA ALA A 42 6.15 9.47 10.25
C ALA A 42 7.05 8.63 9.34
N GLU A 43 8.26 8.37 9.77
CA GLU A 43 9.19 7.55 8.94
C GLU A 43 8.51 6.27 8.49
N ALA A 44 7.93 5.58 9.42
CA ALA A 44 7.31 4.29 9.09
C ALA A 44 6.35 4.42 7.92
N LYS A 45 5.41 5.32 8.01
CA LYS A 45 4.44 5.46 6.88
C LYS A 45 5.21 5.46 5.55
N PHE A 46 6.46 5.86 5.58
CA PHE A 46 7.25 5.87 4.31
C PHE A 46 7.63 4.45 3.91
N LYS A 47 8.18 3.68 4.81
CA LYS A 47 8.53 2.28 4.45
C LYS A 47 7.32 1.39 4.68
N GLU A 48 6.31 1.91 5.33
CA GLU A 48 5.07 1.13 5.57
C GLU A 48 4.44 0.89 4.22
N ILE A 49 4.58 1.87 3.39
CA ILE A 49 4.02 1.78 2.00
C ILE A 49 4.63 0.57 1.31
N LYS A 50 5.93 0.49 1.36
CA LYS A 50 6.63 -0.67 0.72
C LYS A 50 5.97 -1.98 1.18
N GLU A 51 5.69 -2.08 2.45
CA GLU A 51 5.04 -3.32 2.97
C GLU A 51 3.81 -3.67 2.12
N ALA A 52 3.08 -2.66 1.70
CA ALA A 52 1.88 -2.92 0.85
C ALA A 52 2.21 -3.95 -0.22
N TYR A 53 3.47 -4.07 -0.56
CA TYR A 53 3.88 -5.05 -1.59
C TYR A 53 3.52 -6.46 -1.15
N GLU A 54 3.93 -6.83 0.03
CA GLU A 54 3.64 -8.20 0.54
C GLU A 54 2.19 -8.52 0.22
N VAL A 55 1.39 -7.50 0.14
CA VAL A 55 -0.03 -7.72 -0.15
C VAL A 55 -0.28 -7.64 -1.66
N LEU A 56 0.07 -6.55 -2.27
CA LEU A 56 -0.23 -6.45 -3.73
C LEU A 56 0.83 -7.16 -4.59
N THR A 57 2.04 -7.37 -4.10
CA THR A 57 3.05 -8.11 -4.94
C THR A 57 2.91 -9.62 -4.70
N ASP A 58 1.76 -10.05 -4.27
CA ASP A 58 1.55 -11.51 -4.02
C ASP A 58 0.15 -11.90 -4.43
N SER A 59 0.06 -12.78 -5.36
CA SER A 59 -1.27 -13.19 -5.87
C SER A 59 -2.20 -13.58 -4.72
N GLN A 60 -1.73 -14.32 -3.75
CA GLN A 60 -2.63 -14.73 -2.62
C GLN A 60 -3.20 -13.51 -1.91
N LYS A 61 -2.46 -12.44 -1.83
CA LYS A 61 -2.97 -11.22 -1.15
C LYS A 61 -3.94 -10.45 -2.04
N ARG A 62 -3.45 -9.90 -3.12
CA ARG A 62 -4.33 -9.13 -4.03
C ARG A 62 -5.65 -9.88 -4.28
N ALA A 63 -5.63 -11.18 -4.21
CA ALA A 63 -6.89 -11.94 -4.45
C ALA A 63 -7.76 -11.81 -3.21
N ALA A 64 -7.13 -11.60 -2.09
CA ALA A 64 -7.88 -11.44 -0.82
C ALA A 64 -8.23 -9.97 -0.60
N TYR A 65 -7.28 -9.09 -0.79
CA TYR A 65 -7.56 -7.65 -0.59
C TYR A 65 -8.48 -7.11 -1.67
N ASP A 66 -8.54 -7.76 -2.80
CA ASP A 66 -9.44 -7.26 -3.89
C ASP A 66 -10.86 -7.12 -3.34
N GLN A 67 -11.22 -7.94 -2.40
CA GLN A 67 -12.59 -7.85 -1.81
C GLN A 67 -12.49 -7.61 -0.30
N TYR A 68 -11.34 -7.19 0.18
CA TYR A 68 -11.18 -6.96 1.64
C TYR A 68 -11.61 -8.20 2.41
N GLY A 69 -11.54 -9.34 1.79
CA GLY A 69 -11.95 -10.59 2.47
C GLY A 69 -13.35 -10.98 1.99
N HIS A 70 -13.88 -12.08 2.47
CA HIS A 70 -15.23 -12.49 2.03
C HIS A 70 -16.30 -11.78 2.87
N ALA A 71 -15.90 -10.80 3.63
CA ALA A 71 -16.88 -10.06 4.48
C ALA A 71 -17.59 -8.99 3.65
N ALA A 72 -16.94 -8.48 2.65
CA ALA A 72 -17.59 -7.43 1.80
C ALA A 72 -18.81 -8.01 1.09
N PHE A 73 -18.96 -9.30 1.11
CA PHE A 73 -20.13 -9.92 0.42
C PHE A 73 -20.72 -11.05 1.29
N GLU A 74 -19.88 -11.91 1.79
CA GLU A 74 -20.38 -13.02 2.64
C GLU A 74 -21.32 -13.92 1.84
N GLN A 75 -21.11 -15.21 1.88
CA GLN A 75 -21.99 -16.14 1.11
C GLN A 75 -21.93 -15.81 -0.38
N GLY A 76 -22.66 -14.81 -0.81
CA GLY A 76 -22.63 -14.45 -2.26
C GLY A 76 -23.61 -13.29 -2.51
N GLY A 77 -24.79 -13.37 -1.96
CA GLY A 77 -25.78 -12.27 -2.17
C GLY A 77 -26.98 -12.82 -2.94
N ALA A 1 -10.93 3.38 11.59
CA ALA A 1 -11.20 2.43 10.47
C ALA A 1 -9.99 1.53 10.25
N LYS A 2 -9.86 0.95 9.08
CA LYS A 2 -8.70 0.05 8.82
C LYS A 2 -7.66 0.77 7.96
N GLN A 3 -7.01 0.06 7.07
CA GLN A 3 -5.98 0.69 6.20
C GLN A 3 -5.88 -0.04 4.87
N ASP A 4 -5.72 0.67 3.79
CA ASP A 4 -5.62 0.01 2.46
C ASP A 4 -4.27 0.31 1.82
N TYR A 5 -3.47 -0.70 1.71
CA TYR A 5 -2.13 -0.53 1.10
C TYR A 5 -2.27 -0.02 -0.33
N TYR A 6 -3.11 -0.64 -1.12
CA TYR A 6 -3.29 -0.12 -2.51
C TYR A 6 -3.49 1.38 -2.40
N GLU A 7 -4.03 1.82 -1.29
CA GLU A 7 -4.24 3.27 -1.05
C GLU A 7 -3.00 3.83 -0.36
N ILE A 8 -2.34 3.02 0.44
CA ILE A 8 -1.13 3.52 1.16
C ILE A 8 -0.13 4.11 0.18
N LEU A 9 0.07 3.46 -0.94
CA LEU A 9 1.03 4.01 -1.95
C LEU A 9 0.32 5.08 -2.78
N GLY A 10 -0.99 5.10 -2.72
CA GLY A 10 -1.76 6.10 -3.51
C GLY A 10 -2.25 5.43 -4.79
N VAL A 11 -2.35 4.13 -4.80
CA VAL A 11 -2.80 3.42 -6.04
C VAL A 11 -4.21 2.89 -5.85
N SER A 12 -4.75 2.30 -6.89
CA SER A 12 -6.11 1.72 -6.79
C SER A 12 -6.01 0.30 -6.29
N LYS A 13 -7.01 -0.18 -5.61
CA LYS A 13 -6.94 -1.57 -5.12
C LYS A 13 -6.62 -2.48 -6.29
N THR A 14 -6.86 -2.00 -7.48
CA THR A 14 -6.56 -2.79 -8.70
C THR A 14 -5.34 -2.19 -9.39
N ALA A 15 -4.60 -1.37 -8.67
CA ALA A 15 -3.39 -0.70 -9.23
C ALA A 15 -2.45 -1.69 -9.95
N GLU A 16 -1.19 -1.65 -9.62
CA GLU A 16 -0.21 -2.55 -10.27
C GLU A 16 1.19 -2.25 -9.73
N GLU A 17 1.97 -3.26 -9.52
CA GLU A 17 3.35 -3.06 -8.97
C GLU A 17 4.11 -1.97 -9.75
N ARG A 18 3.68 -1.64 -10.94
CA ARG A 18 4.43 -0.59 -11.71
C ARG A 18 3.93 0.80 -11.35
N GLU A 19 2.70 0.91 -10.95
CA GLU A 19 2.16 2.23 -10.54
C GLU A 19 2.20 2.29 -9.02
N ILE A 20 2.35 1.13 -8.40
CA ILE A 20 2.46 1.09 -6.92
C ILE A 20 3.89 1.45 -6.56
N ARG A 21 4.83 0.70 -7.08
CA ARG A 21 6.25 1.04 -6.82
C ARG A 21 6.40 2.53 -7.12
N LYS A 22 5.58 3.00 -8.02
CA LYS A 22 5.57 4.42 -8.42
C LYS A 22 4.85 5.24 -7.34
N ALA A 23 3.66 4.85 -6.99
CA ALA A 23 2.89 5.61 -5.96
C ALA A 23 3.77 5.86 -4.74
N TYR A 24 4.50 4.87 -4.32
CA TYR A 24 5.42 5.04 -3.18
C TYR A 24 6.56 5.93 -3.64
N LYS A 25 7.03 5.66 -4.83
CA LYS A 25 8.12 6.47 -5.41
C LYS A 25 7.76 7.95 -5.41
N ARG A 26 6.58 8.28 -5.87
CA ARG A 26 6.16 9.71 -5.92
C ARG A 26 6.44 10.38 -4.56
N LEU A 27 5.90 9.85 -3.51
CA LEU A 27 6.13 10.46 -2.17
C LEU A 27 7.49 10.05 -1.63
N ALA A 28 7.91 8.86 -1.95
CA ALA A 28 9.22 8.36 -1.45
C ALA A 28 10.36 9.11 -2.14
N MET A 29 10.22 9.38 -3.40
CA MET A 29 11.29 10.15 -4.08
C MET A 29 11.28 11.55 -3.49
N LYS A 30 10.13 11.99 -3.04
CA LYS A 30 10.03 13.33 -2.42
C LYS A 30 10.28 13.23 -0.91
N TYR A 31 10.21 12.03 -0.36
CA TYR A 31 10.44 11.89 1.11
C TYR A 31 11.79 11.25 1.39
N HIS A 32 12.56 11.10 0.37
CA HIS A 32 13.92 10.51 0.52
C HIS A 32 14.74 11.33 1.55
N PRO A 33 16.03 11.46 1.40
CA PRO A 33 16.80 12.22 2.42
C PRO A 33 16.42 13.71 2.37
N ASP A 34 15.15 13.99 2.46
CA ASP A 34 14.68 15.40 2.47
C ASP A 34 14.14 15.69 3.87
N ARG A 35 13.46 14.74 4.44
CA ARG A 35 12.90 14.91 5.80
C ARG A 35 13.10 13.62 6.60
N ASN A 36 13.11 12.48 5.94
CA ASN A 36 13.29 11.19 6.67
C ASN A 36 14.41 11.35 7.70
N GLN A 37 15.34 12.23 7.46
CA GLN A 37 16.45 12.42 8.44
C GLN A 37 15.89 12.94 9.76
N GLY A 38 14.65 13.34 9.77
CA GLY A 38 14.02 13.84 11.03
C GLY A 38 12.71 13.08 11.26
N ASP A 39 12.64 11.86 10.82
CA ASP A 39 11.39 11.06 11.00
C ASP A 39 10.80 11.26 12.40
N LYS A 40 9.66 11.88 12.48
CA LYS A 40 9.03 12.10 13.81
C LYS A 40 8.14 10.91 14.17
N GLU A 41 7.58 10.26 13.19
CA GLU A 41 6.69 9.10 13.48
C GLU A 41 6.02 8.65 12.18
N ALA A 42 5.72 9.57 11.30
CA ALA A 42 5.09 9.20 10.01
C ALA A 42 6.06 8.28 9.26
N GLU A 43 7.29 8.24 9.70
CA GLU A 43 8.31 7.37 9.04
C GLU A 43 7.68 6.09 8.55
N ALA A 44 7.05 5.40 9.45
CA ALA A 44 6.46 4.10 9.08
C ALA A 44 5.56 4.24 7.86
N LYS A 45 4.60 5.13 7.89
CA LYS A 45 3.73 5.28 6.69
C LYS A 45 4.59 5.33 5.43
N PHE A 46 5.82 5.75 5.56
CA PHE A 46 6.70 5.81 4.37
C PHE A 46 7.13 4.41 3.96
N LYS A 47 7.62 3.61 4.87
CA LYS A 47 8.01 2.23 4.50
C LYS A 47 6.80 1.32 4.61
N GLU A 48 5.75 1.79 5.23
CA GLU A 48 4.51 1.00 5.35
C GLU A 48 4.00 0.76 3.95
N ILE A 49 4.21 1.73 3.13
CA ILE A 49 3.80 1.63 1.71
C ILE A 49 4.49 0.44 1.08
N LYS A 50 5.77 0.35 1.30
CA LYS A 50 6.52 -0.80 0.73
C LYS A 50 5.74 -2.09 0.96
N GLU A 51 5.01 -2.16 2.05
CA GLU A 51 4.20 -3.39 2.33
C GLU A 51 3.33 -3.73 1.11
N ALA A 52 2.81 -2.72 0.47
CA ALA A 52 1.96 -2.94 -0.75
C ALA A 52 2.50 -4.11 -1.56
N TYR A 53 3.79 -4.26 -1.64
CA TYR A 53 4.36 -5.39 -2.42
C TYR A 53 3.85 -6.72 -1.87
N GLU A 54 3.53 -6.80 -0.60
CA GLU A 54 2.98 -8.08 -0.07
C GLU A 54 1.70 -8.40 -0.83
N VAL A 55 1.15 -7.43 -1.50
CA VAL A 55 -0.09 -7.69 -2.26
C VAL A 55 0.19 -7.67 -3.76
N LEU A 56 0.63 -6.56 -4.27
CA LEU A 56 0.92 -6.51 -5.75
C LEU A 56 2.04 -7.49 -6.10
N THR A 57 3.08 -7.56 -5.30
CA THR A 57 4.18 -8.51 -5.62
C THR A 57 3.96 -9.83 -4.87
N ASP A 58 2.83 -9.99 -4.26
CA ASP A 58 2.53 -11.26 -3.52
C ASP A 58 1.03 -11.50 -3.54
N SER A 59 0.64 -12.66 -3.92
CA SER A 59 -0.80 -12.97 -4.01
C SER A 59 -1.48 -13.02 -2.63
N GLN A 60 -0.80 -12.68 -1.57
CA GLN A 60 -1.44 -12.72 -0.23
C GLN A 60 -2.37 -11.52 -0.02
N LYS A 61 -1.82 -10.33 0.02
CA LYS A 61 -2.66 -9.11 0.25
C LYS A 61 -3.52 -8.77 -0.98
N ARG A 62 -3.00 -8.94 -2.17
CA ARG A 62 -3.82 -8.61 -3.37
C ARG A 62 -4.99 -9.58 -3.46
N ALA A 63 -4.83 -10.72 -2.87
CA ALA A 63 -5.93 -11.72 -2.86
C ALA A 63 -6.81 -11.43 -1.65
N ALA A 64 -6.23 -10.80 -0.67
CA ALA A 64 -6.99 -10.44 0.55
C ALA A 64 -7.70 -9.13 0.27
N TYR A 65 -7.00 -8.19 -0.33
CA TYR A 65 -7.63 -6.89 -0.65
C TYR A 65 -8.75 -7.08 -1.67
N ASP A 66 -8.45 -7.66 -2.82
CA ASP A 66 -9.50 -7.86 -3.86
C ASP A 66 -10.80 -8.35 -3.21
N GLN A 67 -10.70 -9.05 -2.11
CA GLN A 67 -11.93 -9.57 -1.44
C GLN A 67 -12.15 -8.84 -0.11
N TYR A 68 -11.40 -7.81 0.14
CA TYR A 68 -11.57 -7.06 1.41
C TYR A 68 -11.63 -8.03 2.59
N GLY A 69 -10.93 -9.14 2.49
CA GLY A 69 -10.95 -10.13 3.60
C GLY A 69 -11.92 -11.26 3.22
N HIS A 70 -11.99 -12.29 4.02
CA HIS A 70 -12.91 -13.41 3.69
C HIS A 70 -14.32 -13.09 4.17
N ALA A 71 -14.55 -11.86 4.58
CA ALA A 71 -15.91 -11.48 5.07
C ALA A 71 -16.81 -11.11 3.89
N ALA A 72 -16.24 -10.66 2.81
CA ALA A 72 -17.07 -10.28 1.63
C ALA A 72 -17.38 -11.52 0.79
N PHE A 73 -16.71 -12.61 1.03
CA PHE A 73 -16.96 -13.85 0.25
C PHE A 73 -16.96 -15.09 1.16
N GLU A 74 -16.17 -15.06 2.21
CA GLU A 74 -16.12 -16.24 3.13
C GLU A 74 -15.56 -17.47 2.40
N GLN A 75 -15.19 -18.48 3.12
CA GLN A 75 -14.63 -19.70 2.47
C GLN A 75 -15.77 -20.59 1.94
N GLY A 76 -16.84 -20.68 2.68
CA GLY A 76 -17.98 -21.53 2.22
C GLY A 76 -17.58 -23.00 2.31
N GLY A 77 -18.28 -23.87 1.62
CA GLY A 77 -17.94 -25.31 1.68
C GLY A 77 -19.08 -26.08 2.35
N ALA A 1 -8.39 -4.99 8.90
CA ALA A 1 -9.59 -4.17 8.59
C ALA A 1 -9.18 -2.75 8.18
N LYS A 2 -8.56 -2.03 9.07
CA LYS A 2 -8.13 -0.64 8.73
C LYS A 2 -6.78 -0.66 7.99
N GLN A 3 -6.17 0.47 7.82
CA GLN A 3 -4.86 0.51 7.11
C GLN A 3 -5.00 0.02 5.67
N ASP A 4 -4.74 0.86 4.71
CA ASP A 4 -4.85 0.44 3.28
C ASP A 4 -3.52 0.56 2.59
N TYR A 5 -3.17 -0.44 1.85
CA TYR A 5 -1.89 -0.40 1.12
C TYR A 5 -2.16 -0.11 -0.36
N TYR A 6 -3.25 -0.57 -0.88
CA TYR A 6 -3.55 -0.21 -2.28
C TYR A 6 -3.80 1.30 -2.28
N GLU A 7 -4.15 1.83 -1.13
CA GLU A 7 -4.34 3.29 -0.99
C GLU A 7 -2.99 3.90 -0.62
N ILE A 8 -2.16 3.15 0.07
CA ILE A 8 -0.82 3.67 0.45
C ILE A 8 -0.20 4.35 -0.76
N LEU A 9 -0.25 3.65 -1.84
CA LEU A 9 0.31 4.16 -3.13
C LEU A 9 -0.73 5.01 -3.83
N GLY A 10 -1.96 4.84 -3.46
CA GLY A 10 -3.05 5.62 -4.10
C GLY A 10 -3.51 4.82 -5.32
N VAL A 11 -3.17 3.56 -5.38
CA VAL A 11 -3.59 2.73 -6.55
C VAL A 11 -4.96 2.11 -6.28
N SER A 12 -5.40 1.26 -7.17
CA SER A 12 -6.71 0.59 -6.98
C SER A 12 -6.50 -0.62 -6.08
N LYS A 13 -7.45 -0.92 -5.24
CA LYS A 13 -7.28 -2.11 -4.36
C LYS A 13 -6.87 -3.30 -5.22
N THR A 14 -7.14 -3.23 -6.49
CA THR A 14 -6.77 -4.34 -7.40
C THR A 14 -5.57 -3.91 -8.26
N ALA A 15 -4.90 -2.84 -7.88
CA ALA A 15 -3.72 -2.36 -8.64
C ALA A 15 -2.68 -3.46 -8.79
N GLU A 16 -1.43 -3.09 -8.75
CA GLU A 16 -0.34 -4.09 -8.87
C GLU A 16 0.93 -3.52 -8.23
N GLU A 17 2.08 -3.81 -8.78
CA GLU A 17 3.35 -3.28 -8.19
C GLU A 17 3.74 -1.91 -8.78
N ARG A 18 4.17 -1.90 -10.02
CA ARG A 18 4.59 -0.62 -10.68
C ARG A 18 3.69 0.56 -10.32
N GLU A 19 2.41 0.44 -10.49
CA GLU A 19 1.50 1.56 -10.16
C GLU A 19 1.56 1.82 -8.67
N ILE A 20 1.96 0.82 -7.93
CA ILE A 20 2.09 1.00 -6.47
C ILE A 20 3.48 1.54 -6.18
N ARG A 21 4.49 0.93 -6.74
CA ARG A 21 5.86 1.46 -6.49
C ARG A 21 5.90 2.85 -7.11
N LYS A 22 5.29 3.01 -8.24
CA LYS A 22 5.23 4.34 -8.88
C LYS A 22 4.72 5.37 -7.87
N ALA A 23 3.66 5.03 -7.20
CA ALA A 23 3.08 5.95 -6.18
C ALA A 23 4.04 6.12 -4.99
N TYR A 24 4.81 5.12 -4.67
CA TYR A 24 5.77 5.26 -3.54
C TYR A 24 7.00 5.96 -4.07
N LYS A 25 7.46 5.56 -5.22
CA LYS A 25 8.64 6.21 -5.81
C LYS A 25 8.25 7.62 -6.28
N ARG A 26 6.98 7.93 -6.26
CA ARG A 26 6.55 9.29 -6.68
C ARG A 26 6.59 10.24 -5.48
N LEU A 27 5.96 9.89 -4.40
CA LEU A 27 5.99 10.77 -3.20
C LEU A 27 7.31 10.56 -2.45
N ALA A 28 7.71 9.34 -2.34
CA ALA A 28 8.95 9.01 -1.62
C ALA A 28 10.18 9.61 -2.30
N MET A 29 10.23 9.59 -3.61
CA MET A 29 11.43 10.20 -4.26
C MET A 29 11.51 11.66 -3.81
N LYS A 30 10.38 12.28 -3.61
CA LYS A 30 10.37 13.69 -3.13
C LYS A 30 10.38 13.70 -1.59
N TYR A 31 10.10 12.57 -0.98
CA TYR A 31 10.09 12.51 0.51
C TYR A 31 11.35 11.83 1.03
N HIS A 32 12.30 11.64 0.17
CA HIS A 32 13.59 10.98 0.54
C HIS A 32 14.23 11.69 1.75
N PRO A 33 15.53 11.68 1.88
CA PRO A 33 16.15 12.32 3.05
C PRO A 33 15.97 13.84 3.00
N ASP A 34 14.74 14.26 2.85
CA ASP A 34 14.41 15.70 2.81
C ASP A 34 13.71 16.03 4.13
N ARG A 35 12.94 15.09 4.60
CA ARG A 35 12.24 15.26 5.89
C ARG A 35 12.33 13.96 6.68
N ASN A 36 12.42 12.83 6.00
CA ASN A 36 12.54 11.52 6.73
C ASN A 36 13.48 11.70 7.92
N GLN A 37 14.43 12.59 7.79
CA GLN A 37 15.40 12.82 8.90
C GLN A 37 14.64 13.09 10.20
N GLY A 38 13.39 13.50 10.09
CA GLY A 38 12.58 13.77 11.32
C GLY A 38 11.49 12.71 11.43
N ASP A 39 11.84 11.47 11.25
CA ASP A 39 10.83 10.38 11.33
C ASP A 39 10.71 9.87 12.77
N LYS A 40 10.19 10.67 13.66
CA LYS A 40 10.02 10.23 15.07
C LYS A 40 8.69 9.50 15.27
N GLU A 41 8.09 9.08 14.19
CA GLU A 41 6.78 8.38 14.29
C GLU A 41 6.26 8.05 12.89
N ALA A 42 6.13 9.07 12.06
CA ALA A 42 5.67 8.81 10.68
C ALA A 42 6.69 7.93 9.97
N GLU A 43 7.85 7.77 10.55
CA GLU A 43 8.90 6.90 9.92
C GLU A 43 8.28 5.69 9.29
N ALA A 44 7.29 5.16 9.93
CA ALA A 44 6.69 3.94 9.40
C ALA A 44 5.94 4.21 8.12
N LYS A 45 5.09 5.20 8.10
CA LYS A 45 4.33 5.50 6.85
C LYS A 45 5.29 5.40 5.66
N PHE A 46 6.55 5.65 5.89
CA PHE A 46 7.54 5.56 4.78
C PHE A 46 7.70 4.10 4.34
N LYS A 47 7.97 3.21 5.25
CA LYS A 47 8.10 1.79 4.86
C LYS A 47 6.71 1.16 4.84
N GLU A 48 5.83 1.67 5.64
CA GLU A 48 4.43 1.16 5.65
C GLU A 48 4.00 1.07 4.20
N ILE A 49 4.40 2.05 3.46
CA ILE A 49 4.09 2.09 2.02
C ILE A 49 4.86 0.98 1.31
N LYS A 50 6.13 0.92 1.58
CA LYS A 50 6.98 -0.11 0.95
C LYS A 50 6.48 -1.50 1.37
N GLU A 51 5.92 -1.58 2.55
CA GLU A 51 5.39 -2.88 3.03
C GLU A 51 4.24 -3.34 2.11
N ALA A 52 3.36 -2.44 1.79
CA ALA A 52 2.20 -2.76 0.89
C ALA A 52 2.60 -3.78 -0.18
N TYR A 53 3.82 -3.78 -0.59
CA TYR A 53 4.25 -4.75 -1.64
C TYR A 53 4.00 -6.18 -1.15
N GLU A 54 4.14 -6.42 0.11
CA GLU A 54 3.87 -7.78 0.63
C GLU A 54 2.45 -8.16 0.26
N VAL A 55 1.66 -7.18 -0.06
CA VAL A 55 0.25 -7.46 -0.38
C VAL A 55 -0.01 -7.35 -1.90
N LEU A 56 0.22 -6.21 -2.48
CA LEU A 56 -0.07 -6.06 -3.94
C LEU A 56 0.98 -6.74 -4.83
N THR A 57 2.21 -6.86 -4.38
CA THR A 57 3.22 -7.53 -5.26
C THR A 57 3.20 -9.03 -4.97
N ASP A 58 2.08 -9.53 -4.50
CA ASP A 58 1.94 -10.99 -4.21
C ASP A 58 0.53 -11.41 -4.56
N SER A 59 0.41 -12.28 -5.51
CA SER A 59 -0.93 -12.71 -5.94
C SER A 59 -1.78 -13.20 -4.76
N GLN A 60 -1.19 -13.46 -3.64
CA GLN A 60 -1.98 -13.95 -2.47
C GLN A 60 -2.83 -12.82 -1.85
N LYS A 61 -2.21 -11.72 -1.52
CA LYS A 61 -2.98 -10.59 -0.91
C LYS A 61 -3.78 -9.82 -1.95
N ARG A 62 -3.18 -9.45 -3.04
CA ARG A 62 -3.96 -8.70 -4.07
C ARG A 62 -5.22 -9.51 -4.44
N ALA A 63 -5.16 -10.79 -4.22
CA ALA A 63 -6.35 -11.64 -4.51
C ALA A 63 -7.25 -11.64 -3.27
N ALA A 64 -6.66 -11.35 -2.14
CA ALA A 64 -7.44 -11.29 -0.88
C ALA A 64 -8.03 -9.89 -0.75
N TYR A 65 -7.24 -8.88 -1.01
CA TYR A 65 -7.76 -7.50 -0.92
C TYR A 65 -8.92 -7.31 -1.90
N ASP A 66 -8.75 -7.75 -3.12
CA ASP A 66 -9.85 -7.62 -4.12
C ASP A 66 -11.12 -8.29 -3.58
N GLN A 67 -10.97 -9.23 -2.69
CA GLN A 67 -12.16 -9.94 -2.13
C GLN A 67 -12.66 -9.22 -0.88
N TYR A 68 -11.90 -8.27 -0.40
CA TYR A 68 -12.33 -7.53 0.84
C TYR A 68 -12.56 -8.52 1.98
N GLY A 69 -11.71 -9.51 2.11
CA GLY A 69 -11.90 -10.50 3.20
C GLY A 69 -12.52 -11.77 2.61
N HIS A 70 -12.46 -12.86 3.32
CA HIS A 70 -13.04 -14.12 2.79
C HIS A 70 -14.57 -14.05 2.85
N ALA A 71 -15.10 -12.98 3.37
CA ALA A 71 -16.59 -12.85 3.45
C ALA A 71 -17.19 -12.78 2.05
N ALA A 72 -16.54 -12.08 1.15
CA ALA A 72 -17.08 -11.98 -0.24
C ALA A 72 -17.11 -13.35 -0.91
N PHE A 73 -16.45 -14.33 -0.33
CA PHE A 73 -16.45 -15.68 -0.94
C PHE A 73 -17.31 -16.64 -0.12
N GLU A 74 -17.41 -16.43 1.16
CA GLU A 74 -18.22 -17.34 2.01
C GLU A 74 -18.98 -16.53 3.07
N GLN A 75 -19.76 -17.20 3.89
CA GLN A 75 -20.53 -16.47 4.94
C GLN A 75 -20.23 -17.07 6.32
N GLY A 76 -20.46 -16.33 7.36
CA GLY A 76 -20.18 -16.85 8.73
C GLY A 76 -21.20 -17.94 9.08
N GLY A 77 -20.97 -18.66 10.14
CA GLY A 77 -21.93 -19.73 10.54
C GLY A 77 -22.85 -19.21 11.66
N ALA A 1 -0.10 1.86 13.50
CA ALA A 1 -1.24 2.42 12.71
C ALA A 1 -1.18 1.91 11.26
N LYS A 2 -1.98 0.93 10.94
CA LYS A 2 -1.97 0.38 9.55
C LYS A 2 -3.11 1.01 8.74
N GLN A 3 -3.03 0.96 7.44
CA GLN A 3 -4.11 1.55 6.61
C GLN A 3 -4.53 0.56 5.52
N ASP A 4 -4.84 1.04 4.35
CA ASP A 4 -5.27 0.13 3.25
C ASP A 4 -4.17 -0.06 2.23
N TYR A 5 -2.96 -0.29 2.67
CA TYR A 5 -1.81 -0.54 1.75
C TYR A 5 -2.10 -0.02 0.33
N TYR A 6 -2.90 -0.72 -0.44
CA TYR A 6 -3.24 -0.22 -1.79
C TYR A 6 -3.53 1.28 -1.67
N GLU A 7 -4.06 1.70 -0.56
CA GLU A 7 -4.31 3.14 -0.33
C GLU A 7 -3.04 3.75 0.28
N ILE A 8 -2.35 2.98 1.07
CA ILE A 8 -1.08 3.46 1.70
C ILE A 8 -0.20 4.12 0.63
N LEU A 9 -0.04 3.44 -0.47
CA LEU A 9 0.80 3.98 -1.58
C LEU A 9 -0.01 5.04 -2.34
N GLY A 10 -1.29 5.06 -2.12
CA GLY A 10 -2.15 6.06 -2.81
C GLY A 10 -2.79 5.39 -4.03
N VAL A 11 -2.90 4.09 -4.01
CA VAL A 11 -3.49 3.38 -5.19
C VAL A 11 -4.80 2.69 -4.82
N SER A 12 -5.46 2.12 -5.80
CA SER A 12 -6.72 1.38 -5.53
C SER A 12 -6.39 -0.01 -5.00
N LYS A 13 -7.32 -0.64 -4.33
CA LYS A 13 -7.04 -2.00 -3.79
C LYS A 13 -6.61 -2.95 -4.91
N THR A 14 -6.84 -2.57 -6.13
CA THR A 14 -6.42 -3.43 -7.28
C THR A 14 -5.39 -2.67 -8.13
N ALA A 15 -4.96 -1.54 -7.65
CA ALA A 15 -3.96 -0.72 -8.39
C ALA A 15 -2.91 -1.55 -9.12
N GLU A 16 -2.65 -2.71 -8.64
CA GLU A 16 -1.59 -3.56 -9.26
C GLU A 16 -0.23 -3.00 -8.83
N GLU A 17 0.71 -3.86 -8.58
CA GLU A 17 2.07 -3.42 -8.11
C GLU A 17 2.77 -2.44 -9.08
N ARG A 18 2.19 -2.09 -10.19
CA ARG A 18 2.91 -1.14 -11.12
C ARG A 18 2.65 0.32 -10.74
N GLU A 19 1.51 0.62 -10.18
CA GLU A 19 1.24 2.01 -9.77
C GLU A 19 1.48 2.09 -8.26
N ILE A 20 1.59 0.95 -7.63
CA ILE A 20 1.88 0.93 -6.18
C ILE A 20 3.37 1.21 -6.05
N ARG A 21 4.17 0.39 -6.68
CA ARG A 21 5.63 0.63 -6.66
C ARG A 21 5.84 2.08 -7.06
N LYS A 22 4.95 2.55 -7.90
CA LYS A 22 5.00 3.95 -8.38
C LYS A 22 4.43 4.90 -7.32
N ALA A 23 3.29 4.58 -6.78
CA ALA A 23 2.68 5.46 -5.74
C ALA A 23 3.72 5.82 -4.70
N TYR A 24 4.44 4.84 -4.23
CA TYR A 24 5.50 5.12 -3.24
C TYR A 24 6.61 5.86 -3.96
N LYS A 25 6.97 5.38 -5.12
CA LYS A 25 8.02 6.05 -5.93
C LYS A 25 7.70 7.54 -6.04
N ARG A 26 6.45 7.87 -6.15
CA ARG A 26 6.05 9.29 -6.28
C ARG A 26 6.33 10.06 -4.98
N LEU A 27 5.84 9.57 -3.87
CA LEU A 27 6.06 10.25 -2.57
C LEU A 27 7.45 9.92 -2.05
N ALA A 28 7.92 8.75 -2.34
CA ALA A 28 9.25 8.32 -1.86
C ALA A 28 10.33 9.14 -2.56
N MET A 29 10.17 9.42 -3.83
CA MET A 29 11.18 10.26 -4.49
C MET A 29 11.15 11.61 -3.78
N LYS A 30 10.02 11.94 -3.21
CA LYS A 30 9.89 13.21 -2.45
C LYS A 30 10.30 12.94 -1.00
N TYR A 31 10.26 11.69 -0.60
CA TYR A 31 10.64 11.34 0.79
C TYR A 31 11.92 10.51 0.80
N HIS A 32 12.68 10.68 -0.23
CA HIS A 32 13.98 9.96 -0.37
C HIS A 32 14.88 10.24 0.85
N PRO A 33 16.19 10.21 0.69
CA PRO A 33 17.08 10.43 1.87
C PRO A 33 16.89 11.83 2.47
N ASP A 34 15.68 12.11 2.88
CA ASP A 34 15.34 13.41 3.52
C ASP A 34 14.49 13.12 4.76
N ARG A 35 13.69 12.09 4.69
CA ARG A 35 12.85 11.68 5.84
C ARG A 35 13.42 10.38 6.37
N ASN A 36 14.08 9.65 5.49
CA ASN A 36 14.70 8.36 5.87
C ASN A 36 15.54 8.54 7.14
N GLN A 37 15.86 9.76 7.47
CA GLN A 37 16.66 10.03 8.69
C GLN A 37 15.79 9.85 9.95
N GLY A 38 14.62 9.30 9.82
CA GLY A 38 13.74 9.12 11.00
C GLY A 38 12.79 10.30 11.07
N ASP A 39 13.19 11.40 10.47
CA ASP A 39 12.32 12.62 10.46
C ASP A 39 11.54 12.75 11.78
N LYS A 40 10.27 13.06 11.70
CA LYS A 40 9.45 13.23 12.94
C LYS A 40 8.86 11.89 13.38
N GLU A 41 8.24 11.17 12.49
CA GLU A 41 7.61 9.87 12.88
C GLU A 41 6.83 9.32 11.69
N ALA A 42 6.31 10.17 10.87
CA ALA A 42 5.55 9.69 9.68
C ALA A 42 6.42 8.68 8.94
N GLU A 43 7.70 8.69 9.20
CA GLU A 43 8.64 7.73 8.56
C GLU A 43 7.95 6.40 8.30
N ALA A 44 7.28 5.92 9.30
CA ALA A 44 6.63 4.61 9.15
C ALA A 44 5.68 4.62 7.96
N LYS A 45 4.72 5.48 7.95
CA LYS A 45 3.79 5.51 6.79
C LYS A 45 4.60 5.54 5.50
N PHE A 46 5.81 6.04 5.55
CA PHE A 46 6.65 6.09 4.33
C PHE A 46 7.20 4.70 4.01
N LYS A 47 7.69 3.99 4.99
CA LYS A 47 8.20 2.63 4.70
C LYS A 47 7.03 1.64 4.82
N GLU A 48 5.97 2.07 5.44
CA GLU A 48 4.77 1.21 5.57
C GLU A 48 4.28 0.92 4.17
N ILE A 49 4.47 1.89 3.33
CA ILE A 49 4.06 1.75 1.90
C ILE A 49 4.87 0.62 1.28
N LYS A 50 6.14 0.63 1.53
CA LYS A 50 7.02 -0.44 0.97
C LYS A 50 6.50 -1.82 1.38
N GLU A 51 5.87 -1.92 2.53
CA GLU A 51 5.33 -3.22 2.98
C GLU A 51 4.14 -3.62 2.11
N ALA A 52 3.31 -2.67 1.75
CA ALA A 52 2.13 -2.98 0.88
C ALA A 52 2.51 -4.02 -0.16
N TYR A 53 3.72 -3.98 -0.63
CA TYR A 53 4.16 -4.97 -1.66
C TYR A 53 3.89 -6.39 -1.18
N GLU A 54 4.13 -6.68 0.06
CA GLU A 54 3.85 -8.05 0.57
C GLU A 54 2.38 -8.35 0.37
N VAL A 55 1.60 -7.34 0.13
CA VAL A 55 0.16 -7.57 -0.06
C VAL A 55 -0.20 -7.56 -1.56
N LEU A 56 0.09 -6.50 -2.24
CA LEU A 56 -0.27 -6.42 -3.69
C LEU A 56 0.76 -7.11 -4.59
N THR A 57 2.01 -7.19 -4.19
CA THR A 57 3.00 -7.86 -5.08
C THR A 57 3.03 -9.36 -4.78
N ASP A 58 1.93 -9.88 -4.33
CA ASP A 58 1.84 -11.34 -4.02
C ASP A 58 0.42 -11.79 -4.27
N SER A 59 0.26 -12.71 -5.16
CA SER A 59 -1.10 -13.19 -5.50
C SER A 59 -1.93 -13.41 -4.23
N GLN A 60 -1.30 -13.64 -3.11
CA GLN A 60 -2.07 -13.88 -1.85
C GLN A 60 -2.95 -12.67 -1.52
N LYS A 61 -2.36 -11.59 -1.07
CA LYS A 61 -3.18 -10.39 -0.70
C LYS A 61 -3.59 -9.60 -1.94
N ARG A 62 -2.77 -9.54 -2.94
CA ARG A 62 -3.17 -8.75 -4.14
C ARG A 62 -4.39 -9.38 -4.78
N ALA A 63 -4.51 -10.67 -4.69
CA ALA A 63 -5.70 -11.36 -5.27
C ALA A 63 -6.79 -11.41 -4.20
N ALA A 64 -6.40 -11.29 -2.96
CA ALA A 64 -7.39 -11.35 -1.85
C ALA A 64 -7.91 -9.93 -1.52
N TYR A 65 -7.02 -8.98 -1.42
CA TYR A 65 -7.46 -7.59 -1.08
C TYR A 65 -8.27 -6.98 -2.21
N ASP A 66 -8.02 -7.36 -3.44
CA ASP A 66 -8.81 -6.78 -4.57
C ASP A 66 -10.30 -6.92 -4.27
N GLN A 67 -10.68 -7.93 -3.53
CA GLN A 67 -12.12 -8.11 -3.20
C GLN A 67 -12.31 -8.09 -1.67
N TYR A 68 -11.29 -7.71 -0.94
CA TYR A 68 -11.42 -7.68 0.54
C TYR A 68 -11.97 -9.02 1.05
N GLY A 69 -11.75 -10.07 0.32
CA GLY A 69 -12.27 -11.39 0.75
C GLY A 69 -13.68 -11.58 0.17
N HIS A 70 -13.99 -12.75 -0.30
CA HIS A 70 -15.33 -12.98 -0.88
C HIS A 70 -16.42 -12.43 0.07
N ALA A 71 -16.10 -12.29 1.32
CA ALA A 71 -17.11 -11.77 2.29
C ALA A 71 -17.80 -10.53 1.71
N ALA A 72 -17.06 -9.67 1.07
CA ALA A 72 -17.68 -8.46 0.47
C ALA A 72 -18.76 -8.87 -0.53
N PHE A 73 -18.75 -10.11 -0.94
CA PHE A 73 -19.77 -10.59 -1.91
C PHE A 73 -20.52 -11.81 -1.35
N GLU A 74 -20.40 -12.03 -0.07
CA GLU A 74 -21.10 -13.20 0.55
C GLU A 74 -20.59 -14.51 -0.07
N GLN A 75 -21.42 -15.51 -0.12
CA GLN A 75 -21.00 -16.81 -0.71
C GLN A 75 -22.13 -17.41 -1.54
N GLY A 76 -22.33 -18.69 -1.46
CA GLY A 76 -23.43 -19.33 -2.25
C GLY A 76 -24.21 -20.29 -1.35
N GLY A 77 -25.09 -19.77 -0.53
CA GLY A 77 -25.88 -20.65 0.36
C GLY A 77 -26.52 -21.78 -0.44
N ALA A 1 -9.56 4.12 10.51
CA ALA A 1 -8.64 3.56 9.49
C ALA A 1 -9.05 4.03 8.09
N LYS A 2 -8.34 4.99 7.55
CA LYS A 2 -8.68 5.49 6.19
C LYS A 2 -7.55 5.18 5.20
N GLN A 3 -6.81 4.13 5.44
CA GLN A 3 -5.70 3.77 4.52
C GLN A 3 -5.67 2.26 4.27
N ASP A 4 -4.89 1.80 3.34
CA ASP A 4 -4.83 0.34 3.08
C ASP A 4 -3.90 0.06 1.90
N TYR A 5 -2.64 -0.15 2.20
CA TYR A 5 -1.61 -0.44 1.15
C TYR A 5 -2.06 0.05 -0.22
N TYR A 6 -2.93 -0.66 -0.90
CA TYR A 6 -3.42 -0.17 -2.21
C TYR A 6 -3.75 1.32 -2.06
N GLU A 7 -4.18 1.72 -0.89
CA GLU A 7 -4.46 3.15 -0.66
C GLU A 7 -3.15 3.81 -0.20
N ILE A 8 -2.35 3.05 0.49
CA ILE A 8 -1.03 3.56 0.98
C ILE A 8 -0.24 4.14 -0.19
N LEU A 9 -0.18 3.39 -1.26
CA LEU A 9 0.56 3.85 -2.48
C LEU A 9 -0.33 4.78 -3.29
N GLY A 10 -1.54 5.02 -2.84
CA GLY A 10 -2.45 5.92 -3.58
C GLY A 10 -3.07 5.16 -4.75
N VAL A 11 -2.92 3.86 -4.80
CA VAL A 11 -3.50 3.09 -5.94
C VAL A 11 -4.86 2.52 -5.54
N SER A 12 -5.50 1.86 -6.46
CA SER A 12 -6.81 1.24 -6.14
C SER A 12 -6.59 -0.15 -5.58
N LYS A 13 -7.45 -0.61 -4.72
CA LYS A 13 -7.26 -1.98 -4.18
C LYS A 13 -7.10 -2.94 -5.37
N THR A 14 -7.54 -2.52 -6.52
CA THR A 14 -7.42 -3.36 -7.73
C THR A 14 -6.26 -2.86 -8.58
N ALA A 15 -5.44 -1.97 -8.04
CA ALA A 15 -4.29 -1.44 -8.80
C ALA A 15 -3.40 -2.57 -9.33
N GLU A 16 -2.11 -2.37 -9.28
CA GLU A 16 -1.17 -3.41 -9.75
C GLU A 16 0.19 -3.15 -9.11
N GLU A 17 1.22 -3.76 -9.62
CA GLU A 17 2.59 -3.57 -9.04
C GLU A 17 3.34 -2.40 -9.68
N ARG A 18 2.94 -1.96 -10.85
CA ARG A 18 3.69 -0.86 -11.53
C ARG A 18 3.23 0.53 -11.07
N GLU A 19 2.06 0.64 -10.51
CA GLU A 19 1.58 1.94 -10.02
C GLU A 19 1.77 1.97 -8.50
N ILE A 20 1.97 0.82 -7.92
CA ILE A 20 2.20 0.74 -6.46
C ILE A 20 3.68 1.02 -6.21
N ARG A 21 4.54 0.36 -6.92
CA ARG A 21 5.99 0.64 -6.77
C ARG A 21 6.18 2.11 -7.08
N LYS A 22 5.42 2.58 -8.02
CA LYS A 22 5.46 3.99 -8.45
C LYS A 22 5.09 4.92 -7.26
N ALA A 23 3.99 4.66 -6.63
CA ALA A 23 3.58 5.52 -5.48
C ALA A 23 4.77 5.75 -4.55
N TYR A 24 5.34 4.69 -4.08
CA TYR A 24 6.52 4.81 -3.18
C TYR A 24 7.64 5.47 -3.96
N LYS A 25 7.50 5.47 -5.24
CA LYS A 25 8.53 6.08 -6.12
C LYS A 25 8.24 7.58 -6.30
N ARG A 26 7.07 7.91 -6.74
CA ARG A 26 6.72 9.34 -6.94
C ARG A 26 6.29 9.99 -5.62
N LEU A 27 5.67 9.25 -4.74
CA LEU A 27 5.24 9.84 -3.45
C LEU A 27 6.42 9.93 -2.49
N ALA A 28 7.33 9.00 -2.56
CA ALA A 28 8.48 9.04 -1.63
C ALA A 28 9.55 9.99 -2.17
N MET A 29 9.78 9.97 -3.45
CA MET A 29 10.77 10.91 -4.01
C MET A 29 10.36 12.31 -3.58
N LYS A 30 9.09 12.52 -3.39
CA LYS A 30 8.59 13.85 -2.94
C LYS A 30 8.58 13.90 -1.42
N TYR A 31 8.62 12.76 -0.78
CA TYR A 31 8.63 12.72 0.71
C TYR A 31 9.96 12.17 1.21
N HIS A 32 10.93 12.15 0.36
CA HIS A 32 12.28 11.64 0.71
C HIS A 32 12.83 12.41 1.91
N PRO A 33 14.13 12.59 2.01
CA PRO A 33 14.67 13.29 3.20
C PRO A 33 14.24 14.76 3.23
N ASP A 34 12.96 14.99 3.14
CA ASP A 34 12.42 16.37 3.21
C ASP A 34 11.66 16.50 4.52
N ARG A 35 10.90 15.50 4.86
CA ARG A 35 10.15 15.50 6.14
C ARG A 35 10.26 14.11 6.78
N ASN A 36 10.42 13.07 5.98
CA ASN A 36 10.52 11.70 6.54
C ASN A 36 11.46 11.69 7.74
N GLN A 37 12.35 12.65 7.81
CA GLN A 37 13.30 12.70 8.96
C GLN A 37 12.57 12.32 10.26
N GLY A 38 11.28 12.57 10.31
CA GLY A 38 10.52 12.22 11.54
C GLY A 38 10.38 10.70 11.62
N ASP A 39 11.47 10.00 11.76
CA ASP A 39 11.40 8.50 11.84
C ASP A 39 10.51 8.07 13.01
N LYS A 40 10.22 8.97 13.91
CA LYS A 40 9.35 8.62 15.07
C LYS A 40 7.88 8.80 14.72
N GLU A 41 7.56 8.68 13.46
CA GLU A 41 6.13 8.87 13.04
C GLU A 41 6.05 8.76 11.52
N ALA A 42 7.04 9.25 10.83
CA ALA A 42 7.03 9.15 9.34
C ALA A 42 7.66 7.81 8.95
N GLU A 43 8.36 7.20 9.87
CA GLU A 43 9.00 5.88 9.55
C GLU A 43 7.97 4.93 8.98
N ALA A 44 6.90 4.76 9.69
CA ALA A 44 5.89 3.81 9.23
C ALA A 44 5.49 4.10 7.79
N LYS A 45 5.01 5.27 7.53
CA LYS A 45 4.62 5.59 6.13
C LYS A 45 5.71 5.08 5.17
N PHE A 46 6.93 5.07 5.62
CA PHE A 46 8.03 4.57 4.73
C PHE A 46 7.87 3.07 4.51
N LYS A 47 7.70 2.30 5.55
CA LYS A 47 7.52 0.84 5.33
C LYS A 47 6.04 0.53 5.12
N GLU A 48 5.18 1.35 5.65
CA GLU A 48 3.72 1.12 5.42
C GLU A 48 3.52 1.05 3.93
N ILE A 49 4.30 1.80 3.23
CA ILE A 49 4.25 1.83 1.75
C ILE A 49 5.04 0.67 1.18
N LYS A 50 6.24 0.50 1.66
CA LYS A 50 7.08 -0.62 1.15
C LYS A 50 6.47 -1.96 1.57
N GLU A 51 5.90 -2.00 2.74
CA GLU A 51 5.27 -3.26 3.24
C GLU A 51 4.03 -3.57 2.39
N ALA A 52 3.29 -2.55 2.04
CA ALA A 52 2.07 -2.77 1.20
C ALA A 52 2.39 -3.79 0.12
N TYR A 53 3.62 -3.87 -0.27
CA TYR A 53 4.01 -4.85 -1.31
C TYR A 53 3.69 -6.25 -0.83
N GLU A 54 4.04 -6.58 0.38
CA GLU A 54 3.72 -7.93 0.91
C GLU A 54 2.27 -8.21 0.60
N VAL A 55 1.49 -7.18 0.47
CA VAL A 55 0.06 -7.37 0.19
C VAL A 55 -0.21 -7.26 -1.32
N LEU A 56 0.29 -6.24 -1.97
CA LEU A 56 -0.01 -6.11 -3.42
C LEU A 56 1.02 -6.87 -4.31
N THR A 57 2.21 -7.16 -3.81
CA THR A 57 3.19 -7.91 -4.67
C THR A 57 3.00 -9.41 -4.49
N ASP A 58 1.78 -9.86 -4.32
CA ASP A 58 1.55 -11.33 -4.15
C ASP A 58 0.19 -11.70 -4.66
N SER A 59 0.17 -12.52 -5.67
CA SER A 59 -1.11 -12.93 -6.26
C SER A 59 -2.17 -13.19 -5.18
N GLN A 60 -1.82 -13.92 -4.16
CA GLN A 60 -2.81 -14.20 -3.08
C GLN A 60 -3.23 -12.90 -2.39
N LYS A 61 -2.27 -12.13 -1.94
CA LYS A 61 -2.58 -10.85 -1.27
C LYS A 61 -3.29 -9.89 -2.22
N ARG A 62 -2.72 -9.62 -3.34
CA ARG A 62 -3.38 -8.67 -4.27
C ARG A 62 -4.71 -9.25 -4.76
N ALA A 63 -4.86 -10.53 -4.70
CA ALA A 63 -6.15 -11.14 -5.15
C ALA A 63 -7.11 -11.17 -3.97
N ALA A 64 -6.56 -11.16 -2.79
CA ALA A 64 -7.40 -11.17 -1.56
C ALA A 64 -7.72 -9.74 -1.12
N TYR A 65 -6.72 -8.91 -1.02
CA TYR A 65 -6.95 -7.50 -0.58
C TYR A 65 -7.76 -6.72 -1.63
N ASP A 66 -7.85 -7.23 -2.84
CA ASP A 66 -8.64 -6.50 -3.86
C ASP A 66 -10.11 -6.43 -3.44
N GLN A 67 -10.53 -7.33 -2.60
CA GLN A 67 -11.95 -7.32 -2.14
C GLN A 67 -11.99 -7.10 -0.62
N TYR A 68 -10.88 -6.69 -0.06
CA TYR A 68 -10.84 -6.45 1.41
C TYR A 68 -11.30 -7.71 2.14
N GLY A 69 -11.22 -8.84 1.49
CA GLY A 69 -11.66 -10.10 2.14
C GLY A 69 -13.10 -10.39 1.71
N HIS A 70 -13.56 -11.59 1.89
CA HIS A 70 -14.96 -11.90 1.48
C HIS A 70 -15.95 -11.17 2.39
N ALA A 71 -15.46 -10.48 3.39
CA ALA A 71 -16.37 -9.73 4.31
C ALA A 71 -16.93 -8.50 3.59
N ALA A 72 -16.15 -7.87 2.74
CA ALA A 72 -16.65 -6.67 2.03
C ALA A 72 -17.96 -7.01 1.32
N PHE A 73 -18.19 -8.26 1.06
CA PHE A 73 -19.45 -8.67 0.39
C PHE A 73 -20.50 -9.04 1.43
N GLU A 74 -20.07 -9.28 2.64
CA GLU A 74 -21.03 -9.64 3.71
C GLU A 74 -21.79 -10.92 3.33
N GLN A 75 -21.40 -12.04 3.87
CA GLN A 75 -22.10 -13.32 3.53
C GLN A 75 -23.61 -13.10 3.55
N GLY A 76 -24.12 -12.49 4.58
CA GLY A 76 -25.59 -12.26 4.67
C GLY A 76 -25.99 -12.08 6.14
N GLY A 77 -25.52 -11.04 6.77
CA GLY A 77 -25.88 -10.82 8.20
C GLY A 77 -24.61 -10.89 9.06
N ALA A 1 -12.57 8.36 5.10
CA ALA A 1 -11.56 7.29 5.37
C ALA A 1 -11.12 6.62 4.05
N LYS A 2 -9.85 6.67 3.76
CA LYS A 2 -9.37 6.03 2.50
C LYS A 2 -7.90 5.61 2.67
N GLN A 3 -7.63 4.72 3.58
CA GLN A 3 -6.23 4.26 3.79
C GLN A 3 -6.17 2.73 3.83
N ASP A 4 -5.49 2.13 2.90
CA ASP A 4 -5.39 0.65 2.88
C ASP A 4 -4.38 0.22 1.84
N TYR A 5 -3.14 0.04 2.26
CA TYR A 5 -2.04 -0.37 1.33
C TYR A 5 -2.35 0.00 -0.12
N TYR A 6 -3.18 -0.76 -0.80
CA TYR A 6 -3.53 -0.36 -2.19
C TYR A 6 -3.86 1.13 -2.19
N GLU A 7 -4.37 1.62 -1.08
CA GLU A 7 -4.65 3.07 -0.98
C GLU A 7 -3.38 3.76 -0.46
N ILE A 8 -2.63 3.05 0.36
CA ILE A 8 -1.36 3.63 0.89
C ILE A 8 -0.57 4.23 -0.27
N LEU A 9 -0.45 3.48 -1.32
CA LEU A 9 0.30 3.94 -2.52
C LEU A 9 -0.64 4.73 -3.43
N GLY A 10 -1.78 5.10 -2.92
CA GLY A 10 -2.75 5.87 -3.73
C GLY A 10 -3.27 5.02 -4.90
N VAL A 11 -3.11 3.72 -4.83
CA VAL A 11 -3.62 2.89 -5.96
C VAL A 11 -4.94 2.22 -5.59
N SER A 12 -5.48 1.45 -6.50
CA SER A 12 -6.76 0.75 -6.23
C SER A 12 -6.50 -0.60 -5.58
N LYS A 13 -7.41 -1.06 -4.78
CA LYS A 13 -7.21 -2.38 -4.13
C LYS A 13 -6.84 -3.41 -5.19
N THR A 14 -7.17 -3.12 -6.42
CA THR A 14 -6.84 -4.05 -7.52
C THR A 14 -5.71 -3.44 -8.38
N ALA A 15 -5.04 -2.44 -7.85
CA ALA A 15 -3.94 -1.76 -8.59
C ALA A 15 -2.90 -2.77 -9.13
N GLU A 16 -1.65 -2.47 -8.94
CA GLU A 16 -0.57 -3.37 -9.43
C GLU A 16 0.77 -2.88 -8.89
N GLU A 17 1.56 -3.77 -8.35
CA GLU A 17 2.88 -3.37 -7.78
C GLU A 17 3.56 -2.29 -8.62
N ARG A 18 3.27 -2.20 -9.89
CA ARG A 18 3.93 -1.16 -10.75
C ARG A 18 3.36 0.24 -10.48
N GLU A 19 2.14 0.32 -10.03
CA GLU A 19 1.54 1.65 -9.70
C GLU A 19 1.62 1.83 -8.19
N ILE A 20 1.94 0.76 -7.50
CA ILE A 20 2.09 0.85 -6.04
C ILE A 20 3.52 1.32 -5.78
N ARG A 21 4.48 0.59 -6.29
CA ARG A 21 5.89 1.04 -6.11
C ARG A 21 5.93 2.51 -6.52
N LYS A 22 5.15 2.83 -7.51
CA LYS A 22 5.06 4.21 -8.01
C LYS A 22 4.72 5.19 -6.88
N ALA A 23 3.69 4.91 -6.12
CA ALA A 23 3.31 5.82 -5.00
C ALA A 23 4.51 6.01 -4.07
N TYR A 24 5.16 4.93 -3.71
CA TYR A 24 6.36 5.03 -2.85
C TYR A 24 7.48 5.63 -3.70
N LYS A 25 7.25 5.68 -4.97
CA LYS A 25 8.24 6.26 -5.90
C LYS A 25 7.98 7.76 -6.06
N ARG A 26 6.73 8.13 -6.17
CA ARG A 26 6.38 9.57 -6.36
C ARG A 26 6.32 10.29 -5.02
N LEU A 27 5.80 9.65 -4.00
CA LEU A 27 5.71 10.31 -2.66
C LEU A 27 7.06 10.27 -1.97
N ALA A 28 7.83 9.25 -2.22
CA ALA A 28 9.16 9.16 -1.58
C ALA A 28 10.15 10.01 -2.35
N MET A 29 10.09 10.00 -3.65
CA MET A 29 11.02 10.88 -4.41
C MET A 29 10.76 12.31 -3.94
N LYS A 30 9.57 12.56 -3.47
CA LYS A 30 9.22 13.91 -2.95
C LYS A 30 9.60 13.98 -1.47
N TYR A 31 9.73 12.84 -0.84
CA TYR A 31 10.11 12.82 0.60
C TYR A 31 11.58 12.47 0.76
N HIS A 32 12.27 12.44 -0.34
CA HIS A 32 13.73 12.14 -0.38
C HIS A 32 14.51 12.97 0.67
N PRO A 33 15.78 13.22 0.45
CA PRO A 33 16.55 13.99 1.47
C PRO A 33 16.04 15.42 1.61
N ASP A 34 14.77 15.55 1.84
CA ASP A 34 14.16 16.89 2.05
C ASP A 34 13.76 16.96 3.52
N ARG A 35 13.19 15.89 4.00
CA ARG A 35 12.79 15.80 5.43
C ARG A 35 13.29 14.46 6.00
N ASN A 36 13.39 13.45 5.16
CA ASN A 36 13.86 12.12 5.64
C ASN A 36 15.03 12.31 6.61
N GLN A 37 15.79 13.35 6.46
CA GLN A 37 16.94 13.57 7.38
C GLN A 37 16.42 13.57 8.82
N GLY A 38 15.17 13.90 9.00
CA GLY A 38 14.58 13.91 10.36
C GLY A 38 13.35 13.00 10.37
N ASP A 39 13.38 11.95 9.59
CA ASP A 39 12.22 11.03 9.53
C ASP A 39 12.16 10.15 10.78
N LYS A 40 12.24 10.72 11.94
CA LYS A 40 12.18 9.91 13.19
C LYS A 40 10.72 9.73 13.62
N GLU A 41 9.85 9.62 12.68
CA GLU A 41 8.40 9.46 13.01
C GLU A 41 7.64 9.16 11.72
N ALA A 42 8.01 9.84 10.66
CA ALA A 42 7.35 9.57 9.36
C ALA A 42 7.99 8.33 8.75
N GLU A 43 9.13 7.93 9.25
CA GLU A 43 9.81 6.72 8.70
C GLU A 43 8.79 5.61 8.49
N ALA A 44 7.94 5.41 9.45
CA ALA A 44 6.96 4.31 9.32
C ALA A 44 6.13 4.49 8.06
N LYS A 45 5.43 5.58 7.93
CA LYS A 45 4.61 5.77 6.70
C LYS A 45 5.49 5.42 5.49
N PHE A 46 6.77 5.63 5.61
CA PHE A 46 7.68 5.31 4.48
C PHE A 46 7.72 3.82 4.22
N LYS A 47 7.93 3.01 5.23
CA LYS A 47 7.96 1.55 4.97
C LYS A 47 6.54 1.02 5.07
N GLU A 48 5.69 1.73 5.77
CA GLU A 48 4.27 1.32 5.87
C GLU A 48 3.80 1.11 4.45
N ILE A 49 4.31 1.92 3.59
CA ILE A 49 3.97 1.83 2.14
C ILE A 49 4.63 0.59 1.57
N LYS A 50 5.90 0.45 1.82
CA LYS A 50 6.64 -0.72 1.30
C LYS A 50 5.91 -2.00 1.71
N GLU A 51 5.51 -2.10 2.95
CA GLU A 51 4.78 -3.31 3.43
C GLU A 51 3.65 -3.63 2.45
N ALA A 52 2.90 -2.64 2.05
CA ALA A 52 1.79 -2.88 1.09
C ALA A 52 2.23 -3.88 0.03
N TYR A 53 3.50 -3.89 -0.30
CA TYR A 53 4.00 -4.84 -1.32
C TYR A 53 3.73 -6.27 -0.89
N GLU A 54 3.93 -6.58 0.36
CA GLU A 54 3.64 -7.96 0.83
C GLU A 54 2.20 -8.28 0.52
N VAL A 55 1.41 -7.27 0.29
CA VAL A 55 0.00 -7.51 -0.01
C VAL A 55 -0.24 -7.51 -1.53
N LEU A 56 0.06 -6.43 -2.18
CA LEU A 56 -0.20 -6.36 -3.66
C LEU A 56 0.90 -7.03 -4.48
N THR A 57 2.11 -7.09 -3.99
CA THR A 57 3.17 -7.76 -4.81
C THR A 57 3.21 -9.25 -4.47
N ASP A 58 2.08 -9.79 -4.08
CA ASP A 58 1.99 -11.24 -3.75
C ASP A 58 0.59 -11.73 -4.05
N SER A 59 0.48 -12.60 -5.00
CA SER A 59 -0.86 -13.09 -5.38
C SER A 59 -1.75 -13.34 -4.17
N GLN A 60 -1.22 -13.95 -3.14
CA GLN A 60 -2.04 -14.23 -1.93
C GLN A 60 -2.89 -13.01 -1.55
N LYS A 61 -2.27 -11.89 -1.28
CA LYS A 61 -3.03 -10.67 -0.88
C LYS A 61 -3.70 -10.00 -2.07
N ARG A 62 -2.95 -9.60 -3.05
CA ARG A 62 -3.56 -8.90 -4.20
C ARG A 62 -4.75 -9.69 -4.73
N ALA A 63 -4.73 -10.97 -4.53
CA ALA A 63 -5.88 -11.81 -4.99
C ALA A 63 -6.93 -11.84 -3.89
N ALA A 64 -6.50 -11.58 -2.67
CA ALA A 64 -7.45 -11.58 -1.53
C ALA A 64 -8.04 -10.20 -1.33
N TYR A 65 -7.21 -9.19 -1.31
CA TYR A 65 -7.75 -7.81 -1.10
C TYR A 65 -8.56 -7.35 -2.31
N ASP A 66 -8.30 -7.91 -3.46
CA ASP A 66 -9.08 -7.52 -4.66
C ASP A 66 -10.58 -7.56 -4.34
N GLN A 67 -10.99 -8.49 -3.52
CA GLN A 67 -12.43 -8.60 -3.15
C GLN A 67 -12.63 -8.19 -1.69
N TYR A 68 -11.57 -7.81 -1.01
CA TYR A 68 -11.70 -7.42 0.41
C TYR A 68 -12.28 -8.57 1.23
N GLY A 69 -12.07 -9.78 0.80
CA GLY A 69 -12.61 -10.95 1.55
C GLY A 69 -13.71 -11.61 0.73
N HIS A 70 -14.24 -12.71 1.21
CA HIS A 70 -15.31 -13.41 0.47
C HIS A 70 -16.66 -12.73 0.73
N ALA A 71 -16.65 -11.61 1.40
CA ALA A 71 -17.93 -10.89 1.68
C ALA A 71 -18.46 -10.25 0.40
N ALA A 72 -17.60 -9.72 -0.41
CA ALA A 72 -18.06 -9.09 -1.67
C ALA A 72 -18.92 -10.06 -2.47
N PHE A 73 -18.82 -11.33 -2.19
CA PHE A 73 -19.64 -12.33 -2.92
C PHE A 73 -20.35 -13.27 -1.95
N GLU A 74 -20.55 -12.82 -0.74
CA GLU A 74 -21.25 -13.67 0.28
C GLU A 74 -20.51 -15.00 0.44
N GLN A 75 -20.71 -15.67 1.54
CA GLN A 75 -20.01 -16.97 1.76
C GLN A 75 -20.34 -17.95 0.63
N GLY A 76 -21.59 -18.29 0.46
CA GLY A 76 -21.97 -19.24 -0.62
C GLY A 76 -23.07 -18.62 -1.48
N GLY A 77 -24.14 -18.20 -0.87
CA GLY A 77 -25.25 -17.58 -1.65
C GLY A 77 -25.22 -16.06 -1.49
N ALA A 1 -4.54 1.62 13.01
CA ALA A 1 -4.71 0.14 13.22
C ALA A 1 -5.61 -0.44 12.13
N LYS A 2 -5.92 0.33 11.12
CA LYS A 2 -6.80 -0.19 10.03
C LYS A 2 -6.69 0.70 8.80
N GLN A 3 -5.61 0.60 8.08
CA GLN A 3 -5.43 1.44 6.87
C GLN A 3 -5.55 0.58 5.60
N ASP A 4 -4.96 1.00 4.53
CA ASP A 4 -5.03 0.17 3.27
C ASP A 4 -3.82 0.44 2.40
N TYR A 5 -2.90 -0.47 2.46
CA TYR A 5 -1.67 -0.33 1.64
C TYR A 5 -2.04 0.07 0.21
N TYR A 6 -2.93 -0.66 -0.42
CA TYR A 6 -3.35 -0.26 -1.79
C TYR A 6 -3.63 1.23 -1.78
N GLU A 7 -4.09 1.73 -0.67
CA GLU A 7 -4.35 3.18 -0.55
C GLU A 7 -3.06 3.85 -0.07
N ILE A 8 -2.27 3.15 0.71
CA ILE A 8 -1.00 3.74 1.20
C ILE A 8 -0.20 4.28 0.01
N LEU A 9 -0.13 3.51 -1.03
CA LEU A 9 0.62 3.96 -2.24
C LEU A 9 -0.31 4.77 -3.14
N GLY A 10 -1.45 5.15 -2.63
CA GLY A 10 -2.40 5.95 -3.43
C GLY A 10 -3.05 5.10 -4.51
N VAL A 11 -2.96 3.79 -4.43
CA VAL A 11 -3.60 2.97 -5.50
C VAL A 11 -4.93 2.40 -5.01
N SER A 12 -5.62 1.70 -5.87
CA SER A 12 -6.91 1.09 -5.46
C SER A 12 -6.66 -0.30 -4.89
N LYS A 13 -7.50 -0.75 -4.00
CA LYS A 13 -7.29 -2.10 -3.43
C LYS A 13 -7.15 -3.10 -4.57
N THR A 14 -7.61 -2.72 -5.73
CA THR A 14 -7.50 -3.61 -6.92
C THR A 14 -6.34 -3.14 -7.80
N ALA A 15 -5.54 -2.21 -7.32
CA ALA A 15 -4.39 -1.71 -8.12
C ALA A 15 -3.49 -2.87 -8.56
N GLU A 16 -2.22 -2.62 -8.62
CA GLU A 16 -1.24 -3.68 -9.03
C GLU A 16 0.15 -3.33 -8.47
N GLU A 17 1.18 -3.50 -9.27
CA GLU A 17 2.56 -3.20 -8.78
C GLU A 17 2.97 -1.74 -9.06
N ARG A 18 3.36 -1.48 -10.28
CA ARG A 18 3.83 -0.10 -10.68
C ARG A 18 3.03 1.01 -10.01
N GLU A 19 1.74 0.98 -10.07
CA GLU A 19 0.92 2.05 -9.45
C GLU A 19 1.11 1.99 -7.94
N ILE A 20 1.49 0.84 -7.44
CA ILE A 20 1.73 0.70 -5.98
C ILE A 20 3.17 1.11 -5.69
N ARG A 21 4.10 0.67 -6.49
CA ARG A 21 5.51 1.10 -6.25
C ARG A 21 5.59 2.57 -6.64
N LYS A 22 4.85 2.94 -7.64
CA LYS A 22 4.83 4.35 -8.10
C LYS A 22 4.71 5.30 -6.89
N ALA A 23 3.82 5.01 -5.99
CA ALA A 23 3.65 5.91 -4.81
C ALA A 23 4.93 5.96 -3.96
N TYR A 24 5.48 4.82 -3.63
CA TYR A 24 6.71 4.81 -2.80
C TYR A 24 7.85 5.35 -3.64
N LYS A 25 7.72 5.29 -4.92
CA LYS A 25 8.78 5.81 -5.79
C LYS A 25 8.51 7.28 -6.11
N ARG A 26 7.27 7.63 -6.34
CA ARG A 26 6.93 9.04 -6.66
C ARG A 26 6.66 9.84 -5.37
N LEU A 27 6.14 9.23 -4.34
CA LEU A 27 5.89 9.97 -3.08
C LEU A 27 7.18 10.08 -2.27
N ALA A 28 7.99 9.05 -2.33
CA ALA A 28 9.25 9.05 -1.56
C ALA A 28 10.26 9.96 -2.25
N MET A 29 10.35 9.91 -3.55
CA MET A 29 11.29 10.82 -4.23
C MET A 29 10.91 12.24 -3.83
N LYS A 30 9.65 12.44 -3.53
CA LYS A 30 9.17 13.78 -3.09
C LYS A 30 9.30 13.89 -1.57
N TYR A 31 9.44 12.78 -0.90
CA TYR A 31 9.54 12.81 0.60
C TYR A 31 10.95 12.47 1.06
N HIS A 32 11.86 12.42 0.14
CA HIS A 32 13.28 12.12 0.47
C HIS A 32 13.77 13.10 1.53
N PRO A 33 15.06 13.34 1.61
CA PRO A 33 15.54 14.29 2.64
C PRO A 33 15.07 15.72 2.33
N ASP A 34 13.82 15.88 1.98
CA ASP A 34 13.27 17.23 1.70
C ASP A 34 12.65 17.69 3.02
N ARG A 35 11.94 16.79 3.64
CA ARG A 35 11.29 17.09 4.94
C ARG A 35 11.53 15.90 5.90
N ASN A 36 11.72 14.72 5.37
CA ASN A 36 11.95 13.54 6.24
C ASN A 36 13.03 13.86 7.26
N GLN A 37 13.89 14.79 6.95
CA GLN A 37 14.98 15.15 7.91
C GLN A 37 14.43 16.07 9.00
N GLY A 38 13.15 16.33 9.00
CA GLY A 38 12.58 17.22 10.04
C GLY A 38 11.64 16.41 10.94
N ASP A 39 11.29 15.22 10.54
CA ASP A 39 10.39 14.38 11.38
C ASP A 39 10.55 12.90 11.02
N LYS A 40 11.00 12.11 11.96
CA LYS A 40 11.17 10.65 11.67
C LYS A 40 9.87 9.93 11.97
N GLU A 41 9.09 10.47 12.85
CA GLU A 41 7.79 9.86 13.18
C GLU A 41 7.09 9.42 11.89
N ALA A 42 7.35 10.10 10.82
CA ALA A 42 6.71 9.76 9.51
C ALA A 42 7.54 8.69 8.79
N GLU A 43 8.76 8.51 9.20
CA GLU A 43 9.64 7.50 8.55
C GLU A 43 8.85 6.24 8.23
N ALA A 44 8.18 5.73 9.21
CA ALA A 44 7.44 4.47 9.01
C ALA A 44 6.47 4.59 7.83
N LYS A 45 5.60 5.54 7.85
CA LYS A 45 4.64 5.66 6.71
C LYS A 45 5.40 5.52 5.39
N PHE A 46 6.66 5.84 5.39
CA PHE A 46 7.44 5.72 4.12
C PHE A 46 7.70 4.25 3.80
N LYS A 47 8.14 3.49 4.76
CA LYS A 47 8.38 2.04 4.48
C LYS A 47 7.06 1.30 4.68
N GLU A 48 6.20 1.85 5.49
CA GLU A 48 4.87 1.22 5.70
C GLU A 48 4.29 0.94 4.33
N ILE A 49 4.59 1.83 3.44
CA ILE A 49 4.12 1.68 2.04
C ILE A 49 4.78 0.43 1.44
N LYS A 50 6.04 0.29 1.70
CA LYS A 50 6.77 -0.90 1.18
C LYS A 50 6.04 -2.17 1.59
N GLU A 51 5.46 -2.16 2.76
CA GLU A 51 4.71 -3.36 3.24
C GLU A 51 3.56 -3.67 2.28
N ALA A 52 2.93 -2.65 1.76
CA ALA A 52 1.80 -2.87 0.81
C ALA A 52 2.19 -3.98 -0.17
N TYR A 53 3.45 -4.08 -0.49
CA TYR A 53 3.90 -5.14 -1.43
C TYR A 53 3.56 -6.51 -0.84
N GLU A 54 3.65 -6.65 0.45
CA GLU A 54 3.28 -7.94 1.06
C GLU A 54 1.83 -8.21 0.73
N VAL A 55 1.12 -7.19 0.33
CA VAL A 55 -0.30 -7.38 0.01
C VAL A 55 -0.53 -7.43 -1.52
N LEU A 56 -0.12 -6.43 -2.24
CA LEU A 56 -0.40 -6.46 -3.72
C LEU A 56 0.70 -7.15 -4.55
N THR A 57 1.89 -7.37 -4.03
CA THR A 57 2.91 -8.06 -4.88
C THR A 57 2.85 -9.57 -4.63
N ASP A 58 1.67 -10.09 -4.37
CA ASP A 58 1.54 -11.56 -4.12
C ASP A 58 0.16 -12.02 -4.55
N SER A 59 0.13 -12.88 -5.52
CA SER A 59 -1.16 -13.37 -6.04
C SER A 59 -2.16 -13.62 -4.91
N GLN A 60 -1.75 -14.29 -3.87
CA GLN A 60 -2.68 -14.55 -2.74
C GLN A 60 -2.98 -13.25 -2.00
N LYS A 61 -2.01 -12.38 -1.93
CA LYS A 61 -2.19 -11.09 -1.22
C LYS A 61 -2.99 -10.10 -2.08
N ARG A 62 -2.76 -10.09 -3.36
CA ARG A 62 -3.52 -9.15 -4.23
C ARG A 62 -4.89 -9.74 -4.57
N ALA A 63 -5.04 -11.02 -4.37
CA ALA A 63 -6.34 -11.68 -4.67
C ALA A 63 -7.23 -11.60 -3.44
N ALA A 64 -6.63 -11.41 -2.30
CA ALA A 64 -7.42 -11.31 -1.05
C ALA A 64 -8.09 -9.93 -1.01
N TYR A 65 -7.41 -8.92 -1.46
CA TYR A 65 -7.98 -7.55 -1.45
C TYR A 65 -8.94 -7.36 -2.63
N ASP A 66 -8.53 -7.74 -3.80
CA ASP A 66 -9.41 -7.58 -5.00
C ASP A 66 -10.75 -8.28 -4.78
N GLN A 67 -10.83 -9.15 -3.80
CA GLN A 67 -12.11 -9.87 -3.55
C GLN A 67 -12.85 -9.18 -2.40
N TYR A 68 -12.31 -8.12 -1.87
CA TYR A 68 -12.99 -7.41 -0.76
C TYR A 68 -13.28 -8.38 0.39
N GLY A 69 -12.44 -9.35 0.58
CA GLY A 69 -12.67 -10.33 1.68
C GLY A 69 -13.29 -11.60 1.09
N HIS A 70 -13.34 -12.66 1.84
CA HIS A 70 -13.93 -13.91 1.31
C HIS A 70 -15.46 -13.83 1.33
N ALA A 71 -16.00 -12.70 1.72
CA ALA A 71 -17.48 -12.56 1.75
C ALA A 71 -18.03 -12.53 0.33
N ALA A 72 -17.35 -11.88 -0.58
CA ALA A 72 -17.84 -11.83 -1.97
C ALA A 72 -18.14 -13.25 -2.48
N PHE A 73 -17.57 -14.25 -1.85
CA PHE A 73 -17.82 -15.64 -2.28
C PHE A 73 -18.33 -16.49 -1.11
N GLU A 74 -18.78 -15.85 -0.06
CA GLU A 74 -19.28 -16.61 1.11
C GLU A 74 -18.21 -17.56 1.64
N GLN A 75 -18.59 -18.58 2.36
CA GLN A 75 -17.58 -19.54 2.90
C GLN A 75 -17.53 -20.79 2.03
N GLY A 76 -17.83 -20.67 0.76
CA GLY A 76 -17.80 -21.85 -0.13
C GLY A 76 -19.17 -22.53 -0.13
N GLY A 77 -19.61 -22.98 -1.28
CA GLY A 77 -20.95 -23.64 -1.34
C GLY A 77 -21.87 -22.85 -2.27
N ALA A 1 -10.19 7.19 9.40
CA ALA A 1 -9.81 6.74 8.03
C ALA A 1 -8.55 5.87 8.08
N LYS A 2 -8.64 4.65 7.64
CA LYS A 2 -7.45 3.75 7.66
C LYS A 2 -6.88 3.60 6.24
N GLN A 3 -5.90 4.40 5.90
CA GLN A 3 -5.30 4.30 4.55
C GLN A 3 -4.84 2.87 4.26
N ASP A 4 -5.60 2.15 3.46
CA ASP A 4 -5.22 0.74 3.15
C ASP A 4 -4.13 0.72 2.09
N TYR A 5 -3.23 -0.21 2.22
CA TYR A 5 -2.09 -0.33 1.25
C TYR A 5 -2.49 0.14 -0.16
N TYR A 6 -3.49 -0.45 -0.75
CA TYR A 6 -3.89 0.03 -2.10
C TYR A 6 -4.17 1.53 -2.02
N GLU A 7 -4.58 1.98 -0.88
CA GLU A 7 -4.81 3.43 -0.66
C GLU A 7 -3.49 4.04 -0.18
N ILE A 8 -2.66 3.23 0.43
CA ILE A 8 -1.35 3.72 0.94
C ILE A 8 -0.53 4.29 -0.21
N LEU A 9 -0.50 3.58 -1.30
CA LEU A 9 0.25 4.05 -2.50
C LEU A 9 -0.63 5.01 -3.30
N GLY A 10 -1.80 5.32 -2.80
CA GLY A 10 -2.71 6.24 -3.52
C GLY A 10 -3.37 5.52 -4.69
N VAL A 11 -3.37 4.20 -4.68
CA VAL A 11 -4.00 3.46 -5.82
C VAL A 11 -5.33 2.87 -5.42
N SER A 12 -5.97 2.21 -6.35
CA SER A 12 -7.27 1.56 -6.05
C SER A 12 -7.01 0.15 -5.55
N LYS A 13 -7.87 -0.38 -4.73
CA LYS A 13 -7.64 -1.77 -4.24
C LYS A 13 -7.43 -2.68 -5.45
N THR A 14 -7.86 -2.23 -6.60
CA THR A 14 -7.70 -3.03 -7.84
C THR A 14 -6.50 -2.48 -8.63
N ALA A 15 -5.74 -1.59 -8.03
CA ALA A 15 -4.55 -1.01 -8.72
C ALA A 15 -3.61 -2.09 -9.28
N GLU A 16 -2.33 -1.91 -9.09
CA GLU A 16 -1.34 -2.89 -9.61
C GLU A 16 0.08 -2.48 -9.17
N GLU A 17 0.82 -3.41 -8.64
CA GLU A 17 2.21 -3.11 -8.16
C GLU A 17 2.92 -2.10 -9.06
N ARG A 18 2.61 -2.07 -10.32
CA ARG A 18 3.32 -1.12 -11.25
C ARG A 18 3.09 0.34 -10.84
N GLU A 19 1.89 0.71 -10.53
CA GLU A 19 1.61 2.10 -10.11
C GLU A 19 1.75 2.16 -8.59
N ILE A 20 1.78 1.02 -7.95
CA ILE A 20 1.97 1.01 -6.48
C ILE A 20 3.45 1.17 -6.22
N ARG A 21 4.25 0.38 -6.88
CA ARG A 21 5.71 0.52 -6.71
C ARG A 21 6.05 1.94 -7.09
N LYS A 22 5.30 2.47 -8.02
CA LYS A 22 5.49 3.86 -8.48
C LYS A 22 4.90 4.83 -7.46
N ALA A 23 3.70 4.59 -7.03
CA ALA A 23 3.05 5.50 -6.04
C ALA A 23 4.03 5.84 -4.92
N TYR A 24 4.67 4.85 -4.37
CA TYR A 24 5.67 5.10 -3.31
C TYR A 24 6.86 5.79 -3.96
N LYS A 25 7.24 5.28 -5.09
CA LYS A 25 8.37 5.87 -5.86
C LYS A 25 8.15 7.38 -6.06
N ARG A 26 6.92 7.79 -6.15
CA ARG A 26 6.62 9.23 -6.38
C ARG A 26 6.70 10.02 -5.07
N LEU A 27 6.04 9.56 -4.04
CA LEU A 27 6.07 10.27 -2.75
C LEU A 27 7.34 9.96 -1.99
N ALA A 28 7.88 8.79 -2.19
CA ALA A 28 9.11 8.40 -1.48
C ALA A 28 10.30 9.14 -2.06
N MET A 29 10.34 9.34 -3.34
CA MET A 29 11.47 10.10 -3.91
C MET A 29 11.37 11.54 -3.39
N LYS A 30 10.17 11.97 -3.08
CA LYS A 30 9.99 13.34 -2.55
C LYS A 30 10.10 13.33 -1.02
N TYR A 31 10.01 12.17 -0.41
CA TYR A 31 10.10 12.12 1.08
C TYR A 31 11.45 11.56 1.50
N HIS A 32 12.29 11.30 0.55
CA HIS A 32 13.66 10.80 0.82
C HIS A 32 14.39 11.79 1.76
N PRO A 33 15.68 11.94 1.66
CA PRO A 33 16.37 12.87 2.58
C PRO A 33 15.96 14.32 2.32
N ASP A 34 14.68 14.57 2.29
CA ASP A 34 14.17 15.96 2.07
C ASP A 34 13.57 16.44 3.40
N ARG A 35 12.84 15.57 4.04
CA ARG A 35 12.21 15.92 5.34
C ARG A 35 12.20 14.71 6.26
N ASN A 36 12.20 13.51 5.71
CA ASN A 36 12.18 12.30 6.57
C ASN A 36 13.26 12.39 7.64
N GLN A 37 14.26 13.21 7.42
CA GLN A 37 15.33 13.35 8.43
C GLN A 37 14.87 14.30 9.55
N GLY A 38 13.64 14.73 9.51
CA GLY A 38 13.14 15.65 10.56
C GLY A 38 11.83 15.12 11.17
N ASP A 39 11.56 13.85 11.01
CA ASP A 39 10.30 13.30 11.58
C ASP A 39 10.23 11.78 11.36
N LYS A 40 10.33 11.02 12.41
CA LYS A 40 10.26 9.54 12.26
C LYS A 40 8.80 9.10 12.32
N GLU A 41 8.02 9.85 13.03
CA GLU A 41 6.57 9.54 13.13
C GLU A 41 6.03 9.14 11.76
N ALA A 42 6.62 9.65 10.72
CA ALA A 42 6.14 9.32 9.34
C ALA A 42 6.84 8.04 8.84
N GLU A 43 7.91 7.67 9.47
CA GLU A 43 8.64 6.43 9.05
C GLU A 43 7.66 5.34 8.67
N ALA A 44 6.67 5.14 9.47
CA ALA A 44 5.73 4.06 9.20
C ALA A 44 5.07 4.24 7.83
N LYS A 45 4.38 5.33 7.63
CA LYS A 45 3.75 5.53 6.29
C LYS A 45 4.75 5.20 5.20
N PHE A 46 6.01 5.43 5.46
CA PHE A 46 7.05 5.12 4.42
C PHE A 46 7.11 3.61 4.17
N LYS A 47 7.16 2.82 5.20
CA LYS A 47 7.20 1.35 4.97
C LYS A 47 5.77 0.84 4.85
N GLU A 48 4.85 1.50 5.49
CA GLU A 48 3.43 1.08 5.37
C GLU A 48 3.17 0.90 3.89
N ILE A 49 3.79 1.75 3.14
CA ILE A 49 3.67 1.69 1.66
C ILE A 49 4.55 0.57 1.14
N LYS A 50 5.77 0.56 1.59
CA LYS A 50 6.71 -0.52 1.16
C LYS A 50 6.15 -1.87 1.59
N GLU A 51 5.18 -1.86 2.46
CA GLU A 51 4.55 -3.12 2.93
C GLU A 51 3.49 -3.55 1.93
N ALA A 52 2.72 -2.61 1.44
CA ALA A 52 1.67 -2.93 0.44
C ALA A 52 2.20 -3.97 -0.55
N TYR A 53 3.45 -3.88 -0.91
CA TYR A 53 4.03 -4.86 -1.86
C TYR A 53 3.97 -6.26 -1.27
N GLU A 54 4.15 -6.38 0.02
CA GLU A 54 4.04 -7.73 0.62
C GLU A 54 2.76 -8.36 0.12
N VAL A 55 1.83 -7.54 -0.31
CA VAL A 55 0.57 -8.12 -0.82
C VAL A 55 0.36 -7.83 -2.32
N LEU A 56 -0.09 -6.65 -2.65
CA LEU A 56 -0.37 -6.33 -4.09
C LEU A 56 0.65 -6.98 -5.04
N THR A 57 1.86 -7.18 -4.61
CA THR A 57 2.86 -7.83 -5.51
C THR A 57 2.80 -9.35 -5.30
N ASP A 58 1.62 -9.87 -5.06
CA ASP A 58 1.46 -11.33 -4.84
C ASP A 58 0.09 -11.77 -5.29
N SER A 59 0.05 -12.66 -6.23
CA SER A 59 -1.24 -13.12 -6.76
C SER A 59 -2.25 -13.36 -5.63
N GLN A 60 -1.83 -14.03 -4.59
CA GLN A 60 -2.78 -14.29 -3.46
C GLN A 60 -3.19 -12.96 -2.83
N LYS A 61 -2.26 -12.26 -2.26
CA LYS A 61 -2.57 -10.95 -1.62
C LYS A 61 -3.20 -9.98 -2.62
N ARG A 62 -2.61 -9.80 -3.77
CA ARG A 62 -3.23 -8.86 -4.75
C ARG A 62 -4.67 -9.27 -4.99
N ALA A 63 -4.94 -10.53 -4.88
CA ALA A 63 -6.33 -11.03 -5.06
C ALA A 63 -7.02 -11.04 -3.70
N ALA A 64 -6.24 -11.05 -2.65
CA ALA A 64 -6.81 -11.08 -1.29
C ALA A 64 -7.04 -9.65 -0.79
N TYR A 65 -6.02 -8.83 -0.84
CA TYR A 65 -6.18 -7.43 -0.36
C TYR A 65 -7.12 -6.64 -1.27
N ASP A 66 -7.35 -7.12 -2.47
CA ASP A 66 -8.27 -6.38 -3.39
C ASP A 66 -9.69 -6.42 -2.82
N GLN A 67 -9.95 -7.29 -1.89
CA GLN A 67 -11.31 -7.37 -1.29
C GLN A 67 -11.22 -7.44 0.24
N TYR A 68 -10.07 -7.14 0.77
CA TYR A 68 -9.89 -7.18 2.25
C TYR A 68 -10.27 -8.56 2.79
N GLY A 69 -10.15 -9.58 1.98
CA GLY A 69 -10.50 -10.94 2.44
C GLY A 69 -11.90 -11.29 1.93
N HIS A 70 -12.26 -12.55 1.96
CA HIS A 70 -13.62 -12.94 1.47
C HIS A 70 -14.69 -12.45 2.44
N ALA A 71 -14.29 -11.93 3.58
CA ALA A 71 -15.29 -11.43 4.56
C ALA A 71 -16.15 -10.33 3.93
N ALA A 72 -15.55 -9.46 3.18
CA ALA A 72 -16.33 -8.36 2.54
C ALA A 72 -17.43 -8.95 1.65
N PHE A 73 -17.32 -10.22 1.34
CA PHE A 73 -18.36 -10.85 0.47
C PHE A 73 -19.03 -12.01 1.21
N GLU A 74 -18.90 -12.06 2.50
CA GLU A 74 -19.54 -13.17 3.28
C GLU A 74 -19.18 -14.53 2.67
N GLN A 75 -20.07 -15.13 1.92
CA GLN A 75 -19.77 -16.45 1.31
C GLN A 75 -19.38 -16.27 -0.16
N GLY A 76 -20.01 -15.36 -0.84
CA GLY A 76 -19.68 -15.14 -2.28
C GLY A 76 -20.96 -14.78 -3.04
N GLY A 77 -20.91 -14.82 -4.34
CA GLY A 77 -22.13 -14.48 -5.15
C GLY A 77 -22.77 -15.77 -5.66
N ALA A 1 -9.93 -1.46 12.85
CA ALA A 1 -10.10 -1.56 11.37
C ALA A 1 -8.86 -2.19 10.73
N LYS A 2 -8.93 -2.48 9.46
CA LYS A 2 -7.77 -3.11 8.78
C LYS A 2 -6.74 -2.03 8.41
N GLN A 3 -5.77 -2.37 7.60
CA GLN A 3 -4.75 -1.37 7.20
C GLN A 3 -4.96 -0.95 5.74
N ASP A 4 -4.04 -0.23 5.18
CA ASP A 4 -4.19 0.21 3.76
C ASP A 4 -2.96 -0.15 2.95
N TYR A 5 -3.13 -0.23 1.66
CA TYR A 5 -2.01 -0.59 0.75
C TYR A 5 -2.36 -0.14 -0.67
N TYR A 6 -3.43 -0.65 -1.20
CA TYR A 6 -3.83 -0.18 -2.54
C TYR A 6 -4.17 1.31 -2.40
N GLU A 7 -4.51 1.70 -1.20
CA GLU A 7 -4.78 3.13 -0.92
C GLU A 7 -3.45 3.77 -0.53
N ILE A 8 -2.57 2.98 0.06
CA ILE A 8 -1.23 3.50 0.46
C ILE A 8 -0.60 4.21 -0.74
N LEU A 9 -0.64 3.54 -1.85
CA LEU A 9 -0.06 4.07 -3.10
C LEU A 9 -1.11 4.90 -3.84
N GLY A 10 -2.32 4.90 -3.36
CA GLY A 10 -3.38 5.67 -4.05
C GLY A 10 -3.83 4.88 -5.29
N VAL A 11 -3.45 3.63 -5.38
CA VAL A 11 -3.87 2.83 -6.57
C VAL A 11 -5.21 2.15 -6.30
N SER A 12 -5.64 1.33 -7.21
CA SER A 12 -6.93 0.61 -7.02
C SER A 12 -6.69 -0.67 -6.22
N LYS A 13 -7.63 -1.07 -5.41
CA LYS A 13 -7.43 -2.32 -4.63
C LYS A 13 -6.99 -3.43 -5.57
N THR A 14 -7.27 -3.26 -6.83
CA THR A 14 -6.85 -4.28 -7.84
C THR A 14 -5.81 -3.65 -8.76
N ALA A 15 -5.16 -2.61 -8.28
CA ALA A 15 -4.11 -1.90 -9.08
C ALA A 15 -3.08 -2.85 -9.70
N GLU A 16 -1.83 -2.46 -9.63
CA GLU A 16 -0.73 -3.30 -10.19
C GLU A 16 0.58 -2.92 -9.50
N GLU A 17 1.26 -3.88 -8.95
CA GLU A 17 2.55 -3.60 -8.24
C GLU A 17 3.37 -2.51 -8.95
N ARG A 18 3.20 -2.34 -10.23
CA ARG A 18 4.00 -1.30 -10.96
C ARG A 18 3.46 0.10 -10.69
N GLU A 19 2.23 0.21 -10.29
CA GLU A 19 1.66 1.55 -9.98
C GLU A 19 1.67 1.73 -8.47
N ILE A 20 1.82 0.64 -7.75
CA ILE A 20 1.90 0.74 -6.27
C ILE A 20 3.36 1.06 -5.91
N ARG A 21 4.25 0.24 -6.38
CA ARG A 21 5.69 0.52 -6.12
C ARG A 21 5.98 1.93 -6.63
N LYS A 22 5.19 2.36 -7.58
CA LYS A 22 5.35 3.71 -8.17
C LYS A 22 4.79 4.80 -7.26
N ALA A 23 3.56 4.65 -6.83
CA ALA A 23 2.95 5.67 -5.94
C ALA A 23 3.90 6.03 -4.80
N TYR A 24 4.62 5.06 -4.31
CA TYR A 24 5.59 5.33 -3.23
C TYR A 24 6.82 5.94 -3.87
N LYS A 25 7.25 5.36 -4.95
CA LYS A 25 8.42 5.89 -5.68
C LYS A 25 8.21 7.37 -5.98
N ARG A 26 6.97 7.78 -6.08
CA ARG A 26 6.69 9.21 -6.38
C ARG A 26 6.72 10.05 -5.10
N LEU A 27 6.06 9.61 -4.06
CA LEU A 27 6.07 10.38 -2.79
C LEU A 27 7.37 10.11 -2.04
N ALA A 28 7.86 8.91 -2.15
CA ALA A 28 9.12 8.55 -1.47
C ALA A 28 10.27 9.27 -2.13
N MET A 29 10.34 9.28 -3.43
CA MET A 29 11.44 10.02 -4.08
C MET A 29 11.29 11.49 -3.72
N LYS A 30 10.07 11.88 -3.40
CA LYS A 30 9.81 13.28 -2.98
C LYS A 30 10.02 13.39 -1.48
N TYR A 31 9.96 12.28 -0.78
CA TYR A 31 10.17 12.29 0.70
C TYR A 31 11.55 11.75 1.03
N HIS A 32 12.33 11.52 0.02
CA HIS A 32 13.72 11.01 0.18
C HIS A 32 14.52 11.93 1.13
N PRO A 33 15.81 12.04 0.97
CA PRO A 33 16.58 12.89 1.91
C PRO A 33 16.22 14.37 1.74
N ASP A 34 14.94 14.67 1.73
CA ASP A 34 14.49 16.07 1.62
C ASP A 34 14.06 16.49 3.03
N ARG A 35 13.37 15.62 3.70
CA ARG A 35 12.91 15.89 5.08
C ARG A 35 13.03 14.61 5.91
N ASN A 36 12.91 13.46 5.30
CA ASN A 36 13.01 12.19 6.08
C ASN A 36 14.18 12.26 7.06
N GLN A 37 15.22 12.97 6.68
CA GLN A 37 16.38 13.08 7.59
C GLN A 37 15.99 13.80 8.87
N GLY A 38 14.82 14.37 8.91
CA GLY A 38 14.37 15.08 10.13
C GLY A 38 12.96 14.60 10.49
N ASP A 39 12.57 13.47 9.96
CA ASP A 39 11.21 12.95 10.28
C ASP A 39 11.29 11.53 10.87
N LYS A 40 11.02 11.40 12.13
CA LYS A 40 11.06 10.06 12.76
C LYS A 40 9.67 9.43 12.62
N GLU A 41 9.14 8.90 13.70
CA GLU A 41 7.76 8.31 13.71
C GLU A 41 7.13 8.23 12.32
N ALA A 42 6.84 9.36 11.73
CA ALA A 42 6.24 9.35 10.36
C ALA A 42 7.01 8.36 9.48
N GLU A 43 8.25 8.11 9.81
CA GLU A 43 9.05 7.16 9.00
C GLU A 43 8.22 5.96 8.62
N ALA A 44 7.50 5.44 9.57
CA ALA A 44 6.72 4.23 9.29
C ALA A 44 5.77 4.48 8.13
N LYS A 45 4.83 5.36 8.28
CA LYS A 45 3.89 5.61 7.15
C LYS A 45 4.67 5.73 5.84
N PHE A 46 5.92 6.14 5.92
CA PHE A 46 6.73 6.26 4.67
C PHE A 46 7.16 4.88 4.19
N LYS A 47 7.63 4.04 5.06
CA LYS A 47 8.02 2.68 4.61
C LYS A 47 6.80 1.77 4.70
N GLU A 48 5.88 2.13 5.56
CA GLU A 48 4.63 1.33 5.70
C GLU A 48 4.07 1.14 4.31
N ILE A 49 4.18 2.15 3.52
CA ILE A 49 3.70 2.07 2.12
C ILE A 49 4.39 0.90 1.44
N LYS A 50 5.65 0.74 1.73
CA LYS A 50 6.42 -0.38 1.12
C LYS A 50 5.81 -1.72 1.55
N GLU A 51 5.39 -1.81 2.78
CA GLU A 51 4.77 -3.08 3.25
C GLU A 51 3.60 -3.44 2.34
N ALA A 52 2.79 -2.49 1.99
CA ALA A 52 1.64 -2.77 1.07
C ALA A 52 2.10 -3.67 -0.06
N TYR A 53 3.37 -3.64 -0.38
CA TYR A 53 3.87 -4.50 -1.47
C TYR A 53 3.68 -5.96 -1.10
N GLU A 54 4.03 -6.32 0.10
CA GLU A 54 3.82 -7.74 0.52
C GLU A 54 2.39 -8.11 0.18
N VAL A 55 1.54 -7.12 0.08
CA VAL A 55 0.14 -7.41 -0.24
C VAL A 55 -0.14 -7.21 -1.73
N LEU A 56 0.31 -6.14 -2.32
CA LEU A 56 -0.01 -5.94 -3.76
C LEU A 56 1.06 -6.60 -4.65
N THR A 57 2.26 -6.81 -4.16
CA THR A 57 3.31 -7.48 -5.03
C THR A 57 3.20 -9.00 -4.88
N ASP A 58 2.01 -9.51 -4.68
CA ASP A 58 1.84 -10.99 -4.55
C ASP A 58 0.48 -11.41 -5.04
N SER A 59 0.47 -12.26 -6.02
CA SER A 59 -0.80 -12.71 -6.61
C SER A 59 -1.78 -13.16 -5.51
N GLN A 60 -1.32 -13.94 -4.57
CA GLN A 60 -2.24 -14.40 -3.48
C GLN A 60 -2.77 -13.21 -2.68
N LYS A 61 -1.96 -12.20 -2.53
CA LYS A 61 -2.38 -11.00 -1.76
C LYS A 61 -3.30 -10.11 -2.61
N ARG A 62 -2.86 -9.68 -3.74
CA ARG A 62 -3.72 -8.81 -4.58
C ARG A 62 -5.03 -9.53 -4.92
N ALA A 63 -5.03 -10.83 -4.89
CA ALA A 63 -6.28 -11.57 -5.21
C ALA A 63 -7.16 -11.59 -3.96
N ALA A 64 -6.54 -11.46 -2.82
CA ALA A 64 -7.31 -11.46 -1.55
C ALA A 64 -7.71 -10.04 -1.19
N TYR A 65 -6.79 -9.12 -1.26
CA TYR A 65 -7.11 -7.71 -0.92
C TYR A 65 -8.01 -7.08 -1.98
N ASP A 66 -8.07 -7.67 -3.15
CA ASP A 66 -8.97 -7.11 -4.20
C ASP A 66 -10.39 -6.99 -3.63
N GLN A 67 -10.75 -7.91 -2.77
CA GLN A 67 -12.11 -7.86 -2.17
C GLN A 67 -12.00 -7.64 -0.66
N TYR A 68 -10.86 -7.21 -0.20
CA TYR A 68 -10.68 -6.98 1.26
C TYR A 68 -11.16 -8.20 2.05
N GLY A 69 -11.15 -9.35 1.43
CA GLY A 69 -11.60 -10.58 2.14
C GLY A 69 -13.02 -10.92 1.68
N HIS A 70 -13.56 -12.01 2.16
CA HIS A 70 -14.94 -12.37 1.75
C HIS A 70 -15.97 -11.66 2.64
N ALA A 71 -15.52 -10.71 3.41
CA ALA A 71 -16.48 -9.96 4.29
C ALA A 71 -17.22 -8.91 3.48
N ALA A 72 -16.57 -8.31 2.52
CA ALA A 72 -17.24 -7.27 1.70
C ALA A 72 -18.56 -7.82 1.13
N PHE A 73 -18.68 -9.12 1.07
CA PHE A 73 -19.92 -9.73 0.52
C PHE A 73 -20.72 -10.37 1.66
N GLU A 74 -20.15 -10.46 2.83
CA GLU A 74 -20.88 -11.07 3.97
C GLU A 74 -21.40 -12.47 3.58
N GLN A 75 -20.51 -13.41 3.41
CA GLN A 75 -20.95 -14.78 3.04
C GLN A 75 -21.74 -14.75 1.72
N GLY A 76 -21.15 -14.21 0.69
CA GLY A 76 -21.86 -14.14 -0.63
C GLY A 76 -21.73 -15.48 -1.35
N GLY A 77 -22.58 -15.73 -2.31
CA GLY A 77 -22.50 -17.02 -3.06
C GLY A 77 -23.84 -17.27 -3.76
N ALA A 1 -6.56 2.78 13.62
CA ALA A 1 -7.18 1.57 13.02
C ALA A 1 -6.40 1.14 11.77
N LYS A 2 -6.54 -0.10 11.38
CA LYS A 2 -5.80 -0.58 10.17
C LYS A 2 -6.01 0.39 9.01
N GLN A 3 -4.98 0.67 8.27
CA GLN A 3 -5.11 1.61 7.11
C GLN A 3 -5.42 0.83 5.84
N ASP A 4 -5.25 1.44 4.70
CA ASP A 4 -5.54 0.73 3.42
C ASP A 4 -4.29 0.67 2.54
N TYR A 5 -3.54 -0.38 2.67
CA TYR A 5 -2.29 -0.51 1.85
C TYR A 5 -2.61 -0.28 0.37
N TYR A 6 -3.74 -0.68 -0.11
CA TYR A 6 -4.02 -0.39 -1.54
C TYR A 6 -4.12 1.13 -1.67
N GLU A 7 -4.56 1.77 -0.63
CA GLU A 7 -4.62 3.24 -0.63
C GLU A 7 -3.27 3.79 -0.18
N ILE A 8 -2.51 2.98 0.52
CA ILE A 8 -1.16 3.45 0.96
C ILE A 8 -0.49 4.07 -0.25
N LEU A 9 -0.61 3.39 -1.35
CA LEU A 9 -0.03 3.87 -2.63
C LEU A 9 -1.07 4.73 -3.35
N GLY A 10 -2.30 4.51 -3.02
CA GLY A 10 -3.40 5.24 -3.69
C GLY A 10 -4.02 4.32 -4.72
N VAL A 11 -3.69 3.06 -4.67
CA VAL A 11 -4.25 2.10 -5.67
C VAL A 11 -5.39 1.29 -5.06
N SER A 12 -6.21 0.71 -5.88
CA SER A 12 -7.30 -0.12 -5.35
C SER A 12 -6.79 -1.55 -5.18
N LYS A 13 -7.45 -2.35 -4.38
CA LYS A 13 -7.00 -3.75 -4.26
C LYS A 13 -7.00 -4.38 -5.64
N THR A 14 -7.61 -3.70 -6.58
CA THR A 14 -7.64 -4.20 -7.97
C THR A 14 -6.41 -3.66 -8.70
N ALA A 15 -5.64 -2.81 -8.05
CA ALA A 15 -4.41 -2.25 -8.69
C ALA A 15 -3.47 -3.37 -9.15
N GLU A 16 -2.21 -3.24 -8.83
CA GLU A 16 -1.22 -4.25 -9.23
C GLU A 16 0.14 -3.79 -8.70
N GLU A 17 1.21 -4.21 -9.28
CA GLU A 17 2.55 -3.75 -8.79
C GLU A 17 2.97 -2.47 -9.52
N ARG A 18 2.07 -1.89 -10.26
CA ARG A 18 2.40 -0.63 -11.01
C ARG A 18 2.15 0.61 -10.14
N GLU A 19 1.07 1.30 -10.36
CA GLU A 19 0.77 2.50 -9.53
C GLU A 19 1.09 2.20 -8.08
N ILE A 20 1.04 0.95 -7.71
CA ILE A 20 1.38 0.55 -6.33
C ILE A 20 2.88 0.78 -6.09
N ARG A 21 3.67 0.54 -7.09
CA ARG A 21 5.14 0.76 -6.93
C ARG A 21 5.45 2.22 -7.27
N LYS A 22 4.66 2.78 -8.13
CA LYS A 22 4.86 4.20 -8.52
C LYS A 22 4.36 5.15 -7.43
N ALA A 23 3.19 4.88 -6.90
CA ALA A 23 2.62 5.76 -5.84
C ALA A 23 3.68 6.09 -4.79
N TYR A 24 4.44 5.10 -4.40
CA TYR A 24 5.50 5.34 -3.39
C TYR A 24 6.64 6.05 -4.08
N LYS A 25 6.96 5.62 -5.26
CA LYS A 25 8.04 6.25 -6.04
C LYS A 25 7.85 7.77 -6.09
N ARG A 26 6.61 8.20 -6.14
CA ARG A 26 6.34 9.66 -6.21
C ARG A 26 6.57 10.33 -4.85
N LEU A 27 5.99 9.80 -3.81
CA LEU A 27 6.17 10.40 -2.47
C LEU A 27 7.52 9.99 -1.88
N ALA A 28 7.94 8.81 -2.17
CA ALA A 28 9.24 8.33 -1.65
C ALA A 28 10.38 9.10 -2.31
N MET A 29 10.29 9.32 -3.58
CA MET A 29 11.37 10.10 -4.25
C MET A 29 11.29 11.53 -3.72
N LYS A 30 10.14 11.94 -3.27
CA LYS A 30 9.97 13.30 -2.72
C LYS A 30 10.30 13.29 -1.22
N TYR A 31 10.28 12.14 -0.61
CA TYR A 31 10.59 12.07 0.85
C TYR A 31 11.92 11.38 1.09
N HIS A 32 12.62 11.09 0.04
CA HIS A 32 13.95 10.44 0.14
C HIS A 32 14.88 11.29 1.03
N PRO A 33 16.16 11.32 0.79
CA PRO A 33 17.04 12.12 1.68
C PRO A 33 16.77 13.61 1.50
N ASP A 34 15.54 14.00 1.61
CA ASP A 34 15.16 15.44 1.51
C ASP A 34 14.75 15.92 2.90
N ARG A 35 13.99 15.10 3.58
CA ARG A 35 13.53 15.45 4.95
C ARG A 35 13.53 14.18 5.82
N ASN A 36 13.37 13.02 5.23
CA ASN A 36 13.37 11.77 6.03
C ASN A 36 14.55 11.76 7.01
N GLN A 37 15.59 12.46 6.67
CA GLN A 37 16.77 12.50 7.59
C GLN A 37 16.38 13.17 8.91
N GLY A 38 15.21 13.77 8.95
CA GLY A 38 14.77 14.43 10.22
C GLY A 38 13.42 13.86 10.65
N ASP A 39 13.19 12.60 10.37
CA ASP A 39 11.89 11.99 10.76
C ASP A 39 12.13 10.73 11.62
N LYS A 40 12.42 10.90 12.87
CA LYS A 40 12.65 9.72 13.75
C LYS A 40 11.33 9.23 14.33
N GLU A 41 10.35 9.13 13.49
CA GLU A 41 9.00 8.69 13.93
C GLU A 41 8.11 8.62 12.70
N ALA A 42 8.28 9.55 11.81
CA ALA A 42 7.49 9.54 10.56
C ALA A 42 8.22 8.69 9.52
N GLU A 43 9.49 8.47 9.72
CA GLU A 43 10.26 7.63 8.76
C GLU A 43 9.46 6.40 8.37
N ALA A 44 8.96 5.73 9.35
CA ALA A 44 8.23 4.49 9.09
C ALA A 44 7.09 4.71 8.10
N LYS A 45 6.21 5.63 8.36
CA LYS A 45 5.09 5.85 7.41
C LYS A 45 5.64 5.87 5.98
N PHE A 46 6.89 6.20 5.82
CA PHE A 46 7.48 6.24 4.45
C PHE A 46 7.72 4.81 3.95
N LYS A 47 8.36 3.99 4.74
CA LYS A 47 8.58 2.59 4.29
C LYS A 47 7.37 1.75 4.70
N GLU A 48 6.53 2.30 5.53
CA GLU A 48 5.30 1.59 5.96
C GLU A 48 4.46 1.38 4.72
N ILE A 49 4.55 2.31 3.83
CA ILE A 49 3.81 2.22 2.56
C ILE A 49 4.29 1.00 1.80
N LYS A 50 5.59 0.89 1.68
CA LYS A 50 6.17 -0.28 0.95
C LYS A 50 5.47 -1.56 1.39
N GLU A 51 5.44 -1.81 2.68
CA GLU A 51 4.76 -3.05 3.20
C GLU A 51 3.60 -3.44 2.30
N ALA A 52 2.86 -2.47 1.85
CA ALA A 52 1.71 -2.75 0.94
C ALA A 52 2.07 -3.89 -0.02
N TYR A 53 3.32 -4.00 -0.40
CA TYR A 53 3.74 -5.09 -1.32
C TYR A 53 3.27 -6.43 -0.78
N GLU A 54 3.02 -6.54 0.49
CA GLU A 54 2.50 -7.83 1.02
C GLU A 54 1.11 -8.01 0.42
N VAL A 55 0.50 -6.93 0.04
CA VAL A 55 -0.85 -7.00 -0.56
C VAL A 55 -0.70 -6.85 -2.07
N LEU A 56 0.18 -6.00 -2.51
CA LEU A 56 0.35 -5.84 -3.99
C LEU A 56 1.38 -6.85 -4.51
N THR A 57 1.97 -7.65 -3.64
CA THR A 57 2.97 -8.64 -4.13
C THR A 57 3.00 -9.88 -3.22
N ASP A 58 1.90 -10.25 -2.63
CA ASP A 58 1.89 -11.46 -1.74
C ASP A 58 0.53 -12.12 -1.74
N SER A 59 0.49 -13.34 -2.19
CA SER A 59 -0.79 -14.07 -2.26
C SER A 59 -1.68 -13.77 -1.04
N GLN A 60 -1.13 -13.80 0.14
CA GLN A 60 -1.96 -13.53 1.34
C GLN A 60 -2.57 -12.13 1.25
N LYS A 61 -1.90 -11.14 1.77
CA LYS A 61 -2.43 -9.75 1.72
C LYS A 61 -2.92 -9.39 0.31
N ARG A 62 -2.36 -9.96 -0.73
CA ARG A 62 -2.88 -9.60 -2.09
C ARG A 62 -4.20 -10.33 -2.34
N ALA A 63 -4.46 -11.38 -1.62
CA ALA A 63 -5.73 -12.11 -1.83
C ALA A 63 -6.87 -11.10 -1.87
N ALA A 64 -6.85 -10.14 -0.99
CA ALA A 64 -7.89 -9.10 -1.01
C ALA A 64 -8.06 -8.61 -2.46
N TYR A 65 -6.99 -8.64 -3.20
CA TYR A 65 -7.04 -8.21 -4.62
C TYR A 65 -8.05 -9.07 -5.39
N ASP A 66 -8.12 -10.32 -5.05
CA ASP A 66 -9.08 -11.23 -5.74
C ASP A 66 -10.46 -11.10 -5.10
N GLN A 67 -10.53 -10.49 -3.95
CA GLN A 67 -11.84 -10.30 -3.27
C GLN A 67 -12.24 -8.84 -3.34
N TYR A 68 -11.49 -8.04 -4.05
CA TYR A 68 -11.82 -6.59 -4.17
C TYR A 68 -11.89 -5.96 -2.78
N GLY A 69 -11.03 -6.36 -1.89
CA GLY A 69 -11.05 -5.79 -0.52
C GLY A 69 -11.79 -6.74 0.42
N HIS A 70 -11.83 -6.43 1.68
CA HIS A 70 -12.54 -7.33 2.63
C HIS A 70 -14.04 -7.03 2.61
N ALA A 71 -14.47 -6.24 1.68
CA ALA A 71 -15.93 -5.91 1.60
C ALA A 71 -16.70 -7.05 0.93
N ALA A 72 -16.09 -7.70 -0.02
CA ALA A 72 -16.79 -8.82 -0.72
C ALA A 72 -17.20 -9.89 0.29
N PHE A 73 -16.55 -9.91 1.44
CA PHE A 73 -16.91 -10.93 2.48
C PHE A 73 -17.30 -10.22 3.78
N GLU A 74 -17.43 -8.93 3.75
CA GLU A 74 -17.81 -8.19 4.98
C GLU A 74 -17.01 -8.71 6.18
N GLN A 75 -17.62 -8.84 7.31
CA GLN A 75 -16.88 -9.34 8.51
C GLN A 75 -16.29 -10.72 8.22
N GLY A 76 -15.77 -11.39 9.22
CA GLY A 76 -15.18 -12.74 9.00
C GLY A 76 -15.10 -13.48 10.32
N GLY A 77 -15.12 -14.79 10.30
CA GLY A 77 -15.03 -15.57 11.55
C GLY A 77 -13.67 -15.33 12.22
N ALA A 1 -8.20 2.69 13.12
CA ALA A 1 -7.22 3.38 12.22
C ALA A 1 -7.61 3.19 10.76
N LYS A 2 -7.97 4.25 10.10
CA LYS A 2 -8.36 4.14 8.66
C LYS A 2 -7.13 4.12 7.77
N GLN A 3 -6.94 3.06 7.02
CA GLN A 3 -5.74 2.98 6.14
C GLN A 3 -5.83 1.74 5.24
N ASP A 4 -5.29 1.82 4.05
CA ASP A 4 -5.35 0.66 3.12
C ASP A 4 -4.22 0.72 2.12
N TYR A 5 -3.30 -0.18 2.23
CA TYR A 5 -2.14 -0.22 1.29
C TYR A 5 -2.58 0.13 -0.13
N TYR A 6 -3.46 -0.64 -0.73
CA TYR A 6 -3.91 -0.29 -2.10
C TYR A 6 -4.26 1.20 -2.12
N GLU A 7 -4.69 1.70 -1.00
CA GLU A 7 -4.99 3.15 -0.89
C GLU A 7 -3.69 3.88 -0.48
N ILE A 8 -2.86 3.21 0.29
CA ILE A 8 -1.58 3.83 0.72
C ILE A 8 -0.84 4.38 -0.50
N LEU A 9 -0.82 3.59 -1.53
CA LEU A 9 -0.15 4.00 -2.79
C LEU A 9 -1.15 4.79 -3.65
N GLY A 10 -2.26 5.17 -3.06
CA GLY A 10 -3.28 5.95 -3.80
C GLY A 10 -3.85 5.11 -4.95
N VAL A 11 -3.87 3.80 -4.80
CA VAL A 11 -4.41 2.96 -5.92
C VAL A 11 -5.69 2.25 -5.49
N SER A 12 -6.22 1.46 -6.38
CA SER A 12 -7.46 0.71 -6.05
C SER A 12 -7.10 -0.61 -5.39
N LYS A 13 -7.95 -1.12 -4.53
CA LYS A 13 -7.64 -2.41 -3.88
C LYS A 13 -7.29 -3.43 -4.96
N THR A 14 -7.71 -3.17 -6.16
CA THR A 14 -7.39 -4.10 -7.28
C THR A 14 -6.38 -3.42 -8.22
N ALA A 15 -5.70 -2.41 -7.73
CA ALA A 15 -4.69 -1.69 -8.55
C ALA A 15 -3.67 -2.65 -9.20
N GLU A 16 -2.42 -2.30 -9.18
CA GLU A 16 -1.37 -3.15 -9.79
C GLU A 16 0.00 -2.72 -9.26
N GLU A 17 0.77 -3.64 -8.77
CA GLU A 17 2.12 -3.31 -8.22
C GLU A 17 2.80 -2.17 -9.00
N ARG A 18 2.76 -2.20 -10.30
CA ARG A 18 3.42 -1.12 -11.12
C ARG A 18 2.95 0.28 -10.70
N GLU A 19 1.68 0.46 -10.52
CA GLU A 19 1.15 1.77 -10.10
C GLU A 19 1.25 1.85 -8.58
N ILE A 20 1.39 0.71 -7.95
CA ILE A 20 1.54 0.68 -6.48
C ILE A 20 2.98 1.10 -6.18
N ARG A 21 3.92 0.46 -6.82
CA ARG A 21 5.33 0.85 -6.60
C ARG A 21 5.48 2.30 -7.05
N LYS A 22 4.79 2.64 -8.09
CA LYS A 22 4.83 4.03 -8.62
C LYS A 22 4.41 5.04 -7.54
N ALA A 23 3.27 4.82 -6.94
CA ALA A 23 2.79 5.76 -5.89
C ALA A 23 3.86 5.98 -4.83
N TYR A 24 4.50 4.94 -4.40
CA TYR A 24 5.56 5.09 -3.38
C TYR A 24 6.74 5.76 -4.06
N LYS A 25 7.09 5.26 -5.21
CA LYS A 25 8.19 5.87 -5.99
C LYS A 25 7.91 7.36 -6.16
N ARG A 26 6.66 7.73 -6.14
CA ARG A 26 6.29 9.17 -6.31
C ARG A 26 6.53 9.94 -5.00
N LEU A 27 6.00 9.45 -3.92
CA LEU A 27 6.20 10.16 -2.62
C LEU A 27 7.58 9.82 -2.07
N ALA A 28 7.99 8.60 -2.26
CA ALA A 28 9.31 8.16 -1.76
C ALA A 28 10.40 8.99 -2.43
N MET A 29 10.30 9.20 -3.71
CA MET A 29 11.33 10.04 -4.38
C MET A 29 11.14 11.48 -3.93
N LYS A 30 9.94 11.81 -3.53
CA LYS A 30 9.65 13.19 -3.05
C LYS A 30 9.93 13.27 -1.54
N TYR A 31 10.04 12.15 -0.88
CA TYR A 31 10.31 12.16 0.59
C TYR A 31 11.62 11.46 0.91
N HIS A 32 12.35 11.14 -0.10
CA HIS A 32 13.67 10.47 0.08
C HIS A 32 14.56 11.34 0.98
N PRO A 33 15.87 11.31 0.81
CA PRO A 33 16.72 12.12 1.71
C PRO A 33 16.52 13.62 1.45
N ASP A 34 15.28 14.05 1.39
CA ASP A 34 15.00 15.50 1.20
C ASP A 34 14.69 16.05 2.60
N ARG A 35 13.91 15.31 3.34
CA ARG A 35 13.55 15.71 4.72
C ARG A 35 13.53 14.45 5.61
N ASN A 36 13.22 13.31 5.06
CA ASN A 36 13.16 12.07 5.89
C ASN A 36 14.42 11.98 6.74
N GLN A 37 15.51 12.51 6.26
CA GLN A 37 16.77 12.47 7.04
C GLN A 37 16.58 13.19 8.37
N GLY A 38 15.51 13.93 8.52
CA GLY A 38 15.27 14.65 9.80
C GLY A 38 13.87 14.28 10.31
N ASP A 39 13.37 13.14 9.95
CA ASP A 39 12.02 12.73 10.43
C ASP A 39 12.08 11.35 11.08
N LYS A 40 11.73 11.27 12.34
CA LYS A 40 11.74 9.97 13.05
C LYS A 40 10.39 9.30 12.86
N GLU A 41 9.83 8.77 13.92
CA GLU A 41 8.47 8.11 13.89
C GLU A 41 7.83 8.12 12.51
N ALA A 42 7.58 9.28 11.94
CA ALA A 42 6.98 9.31 10.58
C ALA A 42 7.70 8.30 9.69
N GLU A 43 8.92 7.97 10.03
CA GLU A 43 9.66 6.98 9.21
C GLU A 43 8.76 5.82 8.86
N ALA A 44 7.99 5.40 9.80
CA ALA A 44 7.12 4.24 9.54
C ALA A 44 6.18 4.52 8.39
N LYS A 45 5.28 5.44 8.53
CA LYS A 45 4.36 5.71 7.39
C LYS A 45 5.15 5.79 6.09
N PHE A 46 6.41 6.14 6.18
CA PHE A 46 7.23 6.23 4.93
C PHE A 46 7.59 4.82 4.45
N LYS A 47 8.05 3.95 5.32
CA LYS A 47 8.35 2.57 4.85
C LYS A 47 7.09 1.74 4.97
N GLU A 48 6.18 2.16 5.80
CA GLU A 48 4.90 1.44 5.93
C GLU A 48 4.34 1.26 4.54
N ILE A 49 4.53 2.26 3.74
CA ILE A 49 4.05 2.19 2.33
C ILE A 49 4.77 1.04 1.63
N LYS A 50 6.04 0.91 1.92
CA LYS A 50 6.85 -0.18 1.30
C LYS A 50 6.32 -1.54 1.76
N GLU A 51 5.43 -1.55 2.71
CA GLU A 51 4.85 -2.84 3.20
C GLU A 51 3.67 -3.22 2.30
N ALA A 52 2.93 -2.23 1.87
CA ALA A 52 1.76 -2.49 0.96
C ALA A 52 2.15 -3.51 -0.11
N TYR A 53 3.41 -3.59 -0.43
CA TYR A 53 3.86 -4.56 -1.45
C TYR A 53 3.71 -5.99 -0.93
N GLU A 54 3.95 -6.18 0.32
CA GLU A 54 3.78 -7.56 0.90
C GLU A 54 2.32 -7.94 0.76
N VAL A 55 1.48 -6.98 0.49
CA VAL A 55 0.04 -7.28 0.34
C VAL A 55 -0.34 -7.41 -1.14
N LEU A 56 -0.04 -6.41 -1.92
CA LEU A 56 -0.42 -6.44 -3.36
C LEU A 56 0.64 -7.12 -4.24
N THR A 57 1.89 -7.12 -3.85
CA THR A 57 2.91 -7.79 -4.73
C THR A 57 3.03 -9.26 -4.31
N ASP A 58 1.98 -9.81 -3.77
CA ASP A 58 2.00 -11.24 -3.35
C ASP A 58 0.68 -11.88 -3.75
N SER A 59 0.76 -12.81 -4.63
CA SER A 59 -0.47 -13.48 -5.11
C SER A 59 -1.47 -13.73 -3.96
N GLN A 60 -1.00 -13.82 -2.75
CA GLN A 60 -1.92 -14.09 -1.61
C GLN A 60 -2.71 -12.85 -1.22
N LYS A 61 -2.06 -11.83 -0.71
CA LYS A 61 -2.81 -10.59 -0.29
C LYS A 61 -3.16 -9.71 -1.47
N ARG A 62 -2.56 -9.91 -2.60
CA ARG A 62 -2.90 -9.04 -3.74
C ARG A 62 -4.18 -9.57 -4.41
N ALA A 63 -4.38 -10.85 -4.35
CA ALA A 63 -5.60 -11.45 -4.97
C ALA A 63 -6.72 -11.48 -3.94
N ALA A 64 -6.37 -11.38 -2.68
CA ALA A 64 -7.40 -11.40 -1.62
C ALA A 64 -7.90 -9.99 -1.35
N TYR A 65 -7.02 -9.03 -1.33
CA TYR A 65 -7.44 -7.63 -1.05
C TYR A 65 -8.10 -7.02 -2.29
N ASP A 66 -7.72 -7.47 -3.46
CA ASP A 66 -8.35 -6.90 -4.69
C ASP A 66 -9.84 -7.20 -4.70
N GLN A 67 -10.27 -8.13 -3.87
CA GLN A 67 -11.71 -8.49 -3.80
C GLN A 67 -12.15 -8.63 -2.35
N TYR A 68 -11.33 -8.19 -1.42
CA TYR A 68 -11.70 -8.29 0.02
C TYR A 68 -12.15 -9.72 0.34
N GLY A 69 -11.54 -10.70 -0.28
CA GLY A 69 -11.95 -12.10 -0.02
C GLY A 69 -12.95 -12.54 -1.08
N HIS A 70 -13.12 -13.80 -1.29
CA HIS A 70 -14.08 -14.26 -2.33
C HIS A 70 -15.52 -13.92 -1.91
N ALA A 71 -15.69 -13.46 -0.70
CA ALA A 71 -17.06 -13.10 -0.23
C ALA A 71 -17.63 -11.98 -1.11
N ALA A 72 -16.83 -11.02 -1.48
CA ALA A 72 -17.32 -9.91 -2.33
C ALA A 72 -17.85 -10.47 -3.65
N PHE A 73 -17.44 -11.66 -4.00
CA PHE A 73 -17.91 -12.26 -5.28
C PHE A 73 -18.88 -13.42 -4.99
N GLU A 74 -18.99 -13.80 -3.74
CA GLU A 74 -19.91 -14.91 -3.37
C GLU A 74 -20.53 -14.67 -1.99
N GLN A 75 -21.78 -14.28 -1.95
CA GLN A 75 -22.42 -14.03 -0.63
C GLN A 75 -23.90 -13.65 -0.82
N GLY A 76 -24.16 -12.59 -1.54
CA GLY A 76 -25.57 -12.17 -1.76
C GLY A 76 -25.61 -11.03 -2.78
N GLY A 77 -26.47 -10.08 -2.58
CA GLY A 77 -26.56 -8.94 -3.54
C GLY A 77 -27.80 -8.10 -3.22
N ALA A 1 -11.37 6.29 7.13
CA ALA A 1 -9.95 5.81 7.03
C ALA A 1 -9.68 5.26 5.63
N LYS A 2 -8.53 5.55 5.08
CA LYS A 2 -8.21 5.04 3.71
C LYS A 2 -6.72 4.74 3.60
N GLN A 3 -6.19 3.93 4.48
CA GLN A 3 -4.74 3.60 4.42
C GLN A 3 -4.55 2.09 4.22
N ASP A 4 -5.23 1.52 3.27
CA ASP A 4 -5.09 0.06 3.04
C ASP A 4 -4.12 -0.17 1.89
N TYR A 5 -2.87 -0.38 2.22
CA TYR A 5 -1.79 -0.61 1.21
C TYR A 5 -2.20 -0.07 -0.17
N TYR A 6 -3.04 -0.77 -0.89
CA TYR A 6 -3.49 -0.24 -2.20
C TYR A 6 -3.84 1.24 -2.02
N GLU A 7 -4.32 1.60 -0.85
CA GLU A 7 -4.64 3.03 -0.59
C GLU A 7 -3.37 3.68 -0.04
N ILE A 8 -2.60 2.91 0.67
CA ILE A 8 -1.32 3.42 1.25
C ILE A 8 -0.47 4.05 0.15
N LEU A 9 -0.28 3.31 -0.91
CA LEU A 9 0.55 3.80 -2.04
C LEU A 9 -0.27 4.80 -2.88
N GLY A 10 -1.52 4.97 -2.56
CA GLY A 10 -2.36 5.94 -3.33
C GLY A 10 -2.95 5.24 -4.55
N VAL A 11 -2.89 3.94 -4.60
CA VAL A 11 -3.47 3.23 -5.78
C VAL A 11 -4.83 2.64 -5.43
N SER A 12 -5.44 2.00 -6.39
CA SER A 12 -6.76 1.37 -6.12
C SER A 12 -6.55 -0.04 -5.58
N LYS A 13 -7.45 -0.52 -4.77
CA LYS A 13 -7.29 -1.90 -4.26
C LYS A 13 -7.08 -2.83 -5.44
N THR A 14 -7.47 -2.39 -6.60
CA THR A 14 -7.28 -3.22 -7.82
C THR A 14 -6.09 -2.68 -8.63
N ALA A 15 -5.30 -1.82 -8.03
CA ALA A 15 -4.11 -1.25 -8.73
C ALA A 15 -3.23 -2.36 -9.34
N GLU A 16 -1.96 -2.30 -9.10
CA GLU A 16 -1.04 -3.31 -9.66
C GLU A 16 0.36 -3.11 -9.09
N GLU A 17 1.23 -4.04 -9.34
CA GLU A 17 2.62 -3.94 -8.81
C GLU A 17 3.39 -2.74 -9.40
N ARG A 18 3.17 -2.41 -10.64
CA ARG A 18 3.94 -1.27 -11.23
C ARG A 18 3.30 0.08 -10.90
N GLU A 19 2.11 0.08 -10.38
CA GLU A 19 1.47 1.37 -10.00
C GLU A 19 1.60 1.51 -8.49
N ILE A 20 1.81 0.40 -7.83
CA ILE A 20 1.98 0.42 -6.36
C ILE A 20 3.44 0.73 -6.06
N ARG A 21 4.33 -0.08 -6.55
CA ARG A 21 5.78 0.21 -6.33
C ARG A 21 6.05 1.59 -6.87
N LYS A 22 5.26 1.98 -7.84
CA LYS A 22 5.40 3.32 -8.46
C LYS A 22 4.75 4.38 -7.55
N ALA A 23 3.59 4.08 -7.03
CA ALA A 23 2.89 5.04 -6.14
C ALA A 23 3.87 5.57 -5.10
N TYR A 24 4.54 4.69 -4.40
CA TYR A 24 5.53 5.14 -3.41
C TYR A 24 6.61 5.87 -4.18
N LYS A 25 7.14 5.21 -5.16
CA LYS A 25 8.16 5.83 -6.03
C LYS A 25 7.77 7.28 -6.34
N ARG A 26 6.50 7.56 -6.37
CA ARG A 26 6.04 8.94 -6.67
C ARG A 26 6.02 9.78 -5.39
N LEU A 27 5.46 9.26 -4.34
CA LEU A 27 5.41 10.03 -3.06
C LEU A 27 6.75 9.93 -2.35
N ALA A 28 7.39 8.80 -2.46
CA ALA A 28 8.71 8.63 -1.82
C ALA A 28 9.74 9.49 -2.51
N MET A 29 9.75 9.50 -3.81
CA MET A 29 10.72 10.38 -4.51
C MET A 29 10.42 11.82 -4.09
N LYS A 30 9.18 12.07 -3.76
CA LYS A 30 8.79 13.44 -3.31
C LYS A 30 8.97 13.56 -1.80
N TYR A 31 9.10 12.45 -1.11
CA TYR A 31 9.28 12.52 0.37
C TYR A 31 10.62 11.93 0.78
N HIS A 32 11.50 11.81 -0.15
CA HIS A 32 12.85 11.26 0.11
C HIS A 32 13.53 12.02 1.27
N PRO A 33 14.84 12.09 1.32
CA PRO A 33 15.48 12.78 2.46
C PRO A 33 15.18 14.29 2.45
N ASP A 34 13.92 14.63 2.37
CA ASP A 34 13.50 16.05 2.40
C ASP A 34 12.81 16.30 3.73
N ARG A 35 11.99 15.37 4.14
CA ARG A 35 11.27 15.49 5.43
C ARG A 35 11.31 14.14 6.15
N ASN A 36 11.39 13.05 5.42
CA ASN A 36 11.40 11.72 6.06
C ASN A 36 12.37 11.70 7.23
N GLN A 37 13.34 12.59 7.24
CA GLN A 37 14.31 12.63 8.36
C GLN A 37 13.57 12.85 9.68
N GLY A 38 12.32 13.23 9.62
CA GLY A 38 11.54 13.46 10.87
C GLY A 38 11.86 12.36 11.89
N ASP A 39 11.83 11.12 11.47
CA ASP A 39 12.14 10.00 12.41
C ASP A 39 10.98 9.80 13.40
N LYS A 40 10.59 10.85 14.07
CA LYS A 40 9.47 10.74 15.05
C LYS A 40 8.29 10.03 14.41
N GLU A 41 8.26 8.73 14.51
CA GLU A 41 7.16 7.89 13.93
C GLU A 41 6.89 8.15 12.43
N ALA A 42 7.17 9.32 11.91
CA ALA A 42 6.92 9.55 10.47
C ALA A 42 7.78 8.57 9.67
N GLU A 43 8.73 7.97 10.33
CA GLU A 43 9.61 6.99 9.63
C GLU A 43 8.80 5.83 9.10
N ALA A 44 7.97 5.29 9.94
CA ALA A 44 7.18 4.11 9.53
C ALA A 44 6.33 4.40 8.29
N LYS A 45 5.51 5.41 8.33
CA LYS A 45 4.66 5.68 7.14
C LYS A 45 5.51 5.58 5.87
N PHE A 46 6.80 5.79 5.99
CA PHE A 46 7.67 5.70 4.78
C PHE A 46 7.84 4.24 4.36
N LYS A 47 8.19 3.37 5.27
CA LYS A 47 8.32 1.94 4.88
C LYS A 47 6.95 1.28 5.02
N GLU A 48 6.11 1.85 5.83
CA GLU A 48 4.73 1.33 5.98
C GLU A 48 4.17 1.17 4.58
N ILE A 49 4.55 2.09 3.75
CA ILE A 49 4.11 2.08 2.34
C ILE A 49 4.81 0.93 1.63
N LYS A 50 6.09 0.85 1.81
CA LYS A 50 6.86 -0.25 1.16
C LYS A 50 6.32 -1.59 1.63
N GLU A 51 5.77 -1.63 2.81
CA GLU A 51 5.20 -2.89 3.34
C GLU A 51 3.94 -3.26 2.56
N ALA A 52 3.29 -2.28 1.98
CA ALA A 52 2.07 -2.56 1.19
C ALA A 52 2.38 -3.58 0.10
N TYR A 53 3.63 -3.78 -0.19
CA TYR A 53 3.99 -4.78 -1.23
C TYR A 53 3.67 -6.18 -0.72
N GLU A 54 3.92 -6.44 0.52
CA GLU A 54 3.59 -7.79 1.06
C GLU A 54 2.14 -8.07 0.76
N VAL A 55 1.39 -7.03 0.55
CA VAL A 55 -0.04 -7.21 0.24
C VAL A 55 -0.28 -7.16 -1.27
N LEU A 56 0.24 -6.18 -1.94
CA LEU A 56 -0.03 -6.09 -3.40
C LEU A 56 1.02 -6.87 -4.23
N THR A 57 2.22 -7.09 -3.72
CA THR A 57 3.22 -7.86 -4.56
C THR A 57 3.05 -9.37 -4.32
N ASP A 58 1.84 -9.83 -4.20
CA ASP A 58 1.61 -11.28 -3.98
C ASP A 58 0.28 -11.69 -4.56
N SER A 59 0.33 -12.55 -5.53
CA SER A 59 -0.92 -13.00 -6.18
C SER A 59 -2.03 -13.22 -5.16
N GLN A 60 -1.73 -13.90 -4.08
CA GLN A 60 -2.78 -14.16 -3.05
C GLN A 60 -3.15 -12.86 -2.32
N LYS A 61 -2.18 -12.02 -2.07
CA LYS A 61 -2.45 -10.74 -1.36
C LYS A 61 -3.12 -9.73 -2.28
N ARG A 62 -2.56 -9.50 -3.43
CA ARG A 62 -3.18 -8.51 -4.34
C ARG A 62 -4.51 -9.03 -4.85
N ALA A 63 -4.69 -10.32 -4.84
CA ALA A 63 -5.97 -10.91 -5.33
C ALA A 63 -6.97 -10.97 -4.19
N ALA A 64 -6.48 -10.92 -2.98
CA ALA A 64 -7.38 -10.98 -1.80
C ALA A 64 -7.81 -9.56 -1.39
N TYR A 65 -6.91 -8.62 -1.48
CA TYR A 65 -7.24 -7.23 -1.10
C TYR A 65 -8.01 -6.50 -2.21
N ASP A 66 -7.90 -6.95 -3.42
CA ASP A 66 -8.64 -6.26 -4.52
C ASP A 66 -10.15 -6.47 -4.31
N GLN A 67 -10.50 -7.46 -3.54
CA GLN A 67 -11.94 -7.73 -3.28
C GLN A 67 -12.21 -7.78 -1.78
N TYR A 68 -11.26 -7.36 -0.98
CA TYR A 68 -11.46 -7.39 0.49
C TYR A 68 -12.07 -8.73 0.90
N GLY A 69 -11.67 -9.79 0.25
CA GLY A 69 -12.25 -11.12 0.57
C GLY A 69 -13.43 -11.38 -0.35
N HIS A 70 -13.88 -12.60 -0.44
CA HIS A 70 -15.04 -12.88 -1.33
C HIS A 70 -16.34 -12.39 -0.69
N ALA A 71 -16.24 -11.79 0.48
CA ALA A 71 -17.46 -11.29 1.17
C ALA A 71 -17.93 -9.99 0.50
N ALA A 72 -17.01 -9.20 0.02
CA ALA A 72 -17.39 -7.94 -0.66
C ALA A 72 -18.46 -8.22 -1.72
N PHE A 73 -18.54 -9.45 -2.17
CA PHE A 73 -19.56 -9.79 -3.20
C PHE A 73 -20.83 -10.32 -2.53
N GLU A 74 -20.71 -10.77 -1.31
CA GLU A 74 -21.91 -11.30 -0.59
C GLU A 74 -21.78 -11.04 0.91
N GLN A 75 -22.57 -10.15 1.44
CA GLN A 75 -22.48 -9.84 2.90
C GLN A 75 -23.67 -10.45 3.64
N GLY A 76 -23.81 -10.15 4.91
CA GLY A 76 -24.95 -10.71 5.68
C GLY A 76 -25.42 -9.68 6.70
N GLY A 77 -26.43 -10.00 7.47
CA GLY A 77 -26.93 -9.02 8.48
C GLY A 77 -28.37 -9.36 8.85
N ALA A 1 -9.43 2.18 9.44
CA ALA A 1 -10.04 3.53 9.48
C ALA A 1 -9.63 4.35 8.25
N LYS A 2 -10.32 4.17 7.16
CA LYS A 2 -9.96 4.93 5.92
C LYS A 2 -8.46 4.89 5.68
N GLN A 3 -7.90 3.71 5.57
CA GLN A 3 -6.43 3.60 5.34
C GLN A 3 -6.08 2.17 4.92
N ASP A 4 -5.20 2.01 3.97
CA ASP A 4 -4.82 0.63 3.51
C ASP A 4 -3.72 0.71 2.49
N TYR A 5 -2.76 -0.17 2.61
CA TYR A 5 -1.61 -0.18 1.66
C TYR A 5 -2.07 0.18 0.26
N TYR A 6 -2.95 -0.57 -0.33
CA TYR A 6 -3.43 -0.19 -1.69
C TYR A 6 -3.78 1.29 -1.68
N GLU A 7 -4.22 1.78 -0.55
CA GLU A 7 -4.52 3.22 -0.43
C GLU A 7 -3.25 3.95 0.01
N ILE A 8 -2.39 3.26 0.73
CA ILE A 8 -1.13 3.88 1.19
C ILE A 8 -0.40 4.46 -0.02
N LEU A 9 -0.36 3.70 -1.08
CA LEU A 9 0.31 4.18 -2.33
C LEU A 9 -0.68 5.02 -3.12
N GLY A 10 -1.81 5.33 -2.53
CA GLY A 10 -2.82 6.15 -3.24
C GLY A 10 -3.54 5.32 -4.31
N VAL A 11 -3.52 4.02 -4.19
CA VAL A 11 -4.22 3.19 -5.23
C VAL A 11 -5.44 2.51 -4.64
N SER A 12 -6.19 1.84 -5.47
CA SER A 12 -7.39 1.11 -4.98
C SER A 12 -6.99 -0.29 -4.55
N LYS A 13 -7.70 -0.87 -3.62
CA LYS A 13 -7.35 -2.24 -3.20
C LYS A 13 -7.27 -3.13 -4.43
N THR A 14 -7.90 -2.71 -5.49
CA THR A 14 -7.85 -3.48 -6.76
C THR A 14 -6.88 -2.81 -7.73
N ALA A 15 -6.08 -1.89 -7.24
CA ALA A 15 -5.11 -1.17 -8.09
C ALA A 15 -4.20 -2.14 -8.87
N GLU A 16 -2.93 -1.84 -8.90
CA GLU A 16 -1.95 -2.68 -9.63
C GLU A 16 -0.53 -2.23 -9.23
N GLU A 17 0.30 -3.17 -8.89
CA GLU A 17 1.70 -2.83 -8.46
C GLU A 17 2.24 -1.57 -9.16
N ARG A 18 2.38 -1.60 -10.45
CA ARG A 18 2.92 -0.42 -11.20
C ARG A 18 2.47 0.92 -10.60
N GLU A 19 1.19 1.09 -10.42
CA GLU A 19 0.68 2.37 -9.86
C GLU A 19 0.88 2.36 -8.35
N ILE A 20 1.10 1.20 -7.80
CA ILE A 20 1.35 1.09 -6.35
C ILE A 20 2.83 1.34 -6.10
N ARG A 21 3.65 0.66 -6.84
CA ARG A 21 5.11 0.86 -6.70
C ARG A 21 5.42 2.28 -7.14
N LYS A 22 4.65 2.77 -8.07
CA LYS A 22 4.83 4.14 -8.59
C LYS A 22 4.62 5.18 -7.47
N ALA A 23 3.49 5.16 -6.82
CA ALA A 23 3.23 6.15 -5.73
C ALA A 23 4.42 6.18 -4.78
N TYR A 24 4.87 5.03 -4.36
CA TYR A 24 6.05 4.98 -3.46
C TYR A 24 7.25 5.46 -4.24
N LYS A 25 7.14 5.42 -5.53
CA LYS A 25 8.23 5.87 -6.41
C LYS A 25 8.16 7.39 -6.60
N ARG A 26 6.97 7.90 -6.75
CA ARG A 26 6.83 9.37 -6.94
C ARG A 26 6.74 10.08 -5.59
N LEU A 27 6.06 9.49 -4.64
CA LEU A 27 5.92 10.14 -3.31
C LEU A 27 7.17 9.91 -2.46
N ALA A 28 7.82 8.80 -2.62
CA ALA A 28 9.02 8.54 -1.78
C ALA A 28 10.25 9.16 -2.43
N MET A 29 10.32 9.19 -3.73
CA MET A 29 11.49 9.83 -4.36
C MET A 29 11.59 11.24 -3.80
N LYS A 30 10.47 11.80 -3.40
CA LYS A 30 10.48 13.16 -2.81
C LYS A 30 10.67 13.04 -1.29
N TYR A 31 10.37 11.88 -0.77
CA TYR A 31 10.50 11.66 0.70
C TYR A 31 11.67 10.72 0.99
N HIS A 32 12.53 10.58 0.04
CA HIS A 32 13.72 9.71 0.19
C HIS A 32 14.54 10.13 1.41
N PRO A 33 15.83 9.89 1.44
CA PRO A 33 16.61 10.27 2.63
C PRO A 33 16.67 11.80 2.77
N ASP A 34 15.53 12.42 2.75
CA ASP A 34 15.45 13.90 2.92
C ASP A 34 14.88 14.16 4.31
N ARG A 35 13.91 13.38 4.67
CA ARG A 35 13.28 13.52 6.00
C ARG A 35 12.95 12.12 6.56
N ASN A 36 12.71 11.16 5.69
CA ASN A 36 12.38 9.80 6.20
C ASN A 36 13.34 9.41 7.33
N GLN A 37 14.50 9.99 7.33
CA GLN A 37 15.49 9.66 8.40
C GLN A 37 15.29 10.57 9.63
N GLY A 38 14.20 11.29 9.67
CA GLY A 38 13.97 12.19 10.84
C GLY A 38 12.49 12.16 11.24
N ASP A 39 11.86 11.02 11.15
CA ASP A 39 10.42 10.93 11.52
C ASP A 39 10.19 9.76 12.48
N LYS A 40 9.99 10.06 13.74
CA LYS A 40 9.77 8.98 14.74
C LYS A 40 8.29 8.62 14.83
N GLU A 41 7.65 8.47 13.72
CA GLU A 41 6.19 8.14 13.72
C GLU A 41 5.69 8.14 12.28
N ALA A 42 6.22 9.02 11.49
CA ALA A 42 5.82 9.06 10.06
C ALA A 42 6.69 8.05 9.32
N GLU A 43 7.77 7.64 9.92
CA GLU A 43 8.66 6.64 9.25
C GLU A 43 7.84 5.49 8.73
N ALA A 44 6.86 5.08 9.48
CA ALA A 44 6.07 3.92 9.05
C ALA A 44 5.31 4.22 7.76
N LYS A 45 4.41 5.15 7.76
CA LYS A 45 3.67 5.45 6.50
C LYS A 45 4.65 5.48 5.33
N PHE A 46 5.89 5.79 5.59
CA PHE A 46 6.90 5.84 4.48
C PHE A 46 7.24 4.42 4.03
N LYS A 47 7.54 3.53 4.93
CA LYS A 47 7.84 2.15 4.49
C LYS A 47 6.53 1.38 4.42
N GLU A 48 5.55 1.82 5.16
CA GLU A 48 4.22 1.17 5.11
C GLU A 48 3.85 1.06 3.65
N ILE A 49 4.20 2.06 2.91
CA ILE A 49 3.93 2.05 1.46
C ILE A 49 4.67 0.87 0.86
N LYS A 50 5.91 0.72 1.24
CA LYS A 50 6.72 -0.42 0.74
C LYS A 50 6.12 -1.71 1.30
N GLU A 51 5.66 -1.67 2.52
CA GLU A 51 5.03 -2.88 3.12
C GLU A 51 3.84 -3.30 2.28
N ALA A 52 3.07 -2.33 1.83
CA ALA A 52 1.90 -2.65 0.97
C ALA A 52 2.30 -3.72 -0.05
N TYR A 53 3.55 -3.72 -0.43
CA TYR A 53 4.04 -4.73 -1.42
C TYR A 53 3.87 -6.13 -0.85
N GLU A 54 4.23 -6.32 0.39
CA GLU A 54 4.05 -7.68 0.99
C GLU A 54 2.60 -8.08 0.82
N VAL A 55 1.75 -7.11 0.60
CA VAL A 55 0.31 -7.44 0.45
C VAL A 55 -0.06 -7.57 -1.05
N LEU A 56 0.21 -6.55 -1.82
CA LEU A 56 -0.18 -6.61 -3.26
C LEU A 56 0.89 -7.26 -4.15
N THR A 57 2.14 -7.25 -3.76
CA THR A 57 3.17 -7.89 -4.63
C THR A 57 3.29 -9.37 -4.29
N ASP A 58 2.19 -9.99 -3.95
CA ASP A 58 2.18 -11.44 -3.62
C ASP A 58 0.83 -12.01 -3.98
N SER A 59 0.84 -12.98 -4.85
CA SER A 59 -0.43 -13.58 -5.29
C SER A 59 -1.39 -13.80 -4.11
N GLN A 60 -0.87 -13.92 -2.92
CA GLN A 60 -1.75 -14.16 -1.74
C GLN A 60 -2.52 -12.89 -1.34
N LYS A 61 -1.84 -11.92 -0.77
CA LYS A 61 -2.56 -10.67 -0.33
C LYS A 61 -2.87 -9.76 -1.50
N ARG A 62 -2.31 -9.99 -2.64
CA ARG A 62 -2.63 -9.10 -3.79
C ARG A 62 -3.94 -9.57 -4.44
N ALA A 63 -4.19 -10.85 -4.40
CA ALA A 63 -5.43 -11.39 -4.98
C ALA A 63 -6.52 -11.41 -3.91
N ALA A 64 -6.13 -11.36 -2.67
CA ALA A 64 -7.13 -11.39 -1.57
C ALA A 64 -7.58 -9.98 -1.23
N TYR A 65 -6.67 -9.04 -1.24
CA TYR A 65 -7.04 -7.64 -0.91
C TYR A 65 -7.83 -7.01 -2.05
N ASP A 66 -7.64 -7.46 -3.26
CA ASP A 66 -8.40 -6.88 -4.39
C ASP A 66 -9.90 -6.87 -4.03
N GLN A 67 -10.35 -7.89 -3.34
CA GLN A 67 -11.78 -7.96 -2.95
C GLN A 67 -11.90 -7.95 -1.42
N TYR A 68 -10.84 -7.60 -0.75
CA TYR A 68 -10.88 -7.57 0.75
C TYR A 68 -11.47 -8.88 1.29
N GLY A 69 -11.35 -9.94 0.54
CA GLY A 69 -11.92 -11.24 1.01
C GLY A 69 -13.32 -11.42 0.43
N HIS A 70 -13.63 -12.59 -0.04
CA HIS A 70 -14.98 -12.83 -0.62
C HIS A 70 -16.06 -12.19 0.27
N ALA A 71 -15.77 -12.04 1.54
CA ALA A 71 -16.77 -11.43 2.47
C ALA A 71 -17.26 -10.10 1.89
N ALA A 72 -16.42 -9.42 1.17
CA ALA A 72 -16.85 -8.12 0.57
C ALA A 72 -17.92 -8.36 -0.49
N PHE A 73 -18.18 -9.61 -0.81
CA PHE A 73 -19.21 -9.90 -1.84
C PHE A 73 -20.49 -10.41 -1.19
N GLU A 74 -20.45 -10.70 0.09
CA GLU A 74 -21.66 -11.20 0.79
C GLU A 74 -21.68 -10.67 2.22
N GLN A 75 -20.59 -10.76 2.92
CA GLN A 75 -20.54 -10.26 4.32
C GLN A 75 -19.99 -8.84 4.35
N GLY A 76 -19.68 -8.32 5.50
CA GLY A 76 -19.14 -6.94 5.59
C GLY A 76 -19.27 -6.44 7.03
N GLY A 77 -18.79 -7.20 7.97
CA GLY A 77 -18.88 -6.77 9.40
C GLY A 77 -19.93 -7.62 10.12
N ALA A 1 -10.07 7.53 9.28
CA ALA A 1 -9.79 7.91 7.86
C ALA A 1 -9.52 6.65 7.04
N LYS A 2 -9.58 6.76 5.74
CA LYS A 2 -9.33 5.57 4.87
C LYS A 2 -7.84 5.27 4.80
N GLN A 3 -7.43 4.13 5.31
CA GLN A 3 -5.98 3.77 5.27
C GLN A 3 -5.81 2.37 4.70
N ASP A 4 -5.46 2.26 3.44
CA ASP A 4 -5.30 0.91 2.84
C ASP A 4 -4.12 0.91 1.88
N TYR A 5 -3.31 -0.09 2.00
CA TYR A 5 -2.11 -0.21 1.10
C TYR A 5 -2.46 0.16 -0.34
N TYR A 6 -3.39 -0.52 -0.95
CA TYR A 6 -3.75 -0.13 -2.35
C TYR A 6 -3.98 1.38 -2.36
N GLU A 7 -4.36 1.91 -1.23
CA GLU A 7 -4.55 3.38 -1.11
C GLU A 7 -3.21 3.99 -0.71
N ILE A 8 -2.44 3.25 0.08
CA ILE A 8 -1.11 3.76 0.51
C ILE A 8 -0.29 4.17 -0.70
N LEU A 9 -0.28 3.34 -1.70
CA LEU A 9 0.46 3.64 -2.95
C LEU A 9 -0.45 4.44 -3.89
N GLY A 10 -1.52 4.99 -3.36
CA GLY A 10 -2.45 5.78 -4.21
C GLY A 10 -2.86 4.98 -5.44
N VAL A 11 -3.14 3.71 -5.28
CA VAL A 11 -3.55 2.89 -6.47
C VAL A 11 -4.93 2.30 -6.27
N SER A 12 -5.32 1.47 -7.21
CA SER A 12 -6.63 0.79 -7.11
C SER A 12 -6.46 -0.49 -6.31
N LYS A 13 -7.42 -0.84 -5.50
CA LYS A 13 -7.29 -2.09 -4.71
C LYS A 13 -6.81 -3.21 -5.63
N THR A 14 -7.03 -3.05 -6.91
CA THR A 14 -6.59 -4.10 -7.87
C THR A 14 -5.45 -3.56 -8.73
N ALA A 15 -4.76 -2.53 -8.26
CA ALA A 15 -3.63 -1.93 -9.00
C ALA A 15 -2.61 -2.99 -9.47
N GLU A 16 -1.36 -2.62 -9.48
CA GLU A 16 -0.29 -3.56 -9.90
C GLU A 16 1.04 -3.13 -9.28
N GLU A 17 2.13 -3.52 -9.87
CA GLU A 17 3.48 -3.17 -9.30
C GLU A 17 4.02 -1.83 -9.83
N ARG A 18 3.97 -1.61 -11.13
CA ARG A 18 4.55 -0.34 -11.69
C ARG A 18 3.88 0.91 -11.12
N GLU A 19 2.74 0.76 -10.52
CA GLU A 19 2.06 1.94 -9.90
C GLU A 19 2.38 1.90 -8.41
N ILE A 20 2.78 0.74 -7.96
CA ILE A 20 3.15 0.56 -6.53
C ILE A 20 4.57 1.06 -6.36
N ARG A 21 5.50 0.45 -7.04
CA ARG A 21 6.89 0.92 -6.95
C ARG A 21 6.89 2.40 -7.27
N LYS A 22 5.98 2.79 -8.13
CA LYS A 22 5.85 4.22 -8.53
C LYS A 22 5.18 5.03 -7.42
N ALA A 23 4.05 4.57 -6.95
CA ALA A 23 3.33 5.31 -5.89
C ALA A 23 4.28 5.75 -4.78
N TYR A 24 5.12 4.86 -4.34
CA TYR A 24 6.09 5.21 -3.29
C TYR A 24 7.16 6.09 -3.90
N LYS A 25 7.64 5.70 -5.04
CA LYS A 25 8.67 6.49 -5.74
C LYS A 25 8.25 7.96 -5.80
N ARG A 26 6.98 8.20 -5.99
CA ARG A 26 6.49 9.61 -6.09
C ARG A 26 6.48 10.29 -4.73
N LEU A 27 5.90 9.67 -3.74
CA LEU A 27 5.84 10.29 -2.39
C LEU A 27 7.17 10.10 -1.68
N ALA A 28 7.81 8.99 -1.92
CA ALA A 28 9.10 8.71 -1.27
C ALA A 28 10.15 9.68 -1.79
N MET A 29 10.16 9.94 -3.07
CA MET A 29 11.15 10.92 -3.59
C MET A 29 10.73 12.30 -3.13
N LYS A 30 9.46 12.45 -2.81
CA LYS A 30 8.96 13.76 -2.33
C LYS A 30 9.10 13.83 -0.81
N TYR A 31 9.23 12.70 -0.15
CA TYR A 31 9.39 12.71 1.33
C TYR A 31 10.77 12.24 1.73
N HIS A 32 11.61 12.05 0.77
CA HIS A 32 13.00 11.60 1.01
C HIS A 32 13.71 12.59 1.97
N PRO A 33 14.99 12.81 1.85
CA PRO A 33 15.66 13.74 2.79
C PRO A 33 15.18 15.17 2.58
N ASP A 34 13.89 15.36 2.60
CA ASP A 34 13.31 16.73 2.45
C ASP A 34 12.72 17.12 3.81
N ARG A 35 12.12 16.18 4.47
CA ARG A 35 11.51 16.44 5.81
C ARG A 35 11.80 15.26 6.75
N ASN A 36 11.95 14.06 6.21
CA ASN A 36 12.22 12.89 7.08
C ASN A 36 13.37 13.20 8.02
N GLN A 37 14.25 14.07 7.62
CA GLN A 37 15.39 14.41 8.50
C GLN A 37 14.90 15.28 9.66
N GLY A 38 13.64 15.61 9.68
CA GLY A 38 13.11 16.45 10.79
C GLY A 38 12.01 15.69 11.52
N ASP A 39 11.74 14.47 11.13
CA ASP A 39 10.68 13.68 11.81
C ASP A 39 10.78 12.20 11.42
N LYS A 40 10.93 11.34 12.39
CA LYS A 40 11.03 9.89 12.07
C LYS A 40 9.63 9.30 12.04
N GLU A 41 8.72 9.96 12.66
CA GLU A 41 7.30 9.49 12.66
C GLU A 41 6.92 9.08 11.25
N ALA A 42 7.55 9.66 10.26
CA ALA A 42 7.21 9.33 8.85
C ALA A 42 7.85 7.98 8.48
N GLU A 43 8.74 7.51 9.30
CA GLU A 43 9.40 6.20 9.02
C GLU A 43 8.37 5.14 8.72
N ALA A 44 7.42 5.00 9.60
CA ALA A 44 6.42 3.95 9.38
C ALA A 44 5.72 4.15 8.04
N LYS A 45 5.03 5.24 7.87
CA LYS A 45 4.36 5.48 6.56
C LYS A 45 5.36 5.16 5.45
N PHE A 46 6.63 5.33 5.74
CA PHE A 46 7.67 5.04 4.72
C PHE A 46 7.72 3.54 4.42
N LYS A 47 7.84 2.72 5.44
CA LYS A 47 7.89 1.25 5.18
C LYS A 47 6.46 0.71 5.14
N GLU A 48 5.53 1.47 5.62
CA GLU A 48 4.11 1.03 5.59
C GLU A 48 3.73 0.94 4.13
N ILE A 49 4.29 1.82 3.37
CA ILE A 49 4.04 1.85 1.91
C ILE A 49 4.81 0.70 1.28
N LYS A 50 6.09 0.71 1.49
CA LYS A 50 6.94 -0.37 0.93
C LYS A 50 6.39 -1.73 1.38
N GLU A 51 5.72 -1.74 2.51
CA GLU A 51 5.14 -3.00 3.02
C GLU A 51 3.86 -3.33 2.25
N ALA A 52 3.16 -2.33 1.80
CA ALA A 52 1.92 -2.58 1.01
C ALA A 52 2.25 -3.48 -0.18
N TYR A 53 3.52 -3.64 -0.47
CA TYR A 53 3.93 -4.49 -1.60
C TYR A 53 3.70 -5.96 -1.22
N GLU A 54 4.00 -6.30 -0.01
CA GLU A 54 3.80 -7.71 0.44
C GLU A 54 2.34 -8.06 0.22
N VAL A 55 1.51 -7.07 0.09
CA VAL A 55 0.08 -7.34 -0.11
C VAL A 55 -0.30 -7.13 -1.58
N LEU A 56 0.11 -6.04 -2.16
CA LEU A 56 -0.31 -5.77 -3.55
C LEU A 56 0.66 -6.33 -4.62
N THR A 57 1.89 -6.62 -4.30
CA THR A 57 2.80 -7.18 -5.36
C THR A 57 2.69 -8.71 -5.39
N ASP A 58 1.53 -9.24 -5.11
CA ASP A 58 1.35 -10.72 -5.13
C ASP A 58 -0.08 -11.06 -5.49
N SER A 59 -0.24 -11.83 -6.51
CA SER A 59 -1.61 -12.19 -6.95
C SER A 59 -2.43 -12.72 -5.77
N GLN A 60 -1.84 -13.56 -4.97
CA GLN A 60 -2.58 -14.11 -3.80
C GLN A 60 -2.95 -12.98 -2.83
N LYS A 61 -2.02 -12.10 -2.56
CA LYS A 61 -2.29 -10.97 -1.64
C LYS A 61 -3.33 -10.03 -2.25
N ARG A 62 -3.14 -9.59 -3.45
CA ARG A 62 -4.14 -8.69 -4.07
C ARG A 62 -5.45 -9.46 -4.28
N ALA A 63 -5.35 -10.76 -4.35
CA ALA A 63 -6.58 -11.58 -4.53
C ALA A 63 -7.33 -11.57 -3.22
N ALA A 64 -6.60 -11.44 -2.15
CA ALA A 64 -7.22 -11.37 -0.82
C ALA A 64 -7.99 -10.05 -0.72
N TYR A 65 -7.37 -8.99 -1.14
CA TYR A 65 -8.03 -7.66 -1.09
C TYR A 65 -9.28 -7.63 -1.99
N ASP A 66 -9.17 -8.13 -3.19
CA ASP A 66 -10.34 -8.12 -4.11
C ASP A 66 -11.60 -8.59 -3.37
N GLN A 67 -11.43 -9.36 -2.33
CA GLN A 67 -12.61 -9.86 -1.56
C GLN A 67 -12.77 -9.07 -0.27
N TYR A 68 -11.92 -8.10 -0.04
CA TYR A 68 -12.02 -7.29 1.20
C TYR A 68 -12.01 -8.21 2.43
N GLY A 69 -11.54 -9.42 2.26
CA GLY A 69 -11.50 -10.37 3.42
C GLY A 69 -12.64 -11.37 3.29
N HIS A 70 -12.47 -12.56 3.79
CA HIS A 70 -13.56 -13.57 3.69
C HIS A 70 -14.86 -13.00 4.27
N ALA A 71 -14.76 -11.97 5.06
CA ALA A 71 -15.99 -11.36 5.64
C ALA A 71 -17.05 -11.18 4.55
N ALA A 72 -16.64 -10.71 3.41
CA ALA A 72 -17.62 -10.52 2.29
C ALA A 72 -18.37 -11.82 2.04
N PHE A 73 -17.83 -12.92 2.50
CA PHE A 73 -18.51 -14.23 2.28
C PHE A 73 -18.25 -15.15 3.47
N GLU A 74 -18.73 -14.78 4.63
CA GLU A 74 -18.51 -15.62 5.84
C GLU A 74 -18.86 -17.08 5.54
N GLN A 75 -17.98 -17.98 5.85
CA GLN A 75 -18.27 -19.43 5.59
C GLN A 75 -18.65 -19.64 4.13
N GLY A 76 -17.74 -20.14 3.33
CA GLY A 76 -18.06 -20.38 1.89
C GLY A 76 -18.82 -21.69 1.75
N GLY A 77 -19.88 -21.86 2.50
CA GLY A 77 -20.67 -23.12 2.40
C GLY A 77 -22.09 -22.81 1.96
N ALA A 1 -8.59 8.44 6.23
CA ALA A 1 -7.24 8.80 5.72
C ALA A 1 -6.91 7.96 4.49
N LYS A 2 -7.78 7.06 4.11
CA LYS A 2 -7.51 6.22 2.92
C LYS A 2 -6.07 5.71 2.95
N GLN A 3 -5.71 4.97 3.96
CA GLN A 3 -4.32 4.45 4.06
C GLN A 3 -4.31 2.93 4.05
N ASP A 4 -4.80 2.33 3.00
CA ASP A 4 -4.80 0.84 2.92
C ASP A 4 -3.85 0.39 1.82
N TYR A 5 -2.63 0.07 2.20
CA TYR A 5 -1.58 -0.36 1.21
C TYR A 5 -1.93 0.11 -0.21
N TYR A 6 -2.81 -0.56 -0.88
CA TYR A 6 -3.19 -0.09 -2.24
C TYR A 6 -3.40 1.43 -2.18
N GLU A 7 -3.86 1.93 -1.06
CA GLU A 7 -4.01 3.40 -0.91
C GLU A 7 -2.70 3.95 -0.36
N ILE A 8 -2.02 3.15 0.43
CA ILE A 8 -0.71 3.59 1.00
C ILE A 8 0.14 4.17 -0.13
N LEU A 9 0.19 3.45 -1.22
CA LEU A 9 0.97 3.90 -2.40
C LEU A 9 0.13 4.93 -3.17
N GLY A 10 -1.16 4.89 -2.97
CA GLY A 10 -2.05 5.84 -3.68
C GLY A 10 -2.67 5.11 -4.88
N VAL A 11 -2.59 3.81 -4.88
CA VAL A 11 -3.17 3.04 -6.04
C VAL A 11 -4.54 2.46 -5.67
N SER A 12 -5.11 1.69 -6.56
CA SER A 12 -6.43 1.08 -6.29
C SER A 12 -6.25 -0.25 -5.56
N LYS A 13 -7.19 -0.62 -4.73
CA LYS A 13 -7.06 -1.91 -4.01
C LYS A 13 -6.78 -3.02 -5.01
N THR A 14 -7.07 -2.79 -6.26
CA THR A 14 -6.81 -3.81 -7.30
C THR A 14 -5.65 -3.34 -8.18
N ALA A 15 -4.94 -2.32 -7.74
CA ALA A 15 -3.79 -1.78 -8.52
C ALA A 15 -2.79 -2.87 -8.91
N GLU A 16 -1.53 -2.56 -8.79
CA GLU A 16 -0.48 -3.53 -9.15
C GLU A 16 0.86 -3.03 -8.61
N GLU A 17 1.93 -3.66 -8.97
CA GLU A 17 3.27 -3.23 -8.48
C GLU A 17 3.88 -2.17 -9.40
N ARG A 18 3.25 -1.88 -10.51
CA ARG A 18 3.82 -0.85 -11.44
C ARG A 18 3.46 0.56 -10.96
N GLU A 19 2.36 0.70 -10.30
CA GLU A 19 1.98 2.04 -9.78
C GLU A 19 2.33 2.07 -8.29
N ILE A 20 2.58 0.91 -7.71
CA ILE A 20 3.00 0.87 -6.29
C ILE A 20 4.47 1.22 -6.27
N ARG A 21 5.26 0.49 -7.02
CA ARG A 21 6.69 0.81 -7.08
C ARG A 21 6.79 2.29 -7.42
N LYS A 22 5.83 2.76 -8.17
CA LYS A 22 5.77 4.17 -8.57
C LYS A 22 5.37 5.04 -7.38
N ALA A 23 4.26 4.76 -6.78
CA ALA A 23 3.81 5.58 -5.61
C ALA A 23 4.98 5.77 -4.65
N TYR A 24 5.60 4.70 -4.24
CA TYR A 24 6.75 4.81 -3.32
C TYR A 24 7.92 5.44 -4.05
N LYS A 25 7.86 5.47 -5.35
CA LYS A 25 8.95 6.09 -6.12
C LYS A 25 8.64 7.56 -6.35
N ARG A 26 7.41 7.88 -6.60
CA ARG A 26 7.02 9.30 -6.82
C ARG A 26 6.69 9.99 -5.49
N LEU A 27 6.05 9.29 -4.58
CA LEU A 27 5.70 9.91 -3.27
C LEU A 27 6.91 9.93 -2.35
N ALA A 28 7.75 8.94 -2.43
CA ALA A 28 8.92 8.91 -1.54
C ALA A 28 9.98 9.88 -2.05
N MET A 29 10.16 9.95 -3.34
CA MET A 29 11.15 10.92 -3.86
C MET A 29 10.72 12.31 -3.38
N LYS A 30 9.45 12.47 -3.14
CA LYS A 30 8.93 13.76 -2.63
C LYS A 30 8.97 13.75 -1.11
N TYR A 31 9.04 12.57 -0.53
CA TYR A 31 9.08 12.47 0.97
C TYR A 31 10.45 11.98 1.42
N HIS A 32 11.39 12.01 0.53
CA HIS A 32 12.77 11.58 0.86
C HIS A 32 13.31 12.40 2.04
N PRO A 33 14.60 12.64 2.12
CA PRO A 33 15.12 13.40 3.28
C PRO A 33 14.64 14.85 3.26
N ASP A 34 13.36 15.04 3.10
CA ASP A 34 12.78 16.41 3.11
C ASP A 34 12.07 16.59 4.45
N ARG A 35 11.37 15.56 4.86
CA ARG A 35 10.65 15.60 6.15
C ARG A 35 10.71 14.20 6.81
N ASN A 36 10.78 13.15 6.01
CA ASN A 36 10.83 11.79 6.61
C ASN A 36 11.82 11.75 7.76
N GLN A 37 12.79 12.63 7.75
CA GLN A 37 13.78 12.64 8.86
C GLN A 37 13.12 13.17 10.14
N GLY A 38 11.87 13.55 10.07
CA GLY A 38 11.18 14.07 11.29
C GLY A 38 9.83 13.37 11.45
N ASP A 39 9.72 12.15 11.01
CA ASP A 39 8.42 11.43 11.14
C ASP A 39 8.58 10.20 12.05
N LYS A 40 8.41 10.39 13.34
CA LYS A 40 8.54 9.25 14.30
C LYS A 40 7.19 8.55 14.47
N GLU A 41 6.40 8.57 13.44
CA GLU A 41 5.06 7.92 13.52
C GLU A 41 4.54 7.74 12.10
N ALA A 42 4.67 8.76 11.30
CA ALA A 42 4.23 8.65 9.89
C ALA A 42 5.24 7.76 9.16
N GLU A 43 6.39 7.56 9.74
CA GLU A 43 7.41 6.69 9.09
C GLU A 43 6.75 5.45 8.54
N ALA A 44 6.04 4.77 9.37
CA ALA A 44 5.42 3.52 8.93
C ALA A 44 4.70 3.73 7.60
N LYS A 45 3.83 4.69 7.51
CA LYS A 45 3.15 4.89 6.21
C LYS A 45 4.18 5.03 5.09
N PHE A 46 5.37 5.46 5.43
CA PHE A 46 6.43 5.60 4.39
C PHE A 46 6.99 4.23 4.02
N LYS A 47 7.24 3.38 4.99
CA LYS A 47 7.74 2.03 4.62
C LYS A 47 6.54 1.12 4.40
N GLU A 48 5.44 1.44 5.04
CA GLU A 48 4.20 0.66 4.85
C GLU A 48 3.99 0.50 3.35
N ILE A 49 4.32 1.53 2.64
CA ILE A 49 4.19 1.48 1.16
C ILE A 49 5.06 0.35 0.66
N LYS A 50 6.23 0.24 1.24
CA LYS A 50 7.16 -0.86 0.85
C LYS A 50 6.59 -2.20 1.32
N GLU A 51 5.55 -2.15 2.10
CA GLU A 51 4.91 -3.41 2.59
C GLU A 51 3.79 -3.80 1.61
N ALA A 52 3.04 -2.83 1.17
CA ALA A 52 1.94 -3.10 0.19
C ALA A 52 2.41 -4.18 -0.80
N TYR A 53 3.68 -4.20 -1.09
CA TYR A 53 4.22 -5.22 -2.02
C TYR A 53 3.87 -6.60 -1.50
N GLU A 54 4.01 -6.81 -0.22
CA GLU A 54 3.65 -8.14 0.35
C GLU A 54 2.33 -8.57 -0.25
N VAL A 55 1.52 -7.63 -0.69
CA VAL A 55 0.23 -8.05 -1.26
C VAL A 55 0.16 -7.77 -2.77
N LEU A 56 0.08 -6.52 -3.16
CA LEU A 56 -0.05 -6.21 -4.62
C LEU A 56 0.97 -6.96 -5.48
N THR A 57 2.07 -7.39 -4.93
CA THR A 57 3.06 -8.11 -5.78
C THR A 57 2.74 -9.61 -5.76
N ASP A 58 1.53 -9.96 -5.37
CA ASP A 58 1.11 -11.39 -5.35
C ASP A 58 -0.38 -11.48 -5.57
N SER A 59 -0.76 -12.24 -6.54
CA SER A 59 -2.20 -12.36 -6.86
C SER A 59 -3.03 -12.76 -5.63
N GLN A 60 -2.52 -13.64 -4.81
CA GLN A 60 -3.29 -14.07 -3.61
C GLN A 60 -3.67 -12.85 -2.74
N LYS A 61 -2.77 -11.93 -2.60
CA LYS A 61 -3.04 -10.72 -1.76
C LYS A 61 -3.92 -9.72 -2.49
N ARG A 62 -3.49 -9.25 -3.64
CA ARG A 62 -4.33 -8.26 -4.38
C ARG A 62 -5.75 -8.78 -4.48
N ALA A 63 -5.93 -10.06 -4.43
CA ALA A 63 -7.30 -10.61 -4.49
C ALA A 63 -7.85 -10.69 -3.08
N ALA A 64 -6.97 -10.75 -2.12
CA ALA A 64 -7.39 -10.80 -0.69
C ALA A 64 -7.50 -9.39 -0.13
N TYR A 65 -6.45 -8.61 -0.21
CA TYR A 65 -6.52 -7.23 0.34
C TYR A 65 -7.55 -6.40 -0.42
N ASP A 66 -7.80 -6.71 -1.68
CA ASP A 66 -8.81 -5.92 -2.43
C ASP A 66 -10.07 -5.74 -1.57
N GLN A 67 -10.42 -6.75 -0.82
CA GLN A 67 -11.63 -6.64 0.05
C GLN A 67 -11.35 -7.28 1.40
N TYR A 68 -10.11 -7.31 1.80
CA TYR A 68 -9.78 -7.93 3.11
C TYR A 68 -10.35 -9.35 3.16
N GLY A 69 -10.37 -10.02 2.05
CA GLY A 69 -10.94 -11.40 2.02
C GLY A 69 -12.41 -11.32 1.63
N HIS A 70 -12.98 -12.39 1.19
CA HIS A 70 -14.42 -12.36 0.79
C HIS A 70 -15.31 -12.22 2.03
N ALA A 71 -14.72 -12.20 3.19
CA ALA A 71 -15.53 -12.07 4.43
C ALA A 71 -16.27 -10.72 4.43
N ALA A 72 -15.62 -9.68 4.02
CA ALA A 72 -16.27 -8.35 3.99
C ALA A 72 -17.57 -8.42 3.18
N PHE A 73 -17.72 -9.44 2.38
CA PHE A 73 -18.97 -9.57 1.56
C PHE A 73 -19.82 -10.72 2.09
N GLU A 74 -19.32 -11.44 3.07
CA GLU A 74 -20.11 -12.57 3.63
C GLU A 74 -20.71 -13.41 2.49
N GLN A 75 -19.99 -13.59 1.43
CA GLN A 75 -20.51 -14.40 0.29
C GLN A 75 -20.57 -15.88 0.68
N GLY A 76 -21.76 -16.41 0.84
CA GLY A 76 -21.88 -17.85 1.21
C GLY A 76 -23.08 -18.47 0.49
N GLY A 77 -24.18 -17.76 0.41
CA GLY A 77 -25.37 -18.31 -0.27
C GLY A 77 -25.29 -18.02 -1.78
N ALA A 1 -9.79 5.59 10.78
CA ALA A 1 -10.28 4.19 10.62
C ALA A 1 -9.18 3.32 10.00
N LYS A 2 -8.16 3.01 10.76
CA LYS A 2 -7.06 2.16 10.21
C LYS A 2 -6.60 2.71 8.86
N GLN A 3 -5.79 1.97 8.16
CA GLN A 3 -5.30 2.43 6.83
C GLN A 3 -5.55 1.37 5.76
N ASP A 4 -4.99 1.55 4.59
CA ASP A 4 -5.20 0.54 3.50
C ASP A 4 -4.07 0.61 2.51
N TYR A 5 -3.15 -0.30 2.62
CA TYR A 5 -1.99 -0.36 1.69
C TYR A 5 -2.37 0.14 0.29
N TYR A 6 -3.23 -0.54 -0.40
CA TYR A 6 -3.63 -0.06 -1.74
C TYR A 6 -3.91 1.43 -1.67
N GLU A 7 -4.37 1.88 -0.53
CA GLU A 7 -4.61 3.33 -0.34
C GLU A 7 -3.32 3.96 0.20
N ILE A 8 -2.56 3.20 0.95
CA ILE A 8 -1.28 3.70 1.52
C ILE A 8 -0.44 4.31 0.40
N LEU A 9 -0.31 3.59 -0.67
CA LEU A 9 0.47 4.09 -1.84
C LEU A 9 -0.41 5.07 -2.63
N GLY A 10 -1.70 4.99 -2.41
CA GLY A 10 -2.62 5.90 -3.12
C GLY A 10 -3.19 5.17 -4.33
N VAL A 11 -3.12 3.87 -4.33
CA VAL A 11 -3.66 3.10 -5.50
C VAL A 11 -5.00 2.46 -5.16
N SER A 12 -5.57 1.76 -6.11
CA SER A 12 -6.86 1.08 -5.86
C SER A 12 -6.61 -0.27 -5.19
N LYS A 13 -7.55 -0.75 -4.42
CA LYS A 13 -7.33 -2.06 -3.76
C LYS A 13 -6.89 -3.10 -4.78
N THR A 14 -7.15 -2.84 -6.03
CA THR A 14 -6.74 -3.80 -7.09
C THR A 14 -5.68 -3.16 -7.99
N ALA A 15 -5.14 -2.05 -7.56
CA ALA A 15 -4.08 -1.32 -8.35
C ALA A 15 -3.16 -2.27 -9.14
N GLU A 16 -1.92 -2.35 -8.76
CA GLU A 16 -0.94 -3.21 -9.48
C GLU A 16 0.47 -2.87 -9.03
N GLU A 17 1.33 -3.85 -8.95
CA GLU A 17 2.74 -3.61 -8.50
C GLU A 17 3.38 -2.42 -9.24
N ARG A 18 2.90 -2.07 -10.40
CA ARG A 18 3.53 -0.94 -11.15
C ARG A 18 2.91 0.40 -10.75
N GLU A 19 1.72 0.39 -10.23
CA GLU A 19 1.07 1.66 -9.80
C GLU A 19 1.29 1.80 -8.30
N ILE A 20 1.59 0.71 -7.65
CA ILE A 20 1.84 0.74 -6.19
C ILE A 20 3.33 1.06 -5.97
N ARG A 21 4.20 0.27 -6.53
CA ARG A 21 5.64 0.57 -6.40
C ARG A 21 5.83 2.01 -6.85
N LYS A 22 4.95 2.43 -7.73
CA LYS A 22 5.01 3.80 -8.28
C LYS A 22 4.45 4.82 -7.28
N ALA A 23 3.31 4.54 -6.71
CA ALA A 23 2.70 5.49 -5.74
C ALA A 23 3.70 5.84 -4.65
N TYR A 24 4.41 4.87 -4.17
CA TYR A 24 5.43 5.13 -3.12
C TYR A 24 6.57 5.87 -3.79
N LYS A 25 7.01 5.35 -4.90
CA LYS A 25 8.10 6.01 -5.66
C LYS A 25 7.83 7.51 -5.80
N ARG A 26 6.64 7.85 -6.20
CA ARG A 26 6.30 9.29 -6.40
C ARG A 26 6.49 10.09 -5.10
N LEU A 27 5.91 9.65 -4.03
CA LEU A 27 6.05 10.38 -2.74
C LEU A 27 7.41 10.06 -2.12
N ALA A 28 7.87 8.87 -2.33
CA ALA A 28 9.18 8.44 -1.77
C ALA A 28 10.30 9.10 -2.55
N MET A 29 10.23 9.09 -3.85
CA MET A 29 11.31 9.76 -4.62
C MET A 29 11.32 11.23 -4.20
N LYS A 30 10.19 11.70 -3.76
CA LYS A 30 10.10 13.11 -3.28
C LYS A 30 10.46 13.15 -1.79
N TYR A 31 10.35 12.03 -1.13
CA TYR A 31 10.69 11.98 0.33
C TYR A 31 12.06 11.34 0.53
N HIS A 32 12.74 11.11 -0.53
CA HIS A 32 14.11 10.52 -0.49
C HIS A 32 15.02 11.36 0.41
N PRO A 33 16.31 11.41 0.16
CA PRO A 33 17.18 12.21 1.05
C PRO A 33 16.89 13.70 0.93
N ASP A 34 15.64 14.06 1.08
CA ASP A 34 15.25 15.49 1.04
C ASP A 34 14.90 15.90 2.47
N ARG A 35 14.19 15.05 3.15
CA ARG A 35 13.80 15.32 4.56
C ARG A 35 13.95 14.03 5.38
N ASN A 36 13.81 12.89 4.75
CA ASN A 36 13.92 11.60 5.50
C ASN A 36 15.14 11.63 6.42
N GLN A 37 16.11 12.44 6.13
CA GLN A 37 17.30 12.50 7.02
C GLN A 37 16.88 12.99 8.41
N GLY A 38 15.70 13.52 8.51
CA GLY A 38 15.20 14.01 9.82
C GLY A 38 13.76 13.55 10.00
N ASP A 39 13.40 12.48 9.32
CA ASP A 39 12.01 11.96 9.41
C ASP A 39 11.47 12.06 10.84
N LYS A 40 10.48 12.88 11.05
CA LYS A 40 9.89 13.03 12.41
C LYS A 40 8.79 12.00 12.60
N GLU A 41 9.12 10.89 13.21
CA GLU A 41 8.14 9.77 13.48
C GLU A 41 7.35 9.33 12.23
N ALA A 42 6.85 10.23 11.41
CA ALA A 42 6.11 9.80 10.20
C ALA A 42 6.98 8.83 9.39
N GLU A 43 8.26 8.82 9.67
CA GLU A 43 9.20 7.91 8.94
C GLU A 43 8.51 6.60 8.60
N ALA A 44 8.09 5.90 9.60
CA ALA A 44 7.47 4.59 9.35
C ALA A 44 6.43 4.70 8.25
N LYS A 45 5.64 5.72 8.23
CA LYS A 45 4.65 5.81 7.13
C LYS A 45 5.38 5.77 5.80
N PHE A 46 6.67 6.06 5.80
CA PHE A 46 7.43 6.03 4.52
C PHE A 46 7.68 4.59 4.08
N LYS A 47 8.22 3.74 4.94
CA LYS A 47 8.41 2.34 4.48
C LYS A 47 7.13 1.56 4.78
N GLU A 48 6.30 2.09 5.64
CA GLU A 48 5.02 1.40 5.93
C GLU A 48 4.37 1.16 4.59
N ILE A 49 4.58 2.08 3.69
CA ILE A 49 4.03 1.95 2.32
C ILE A 49 4.69 0.77 1.64
N LYS A 50 5.99 0.68 1.80
CA LYS A 50 6.73 -0.45 1.16
C LYS A 50 6.13 -1.78 1.62
N GLU A 51 5.51 -1.79 2.76
CA GLU A 51 4.88 -3.04 3.27
C GLU A 51 3.71 -3.43 2.37
N ALA A 52 2.97 -2.46 1.91
CA ALA A 52 1.81 -2.75 1.02
C ALA A 52 2.19 -3.82 0.00
N TYR A 53 3.45 -3.90 -0.33
CA TYR A 53 3.89 -4.93 -1.30
C TYR A 53 3.58 -6.32 -0.75
N GLU A 54 3.58 -6.47 0.55
CA GLU A 54 3.23 -7.79 1.11
C GLU A 54 1.78 -8.07 0.75
N VAL A 55 1.08 -7.06 0.31
CA VAL A 55 -0.33 -7.26 -0.04
C VAL A 55 -0.52 -7.23 -1.58
N LEU A 56 -0.11 -6.19 -2.23
CA LEU A 56 -0.35 -6.14 -3.71
C LEU A 56 0.77 -6.79 -4.54
N THR A 57 1.92 -7.08 -3.99
CA THR A 57 2.97 -7.75 -4.82
C THR A 57 2.94 -9.26 -4.54
N ASP A 58 1.77 -9.80 -4.31
CA ASP A 58 1.66 -11.27 -4.03
C ASP A 58 0.36 -11.78 -4.61
N SER A 59 0.47 -12.68 -5.54
CA SER A 59 -0.74 -13.23 -6.19
C SER A 59 -1.84 -13.53 -5.18
N GLN A 60 -1.51 -14.15 -4.08
CA GLN A 60 -2.55 -14.48 -3.06
C GLN A 60 -3.02 -13.20 -2.35
N LYS A 61 -2.14 -12.26 -2.19
CA LYS A 61 -2.52 -10.99 -1.49
C LYS A 61 -3.32 -10.06 -2.42
N ARG A 62 -2.78 -9.73 -3.56
CA ARG A 62 -3.52 -8.83 -4.47
C ARG A 62 -4.77 -9.52 -5.01
N ALA A 63 -4.81 -10.81 -4.94
CA ALA A 63 -6.01 -11.55 -5.44
C ALA A 63 -7.02 -11.63 -4.30
N ALA A 64 -6.56 -11.46 -3.09
CA ALA A 64 -7.46 -11.52 -1.92
C ALA A 64 -8.03 -10.14 -1.64
N TYR A 65 -7.20 -9.13 -1.67
CA TYR A 65 -7.69 -7.75 -1.39
C TYR A 65 -8.52 -7.24 -2.57
N ASP A 66 -8.14 -7.56 -3.77
CA ASP A 66 -8.93 -7.08 -4.95
C ASP A 66 -10.42 -7.28 -4.68
N GLN A 67 -10.77 -8.28 -3.91
CA GLN A 67 -12.20 -8.52 -3.60
C GLN A 67 -12.36 -8.89 -2.13
N TYR A 68 -11.36 -8.61 -1.33
CA TYR A 68 -11.44 -8.93 0.12
C TYR A 68 -11.69 -10.43 0.30
N GLY A 69 -11.18 -11.24 -0.57
CA GLY A 69 -11.39 -12.71 -0.45
C GLY A 69 -12.66 -13.08 -1.22
N HIS A 70 -12.65 -14.18 -1.91
CA HIS A 70 -13.87 -14.58 -2.67
C HIS A 70 -15.10 -14.45 -1.79
N ALA A 71 -14.93 -14.49 -0.49
CA ALA A 71 -16.10 -14.36 0.42
C ALA A 71 -16.98 -13.19 -0.02
N ALA A 72 -16.38 -12.08 -0.37
CA ALA A 72 -17.18 -10.91 -0.82
C ALA A 72 -18.01 -11.30 -2.04
N PHE A 73 -17.63 -12.35 -2.71
CA PHE A 73 -18.40 -12.80 -3.91
C PHE A 73 -18.61 -14.31 -3.85
N GLU A 74 -18.65 -14.86 -2.67
CA GLU A 74 -18.86 -16.33 -2.53
C GLU A 74 -17.76 -17.09 -3.27
N GLN A 75 -18.00 -18.32 -3.61
CA GLN A 75 -16.97 -19.11 -4.34
C GLN A 75 -16.59 -18.43 -5.65
N GLY A 76 -17.34 -18.68 -6.69
CA GLY A 76 -17.02 -18.04 -8.00
C GLY A 76 -16.11 -18.96 -8.81
N GLY A 77 -15.18 -18.41 -9.53
CA GLY A 77 -14.26 -19.25 -10.34
C GLY A 77 -13.10 -18.40 -10.87
N ALA A 1 -9.63 4.28 10.57
CA ALA A 1 -9.47 5.43 9.65
C ALA A 1 -9.28 4.96 8.21
N LYS A 2 -8.83 5.82 7.34
CA LYS A 2 -8.63 5.41 5.92
C LYS A 2 -7.21 4.85 5.72
N GLN A 3 -7.06 3.56 5.70
CA GLN A 3 -5.70 2.97 5.51
C GLN A 3 -5.80 1.69 4.68
N ASP A 4 -5.23 1.71 3.50
CA ASP A 4 -5.28 0.49 2.62
C ASP A 4 -4.05 0.42 1.75
N TYR A 5 -3.24 -0.56 2.00
CA TYR A 5 -1.98 -0.74 1.20
C TYR A 5 -2.17 -0.28 -0.25
N TYR A 6 -3.03 -0.92 -1.00
CA TYR A 6 -3.24 -0.46 -2.39
C TYR A 6 -3.43 1.05 -2.38
N GLU A 7 -3.98 1.55 -1.32
CA GLU A 7 -4.13 3.03 -1.19
C GLU A 7 -2.84 3.58 -0.57
N ILE A 8 -2.20 2.80 0.27
CA ILE A 8 -0.93 3.24 0.90
C ILE A 8 0.00 3.75 -0.20
N LEU A 9 0.07 3.01 -1.28
CA LEU A 9 0.91 3.44 -2.43
C LEU A 9 0.08 4.34 -3.35
N GLY A 10 -0.97 4.91 -2.82
CA GLY A 10 -1.84 5.80 -3.63
C GLY A 10 -2.43 5.05 -4.83
N VAL A 11 -2.50 3.74 -4.80
CA VAL A 11 -3.09 3.04 -5.97
C VAL A 11 -4.46 2.47 -5.65
N SER A 12 -5.09 1.86 -6.62
CA SER A 12 -6.42 1.26 -6.39
C SER A 12 -6.26 -0.17 -5.87
N LYS A 13 -7.17 -0.63 -5.06
CA LYS A 13 -7.05 -2.02 -4.56
C LYS A 13 -6.82 -2.95 -5.75
N THR A 14 -7.17 -2.50 -6.92
CA THR A 14 -6.96 -3.33 -8.13
C THR A 14 -5.67 -2.92 -8.85
N ALA A 15 -4.89 -2.03 -8.26
CA ALA A 15 -3.62 -1.60 -8.91
C ALA A 15 -2.75 -2.81 -9.22
N GLU A 16 -1.47 -2.61 -9.24
CA GLU A 16 -0.50 -3.72 -9.51
C GLU A 16 0.84 -3.41 -8.83
N GLU A 17 1.93 -3.63 -9.51
CA GLU A 17 3.27 -3.34 -8.89
C GLU A 17 3.70 -1.89 -9.17
N ARG A 18 4.04 -1.61 -10.40
CA ARG A 18 4.48 -0.23 -10.79
C ARG A 18 3.73 0.86 -10.01
N GLU A 19 2.51 1.13 -10.38
CA GLU A 19 1.73 2.18 -9.68
C GLU A 19 1.87 2.01 -8.17
N ILE A 20 2.16 0.82 -7.74
CA ILE A 20 2.34 0.56 -6.29
C ILE A 20 3.77 0.95 -5.89
N ARG A 21 4.72 0.68 -6.74
CA ARG A 21 6.12 1.05 -6.41
C ARG A 21 6.39 2.48 -6.86
N LYS A 22 5.86 2.86 -7.98
CA LYS A 22 6.05 4.24 -8.46
C LYS A 22 5.59 5.23 -7.38
N ALA A 23 4.46 4.97 -6.77
CA ALA A 23 3.95 5.88 -5.71
C ALA A 23 4.99 6.05 -4.60
N TYR A 24 5.49 4.97 -4.09
CA TYR A 24 6.53 5.06 -3.03
C TYR A 24 7.78 5.64 -3.68
N LYS A 25 7.79 5.66 -4.97
CA LYS A 25 8.93 6.20 -5.72
C LYS A 25 8.75 7.71 -5.93
N ARG A 26 7.59 8.11 -6.40
CA ARG A 26 7.34 9.55 -6.65
C ARG A 26 6.81 10.22 -5.39
N LEU A 27 6.10 9.49 -4.56
CA LEU A 27 5.57 10.10 -3.31
C LEU A 27 6.68 10.19 -2.27
N ALA A 28 7.54 9.21 -2.25
CA ALA A 28 8.64 9.22 -1.26
C ALA A 28 9.70 10.21 -1.69
N MET A 29 10.06 10.22 -2.95
CA MET A 29 11.06 11.21 -3.40
C MET A 29 10.50 12.60 -3.08
N LYS A 30 9.20 12.70 -3.04
CA LYS A 30 8.56 14.00 -2.70
C LYS A 30 8.40 14.09 -1.18
N TYR A 31 8.42 12.96 -0.51
CA TYR A 31 8.28 12.98 0.98
C TYR A 31 9.65 12.83 1.63
N HIS A 32 10.68 12.87 0.82
CA HIS A 32 12.08 12.77 1.32
C HIS A 32 12.33 13.87 2.35
N PRO A 33 13.53 14.40 2.46
CA PRO A 33 13.76 15.44 3.50
C PRO A 33 13.01 16.73 3.16
N ASP A 34 11.74 16.62 2.86
CA ASP A 34 10.92 17.82 2.58
C ASP A 34 10.03 18.06 3.78
N ARG A 35 9.51 16.99 4.34
CA ARG A 35 8.64 17.08 5.54
C ARG A 35 9.02 15.97 6.52
N ASN A 36 9.53 14.86 6.02
CA ASN A 36 9.91 13.75 6.93
C ASN A 36 10.75 14.29 8.08
N GLN A 37 11.38 15.41 7.88
CA GLN A 37 12.19 16.01 8.97
C GLN A 37 11.32 16.16 10.22
N GLY A 38 10.02 16.15 10.06
CA GLY A 38 9.13 16.28 11.24
C GLY A 38 9.23 15.02 12.09
N ASP A 39 9.71 13.95 11.52
CA ASP A 39 9.84 12.69 12.30
C ASP A 39 8.46 12.23 12.78
N LYS A 40 7.42 12.80 12.25
CA LYS A 40 6.04 12.40 12.66
C LYS A 40 5.78 10.96 12.23
N GLU A 41 6.55 10.02 12.72
CA GLU A 41 6.35 8.61 12.31
C GLU A 41 6.11 8.57 10.81
N ALA A 42 6.58 9.56 10.12
CA ALA A 42 6.43 9.58 8.65
C ALA A 42 7.19 8.38 8.09
N GLU A 43 7.90 7.71 8.95
CA GLU A 43 8.67 6.50 8.51
C GLU A 43 7.74 5.33 8.28
N ALA A 44 6.80 5.16 9.17
CA ALA A 44 5.89 4.01 9.02
C ALA A 44 5.13 4.10 7.70
N LYS A 45 4.34 5.12 7.52
CA LYS A 45 3.61 5.21 6.23
C LYS A 45 4.62 4.99 5.11
N PHE A 46 5.86 5.31 5.37
CA PHE A 46 6.91 5.12 4.34
C PHE A 46 7.09 3.65 4.02
N LYS A 47 7.29 2.83 5.02
CA LYS A 47 7.46 1.38 4.72
C LYS A 47 6.07 0.75 4.62
N GLU A 48 5.09 1.35 5.24
CA GLU A 48 3.71 0.81 5.13
C GLU A 48 3.46 0.59 3.66
N ILE A 49 4.06 1.43 2.88
CA ILE A 49 3.93 1.34 1.40
C ILE A 49 4.84 0.21 0.92
N LYS A 50 6.06 0.20 1.39
CA LYS A 50 7.00 -0.88 1.00
C LYS A 50 6.52 -2.21 1.55
N GLU A 51 5.49 -2.19 2.35
CA GLU A 51 4.94 -3.44 2.91
C GLU A 51 3.86 -3.96 1.96
N ALA A 52 3.08 -3.07 1.41
CA ALA A 52 1.99 -3.47 0.46
C ALA A 52 2.46 -4.65 -0.41
N TYR A 53 3.74 -4.75 -0.66
CA TYR A 53 4.26 -5.88 -1.48
C TYR A 53 3.90 -7.20 -0.82
N GLU A 54 3.71 -7.19 0.46
CA GLU A 54 3.31 -8.43 1.15
C GLU A 54 2.02 -8.93 0.50
N VAL A 55 1.35 -8.07 -0.23
CA VAL A 55 0.09 -8.47 -0.88
C VAL A 55 0.09 -8.16 -2.38
N LEU A 56 0.05 -6.89 -2.73
CA LEU A 56 -0.01 -6.51 -4.17
C LEU A 56 0.88 -7.41 -5.05
N THR A 57 1.95 -7.93 -4.54
CA THR A 57 2.82 -8.79 -5.39
C THR A 57 2.36 -10.25 -5.31
N ASP A 58 1.08 -10.48 -5.18
CA ASP A 58 0.56 -11.87 -5.10
C ASP A 58 -0.85 -11.93 -5.64
N SER A 59 -1.06 -12.77 -6.61
CA SER A 59 -2.41 -12.88 -7.20
C SER A 59 -3.44 -13.10 -6.09
N GLN A 60 -3.18 -14.00 -5.19
CA GLN A 60 -4.16 -14.24 -4.08
C GLN A 60 -4.25 -12.99 -3.22
N LYS A 61 -3.16 -12.27 -3.12
CA LYS A 61 -3.14 -11.02 -2.31
C LYS A 61 -3.92 -9.92 -3.02
N ARG A 62 -3.46 -9.46 -4.14
CA ARG A 62 -4.21 -8.40 -4.86
C ARG A 62 -5.66 -8.81 -4.98
N ALA A 63 -5.91 -10.09 -4.95
CA ALA A 63 -7.31 -10.58 -5.04
C ALA A 63 -7.88 -10.69 -3.62
N ALA A 64 -7.00 -10.81 -2.66
CA ALA A 64 -7.45 -10.93 -1.25
C ALA A 64 -7.59 -9.53 -0.64
N TYR A 65 -6.55 -8.74 -0.71
CA TYR A 65 -6.64 -7.37 -0.14
C TYR A 65 -7.61 -6.52 -0.94
N ASP A 66 -7.89 -6.92 -2.16
CA ASP A 66 -8.85 -6.13 -2.99
C ASP A 66 -10.17 -5.99 -2.23
N GLN A 67 -10.59 -7.04 -1.58
CA GLN A 67 -11.87 -6.99 -0.81
C GLN A 67 -11.57 -6.93 0.69
N TYR A 68 -10.31 -6.93 1.05
CA TYR A 68 -9.95 -6.88 2.50
C TYR A 68 -10.47 -8.13 3.20
N GLY A 69 -10.62 -9.21 2.49
CA GLY A 69 -11.12 -10.48 3.11
C GLY A 69 -12.58 -10.70 2.69
N HIS A 70 -13.06 -11.89 2.85
CA HIS A 70 -14.48 -12.18 2.46
C HIS A 70 -15.44 -11.45 3.41
N ALA A 71 -14.92 -10.84 4.43
CA ALA A 71 -15.81 -10.11 5.38
C ALA A 71 -16.51 -8.95 4.68
N ALA A 72 -15.82 -8.28 3.80
CA ALA A 72 -16.45 -7.14 3.07
C ALA A 72 -17.72 -7.63 2.38
N PHE A 73 -17.86 -8.91 2.21
CA PHE A 73 -19.09 -9.44 1.53
C PHE A 73 -20.06 -10.00 2.58
N GLU A 74 -19.56 -10.77 3.51
CA GLU A 74 -20.45 -11.35 4.55
C GLU A 74 -19.79 -11.25 5.93
N GLN A 75 -20.56 -11.27 6.98
CA GLN A 75 -19.96 -11.19 8.34
C GLN A 75 -20.91 -11.80 9.38
N GLY A 76 -20.71 -13.05 9.72
CA GLY A 76 -21.59 -13.71 10.72
C GLY A 76 -20.79 -13.98 12.00
N GLY A 77 -19.54 -14.29 11.87
CA GLY A 77 -18.71 -14.57 13.08
C GLY A 77 -18.26 -16.03 13.08
N ALA A 1 -13.83 1.59 6.22
CA ALA A 1 -12.92 2.77 6.26
C ALA A 1 -11.71 2.48 7.14
N LYS A 2 -10.84 1.61 6.69
CA LYS A 2 -9.63 1.29 7.50
C LYS A 2 -8.36 1.66 6.72
N GLN A 3 -7.21 1.35 7.24
CA GLN A 3 -5.95 1.68 6.52
C GLN A 3 -5.64 0.63 5.47
N ASP A 4 -5.76 0.97 4.22
CA ASP A 4 -5.47 -0.02 3.14
C ASP A 4 -4.17 0.34 2.45
N TYR A 5 -3.21 -0.53 2.53
CA TYR A 5 -1.90 -0.25 1.87
C TYR A 5 -2.15 0.14 0.41
N TYR A 6 -3.05 -0.53 -0.27
CA TYR A 6 -3.33 -0.09 -1.67
C TYR A 6 -3.61 1.40 -1.60
N GLU A 7 -4.06 1.85 -0.45
CA GLU A 7 -4.30 3.30 -0.26
C GLU A 7 -3.00 3.93 0.23
N ILE A 8 -2.21 3.19 0.99
CA ILE A 8 -0.91 3.75 1.47
C ILE A 8 -0.18 4.38 0.28
N LEU A 9 -0.09 3.63 -0.78
CA LEU A 9 0.60 4.12 -2.01
C LEU A 9 -0.32 5.09 -2.75
N GLY A 10 -1.56 5.15 -2.36
CA GLY A 10 -2.51 6.05 -3.05
C GLY A 10 -3.06 5.30 -4.27
N VAL A 11 -2.90 4.01 -4.29
CA VAL A 11 -3.40 3.23 -5.47
C VAL A 11 -4.74 2.57 -5.16
N SER A 12 -5.32 1.93 -6.13
CA SER A 12 -6.61 1.24 -5.90
C SER A 12 -6.33 -0.15 -5.31
N LYS A 13 -7.22 -0.65 -4.50
CA LYS A 13 -6.98 -2.00 -3.92
C LYS A 13 -6.58 -2.97 -5.03
N THR A 14 -6.90 -2.65 -6.25
CA THR A 14 -6.53 -3.55 -7.38
C THR A 14 -5.46 -2.88 -8.24
N ALA A 15 -4.89 -1.79 -7.76
CA ALA A 15 -3.83 -1.05 -8.51
C ALA A 15 -2.92 -1.98 -9.35
N GLU A 16 -1.67 -2.07 -8.98
CA GLU A 16 -0.70 -2.93 -9.73
C GLU A 16 0.73 -2.57 -9.30
N GLU A 17 1.52 -3.56 -8.97
CA GLU A 17 2.93 -3.29 -8.53
C GLU A 17 3.55 -2.12 -9.31
N ARG A 18 3.48 -2.15 -10.60
CA ARG A 18 4.08 -1.05 -11.41
C ARG A 18 3.58 0.34 -10.99
N GLU A 19 2.32 0.44 -10.68
CA GLU A 19 1.74 1.74 -10.25
C GLU A 19 1.83 1.80 -8.73
N ILE A 20 2.06 0.67 -8.11
CA ILE A 20 2.21 0.66 -6.65
C ILE A 20 3.65 1.01 -6.35
N ARG A 21 4.57 0.26 -6.91
CA ARG A 21 6.00 0.59 -6.72
C ARG A 21 6.18 2.05 -7.12
N LYS A 22 5.29 2.53 -7.94
CA LYS A 22 5.35 3.93 -8.41
C LYS A 22 4.87 4.89 -7.31
N ALA A 23 3.72 4.66 -6.77
CA ALA A 23 3.19 5.58 -5.70
C ALA A 23 4.26 5.83 -4.66
N TYR A 24 4.91 4.80 -4.20
CA TYR A 24 6.00 5.01 -3.22
C TYR A 24 7.08 5.78 -3.94
N LYS A 25 7.36 5.36 -5.13
CA LYS A 25 8.37 6.04 -5.97
C LYS A 25 8.10 7.56 -6.03
N ARG A 26 6.92 7.94 -6.44
CA ARG A 26 6.62 9.40 -6.55
C ARG A 26 6.48 10.05 -5.17
N LEU A 27 5.88 9.38 -4.22
CA LEU A 27 5.71 10.00 -2.87
C LEU A 27 7.00 9.88 -2.07
N ALA A 28 7.73 8.82 -2.28
CA ALA A 28 8.98 8.63 -1.52
C ALA A 28 10.08 9.49 -2.12
N MET A 29 10.16 9.55 -3.41
CA MET A 29 11.20 10.41 -4.03
C MET A 29 10.93 11.84 -3.56
N LYS A 30 9.70 12.13 -3.25
CA LYS A 30 9.34 13.49 -2.76
C LYS A 30 9.45 13.55 -1.24
N TYR A 31 9.53 12.42 -0.58
CA TYR A 31 9.63 12.44 0.91
C TYR A 31 11.00 11.96 1.38
N HIS A 32 11.89 11.80 0.47
CA HIS A 32 13.27 11.36 0.79
C HIS A 32 13.88 12.26 1.87
N PRO A 33 15.19 12.37 1.94
CA PRO A 33 15.79 13.21 3.01
C PRO A 33 15.45 14.69 2.80
N ASP A 34 14.18 14.96 2.72
CA ASP A 34 13.70 16.36 2.56
C ASP A 34 13.05 16.74 3.88
N ARG A 35 12.31 15.82 4.44
CA ARG A 35 11.64 16.05 5.75
C ARG A 35 11.83 14.83 6.63
N ASN A 36 11.99 13.66 6.04
CA ASN A 36 12.18 12.43 6.87
C ASN A 36 13.18 12.69 7.99
N GLN A 37 14.05 13.65 7.80
CA GLN A 37 15.06 13.95 8.84
C GLN A 37 14.46 14.80 9.96
N GLY A 38 13.22 15.22 9.81
CA GLY A 38 12.59 16.06 10.87
C GLY A 38 11.25 15.44 11.29
N ASP A 39 11.11 14.16 11.14
CA ASP A 39 9.83 13.50 11.54
C ASP A 39 9.92 11.99 11.33
N LYS A 40 10.19 11.24 12.36
CA LYS A 40 10.29 9.76 12.21
C LYS A 40 8.90 9.15 12.36
N GLU A 41 8.10 9.76 13.18
CA GLU A 41 6.71 9.29 13.37
C GLU A 41 6.11 8.90 12.02
N ALA A 42 6.50 9.59 10.98
CA ALA A 42 5.95 9.27 9.63
C ALA A 42 6.81 8.21 8.95
N GLU A 43 8.03 8.06 9.37
CA GLU A 43 8.92 7.03 8.77
C GLU A 43 8.15 5.76 8.51
N ALA A 44 7.25 5.43 9.39
CA ALA A 44 6.50 4.19 9.22
C ALA A 44 5.66 4.27 7.95
N LYS A 45 4.72 5.17 7.90
CA LYS A 45 3.89 5.28 6.68
C LYS A 45 4.82 5.28 5.47
N PHE A 46 6.02 5.80 5.63
CA PHE A 46 6.98 5.84 4.49
C PHE A 46 7.40 4.42 4.10
N LYS A 47 7.76 3.61 5.06
CA LYS A 47 8.17 2.23 4.69
C LYS A 47 6.91 1.35 4.65
N GLU A 48 5.90 1.76 5.36
CA GLU A 48 4.63 0.98 5.33
C GLU A 48 4.26 0.80 3.88
N ILE A 49 4.58 1.79 3.12
CA ILE A 49 4.31 1.75 1.66
C ILE A 49 5.13 0.64 1.04
N LYS A 50 6.38 0.55 1.41
CA LYS A 50 7.25 -0.51 0.86
C LYS A 50 6.65 -1.88 1.21
N GLU A 51 5.94 -1.95 2.31
CA GLU A 51 5.32 -3.24 2.73
C GLU A 51 4.16 -3.56 1.79
N ALA A 52 3.46 -2.56 1.32
CA ALA A 52 2.32 -2.80 0.38
C ALA A 52 2.69 -3.92 -0.59
N TYR A 53 3.91 -3.93 -1.04
CA TYR A 53 4.34 -4.98 -1.99
C TYR A 53 4.06 -6.36 -1.41
N GLU A 54 4.21 -6.51 -0.12
CA GLU A 54 3.90 -7.84 0.48
C GLU A 54 2.44 -8.14 0.23
N VAL A 55 1.69 -7.13 -0.14
CA VAL A 55 0.27 -7.35 -0.38
C VAL A 55 -0.01 -7.44 -1.90
N LEU A 56 0.35 -6.41 -2.62
CA LEU A 56 0.07 -6.41 -4.09
C LEU A 56 1.11 -7.21 -4.87
N THR A 57 2.35 -7.27 -4.44
CA THR A 57 3.35 -8.06 -5.21
C THR A 57 3.32 -9.51 -4.72
N ASP A 58 2.26 -9.88 -4.05
CA ASP A 58 2.11 -11.27 -3.54
C ASP A 58 0.70 -11.73 -3.78
N SER A 59 0.54 -12.69 -4.63
CA SER A 59 -0.82 -13.17 -4.95
C SER A 59 -1.64 -13.43 -3.69
N GLN A 60 -1.00 -13.60 -2.57
CA GLN A 60 -1.76 -13.86 -1.31
C GLN A 60 -2.71 -12.70 -1.01
N LYS A 61 -2.17 -11.52 -0.80
CA LYS A 61 -3.03 -10.35 -0.47
C LYS A 61 -3.71 -9.76 -1.71
N ARG A 62 -2.96 -9.46 -2.74
CA ARG A 62 -3.59 -8.85 -3.95
C ARG A 62 -4.83 -9.65 -4.35
N ALA A 63 -4.84 -10.91 -4.05
CA ALA A 63 -6.03 -11.75 -4.40
C ALA A 63 -7.05 -11.64 -3.28
N ALA A 64 -6.61 -11.24 -2.12
CA ALA A 64 -7.52 -11.09 -0.97
C ALA A 64 -8.11 -9.68 -0.95
N TYR A 65 -7.28 -8.69 -1.17
CA TYR A 65 -7.79 -7.29 -1.17
C TYR A 65 -8.74 -7.06 -2.35
N ASP A 66 -8.49 -7.69 -3.47
CA ASP A 66 -9.40 -7.50 -4.64
C ASP A 66 -10.86 -7.65 -4.19
N GLN A 67 -11.08 -8.36 -3.11
CA GLN A 67 -12.47 -8.55 -2.62
C GLN A 67 -12.63 -7.93 -1.23
N TYR A 68 -11.60 -7.28 -0.75
CA TYR A 68 -11.68 -6.65 0.60
C TYR A 68 -12.01 -7.70 1.66
N GLY A 69 -11.66 -8.94 1.40
CA GLY A 69 -11.95 -10.02 2.38
C GLY A 69 -13.18 -10.80 1.92
N HIS A 70 -13.29 -12.03 2.34
CA HIS A 70 -14.46 -12.85 1.93
C HIS A 70 -15.76 -12.22 2.44
N ALA A 71 -15.65 -11.26 3.32
CA ALA A 71 -16.88 -10.60 3.87
C ALA A 71 -17.73 -10.06 2.72
N ALA A 72 -17.11 -9.57 1.68
CA ALA A 72 -17.90 -9.02 0.54
C ALA A 72 -18.65 -10.17 -0.16
N PHE A 73 -18.34 -11.38 0.20
CA PHE A 73 -19.03 -12.55 -0.44
C PHE A 73 -19.50 -13.53 0.63
N GLU A 74 -19.33 -13.19 1.88
CA GLU A 74 -19.78 -14.10 2.98
C GLU A 74 -19.01 -15.43 2.90
N GLN A 75 -18.89 -16.12 4.00
CA GLN A 75 -18.17 -17.42 3.99
C GLN A 75 -19.13 -18.55 3.61
N GLY A 76 -18.61 -19.62 3.07
CA GLY A 76 -19.50 -20.76 2.67
C GLY A 76 -18.76 -22.08 2.84
N GLY A 77 -19.46 -23.17 2.81
CA GLY A 77 -18.79 -24.50 2.97
C GLY A 77 -19.65 -25.59 2.33
#